data_1X3X
# 
_entry.id   1X3X 
# 
_audit_conform.dict_name       mmcif_pdbx.dic 
_audit_conform.dict_version    5.398 
_audit_conform.dict_location   http://mmcif.pdb.org/dictionaries/ascii/mmcif_pdbx.dic 
# 
loop_
_database_2.database_id 
_database_2.database_code 
_database_2.pdbx_database_accession 
_database_2.pdbx_DOI 
PDB   1X3X         pdb_00001x3x 10.2210/pdb1x3x/pdb 
RCSB  RCSB024347   ?            ?                   
WWPDB D_1000024347 ?            ?                   
# 
loop_
_pdbx_audit_revision_history.ordinal 
_pdbx_audit_revision_history.data_content_type 
_pdbx_audit_revision_history.major_revision 
_pdbx_audit_revision_history.minor_revision 
_pdbx_audit_revision_history.revision_date 
1 'Structure model' 1 0 2006-06-06 
2 'Structure model' 1 1 2008-04-30 
3 'Structure model' 1 2 2011-07-13 
4 'Structure model' 1 3 2024-10-30 
# 
_pdbx_audit_revision_details.ordinal             1 
_pdbx_audit_revision_details.revision_ordinal    1 
_pdbx_audit_revision_details.data_content_type   'Structure model' 
_pdbx_audit_revision_details.provider            repository 
_pdbx_audit_revision_details.type                'Initial release' 
_pdbx_audit_revision_details.description         ? 
_pdbx_audit_revision_details.details             ? 
# 
loop_
_pdbx_audit_revision_group.ordinal 
_pdbx_audit_revision_group.revision_ordinal 
_pdbx_audit_revision_group.data_content_type 
_pdbx_audit_revision_group.group 
1 2 'Structure model' 'Version format compliance' 
2 3 'Structure model' 'Version format compliance' 
3 4 'Structure model' 'Data collection'           
4 4 'Structure model' 'Database references'       
5 4 'Structure model' 'Derived calculations'      
6 4 'Structure model' 'Structure summary'         
# 
loop_
_pdbx_audit_revision_category.ordinal 
_pdbx_audit_revision_category.revision_ordinal 
_pdbx_audit_revision_category.data_content_type 
_pdbx_audit_revision_category.category 
1 4 'Structure model' chem_comp_atom            
2 4 'Structure model' chem_comp_bond            
3 4 'Structure model' database_2                
4 4 'Structure model' pdbx_entry_details        
5 4 'Structure model' pdbx_modification_feature 
6 4 'Structure model' struct_conn               
7 4 'Structure model' struct_site               
# 
loop_
_pdbx_audit_revision_item.ordinal 
_pdbx_audit_revision_item.revision_ordinal 
_pdbx_audit_revision_item.data_content_type 
_pdbx_audit_revision_item.item 
1  4 'Structure model' '_database_2.pdbx_DOI'                
2  4 'Structure model' '_database_2.pdbx_database_accession' 
3  4 'Structure model' '_struct_conn.ptnr1_auth_comp_id'     
4  4 'Structure model' '_struct_conn.ptnr1_auth_seq_id'      
5  4 'Structure model' '_struct_conn.ptnr1_label_asym_id'    
6  4 'Structure model' '_struct_conn.ptnr1_label_atom_id'    
7  4 'Structure model' '_struct_conn.ptnr1_label_comp_id'    
8  4 'Structure model' '_struct_conn.ptnr1_label_seq_id'     
9  4 'Structure model' '_struct_conn.ptnr2_auth_comp_id'     
10 4 'Structure model' '_struct_conn.ptnr2_auth_seq_id'      
11 4 'Structure model' '_struct_conn.ptnr2_label_asym_id'    
12 4 'Structure model' '_struct_conn.ptnr2_label_atom_id'    
13 4 'Structure model' '_struct_conn.ptnr2_label_comp_id'    
14 4 'Structure model' '_struct_conn.ptnr2_label_seq_id'     
15 4 'Structure model' '_struct_site.pdbx_auth_asym_id'      
16 4 'Structure model' '_struct_site.pdbx_auth_comp_id'      
17 4 'Structure model' '_struct_site.pdbx_auth_seq_id'       
# 
_pdbx_database_status.status_code                     REL 
_pdbx_database_status.entry_id                        1X3X 
_pdbx_database_status.recvd_initial_deposition_date   2005-05-11 
_pdbx_database_status.deposit_site                    PDBJ 
_pdbx_database_status.process_site                    PDBJ 
_pdbx_database_status.status_code_sf                  REL 
_pdbx_database_status.status_code_mr                  ? 
_pdbx_database_status.SG_entry                        ? 
_pdbx_database_status.pdb_format_compatible           Y 
_pdbx_database_status.status_code_cs                  ? 
_pdbx_database_status.status_code_nmr_data            ? 
_pdbx_database_status.methods_development_category    ? 
# 
loop_
_audit_author.name 
_audit_author.pdbx_ordinal 
'Yokota, T.'    1 
'Nakajima, Y.'  2 
'Yamakura, F.'  3 
'Sugio, S.'     4 
'Hashimoto, M.' 5 
'Takamiya, S.'  6 
'Aoki, T.'      7 
# 
_citation.id                        primary 
_citation.title                     
;Unique structure of Ascaris suum b5-type cytochrome: an additional alpha-helix and positively charged residues on the surface domain interact with redox partners
;
_citation.journal_abbrev            Biochem.J. 
_citation.journal_volume            394 
_citation.page_first                437 
_citation.page_last                 447 
_citation.year                      2006 
_citation.journal_id_ASTM           BIJOAK 
_citation.country                   UK 
_citation.journal_id_ISSN           0264-6021 
_citation.journal_id_CSD            0043 
_citation.book_publisher            ? 
_citation.pdbx_database_id_PubMed   16288599 
_citation.pdbx_database_id_DOI      10.1042/BJ20051308 
# 
loop_
_citation_author.citation_id 
_citation_author.name 
_citation_author.ordinal 
_citation_author.identifier_ORCID 
primary 'Yokota, T.'    1 ? 
primary 'Nakajima, Y.'  2 ? 
primary 'Yamakura, F.'  3 ? 
primary 'Sugio, S.'     4 ? 
primary 'Hashimoto, M.' 5 ? 
primary 'Takamiya, S.'  6 ? 
# 
loop_
_entity.id 
_entity.type 
_entity.src_method 
_entity.pdbx_description 
_entity.formula_weight 
_entity.pdbx_number_of_molecules 
_entity.pdbx_ec 
_entity.pdbx_mutation 
_entity.pdbx_fragment 
_entity.details 
1 polymer     man 'Cytochrome b5'                   9159.631 2   ? ? 'Residues 1-82' ? 
2 non-polymer syn 'PROTOPORPHYRIN IX CONTAINING FE' 616.487  2   ? ? ?               ? 
3 non-polymer syn 'SULFATE ION'                     96.063   1   ? ? ?               ? 
4 water       nat water                             18.015   227 ? ? ?               ? 
# 
_entity_poly.entity_id                      1 
_entity_poly.type                           'polypeptide(L)' 
_entity_poly.nstd_linkage                   no 
_entity_poly.nstd_monomer                   no 
_entity_poly.pdbx_seq_one_letter_code       
;CGDKKYTKEEVAKHNTQNDLWIIYDGEVHDMTSFYKEHPGGKVILNKAGQDATSVLKTLAPHVKAADVVMKKLKQTCIGK
VK
;
_entity_poly.pdbx_seq_one_letter_code_can   
;CGDKKYTKEEVAKHNTQNDLWIIYDGEVHDMTSFYKEHPGGKVILNKAGQDATSVLKTLAPHVKAADVVMKKLKQTCIGK
VK
;
_entity_poly.pdbx_strand_id                 A,B 
_entity_poly.pdbx_target_identifier         ? 
# 
loop_
_pdbx_entity_nonpoly.entity_id 
_pdbx_entity_nonpoly.name 
_pdbx_entity_nonpoly.comp_id 
2 'PROTOPORPHYRIN IX CONTAINING FE' HEM 
3 'SULFATE ION'                     SO4 
4 water                             HOH 
# 
loop_
_entity_poly_seq.entity_id 
_entity_poly_seq.num 
_entity_poly_seq.mon_id 
_entity_poly_seq.hetero 
1 1  CYS n 
1 2  GLY n 
1 3  ASP n 
1 4  LYS n 
1 5  LYS n 
1 6  TYR n 
1 7  THR n 
1 8  LYS n 
1 9  GLU n 
1 10 GLU n 
1 11 VAL n 
1 12 ALA n 
1 13 LYS n 
1 14 HIS n 
1 15 ASN n 
1 16 THR n 
1 17 GLN n 
1 18 ASN n 
1 19 ASP n 
1 20 LEU n 
1 21 TRP n 
1 22 ILE n 
1 23 ILE n 
1 24 TYR n 
1 25 ASP n 
1 26 GLY n 
1 27 GLU n 
1 28 VAL n 
1 29 HIS n 
1 30 ASP n 
1 31 MET n 
1 32 THR n 
1 33 SER n 
1 34 PHE n 
1 35 TYR n 
1 36 LYS n 
1 37 GLU n 
1 38 HIS n 
1 39 PRO n 
1 40 GLY n 
1 41 GLY n 
1 42 LYS n 
1 43 VAL n 
1 44 ILE n 
1 45 LEU n 
1 46 ASN n 
1 47 LYS n 
1 48 ALA n 
1 49 GLY n 
1 50 GLN n 
1 51 ASP n 
1 52 ALA n 
1 53 THR n 
1 54 SER n 
1 55 VAL n 
1 56 LEU n 
1 57 LYS n 
1 58 THR n 
1 59 LEU n 
1 60 ALA n 
1 61 PRO n 
1 62 HIS n 
1 63 VAL n 
1 64 LYS n 
1 65 ALA n 
1 66 ALA n 
1 67 ASP n 
1 68 VAL n 
1 69 VAL n 
1 70 MET n 
1 71 LYS n 
1 72 LYS n 
1 73 LEU n 
1 74 LYS n 
1 75 GLN n 
1 76 THR n 
1 77 CYS n 
1 78 ILE n 
1 79 GLY n 
1 80 LYS n 
1 81 VAL n 
1 82 LYS n 
# 
_entity_src_gen.entity_id                          1 
_entity_src_gen.pdbx_src_id                        1 
_entity_src_gen.pdbx_alt_source_flag               sample 
_entity_src_gen.pdbx_seq_type                      ? 
_entity_src_gen.pdbx_beg_seq_num                   ? 
_entity_src_gen.pdbx_end_seq_num                   ? 
_entity_src_gen.gene_src_common_name               'pig roundworm' 
_entity_src_gen.gene_src_genus                     Ascaris 
_entity_src_gen.pdbx_gene_src_gene                 ? 
_entity_src_gen.gene_src_species                   ? 
_entity_src_gen.gene_src_strain                    ? 
_entity_src_gen.gene_src_tissue                    ? 
_entity_src_gen.gene_src_tissue_fraction           ? 
_entity_src_gen.gene_src_details                   ? 
_entity_src_gen.pdbx_gene_src_fragment             ? 
_entity_src_gen.pdbx_gene_src_scientific_name      'Ascaris suum' 
_entity_src_gen.pdbx_gene_src_ncbi_taxonomy_id     6253 
_entity_src_gen.pdbx_gene_src_variant              ? 
_entity_src_gen.pdbx_gene_src_cell_line            ? 
_entity_src_gen.pdbx_gene_src_atcc                 ? 
_entity_src_gen.pdbx_gene_src_organ                ? 
_entity_src_gen.pdbx_gene_src_organelle            ? 
_entity_src_gen.pdbx_gene_src_cell                 ? 
_entity_src_gen.pdbx_gene_src_cellular_location    ? 
_entity_src_gen.host_org_common_name               ? 
_entity_src_gen.pdbx_host_org_scientific_name      'Escherichia coli BL21(DE3)' 
_entity_src_gen.pdbx_host_org_ncbi_taxonomy_id     469008 
_entity_src_gen.host_org_genus                     Escherichia 
_entity_src_gen.pdbx_host_org_gene                 ? 
_entity_src_gen.pdbx_host_org_organ                ? 
_entity_src_gen.host_org_species                   'Escherichia coli' 
_entity_src_gen.pdbx_host_org_tissue               ? 
_entity_src_gen.pdbx_host_org_tissue_fraction      ? 
_entity_src_gen.pdbx_host_org_strain               'BL21(DE3)' 
_entity_src_gen.pdbx_host_org_variant              ? 
_entity_src_gen.pdbx_host_org_cell_line            ? 
_entity_src_gen.pdbx_host_org_atcc                 ? 
_entity_src_gen.pdbx_host_org_culture_collection   ? 
_entity_src_gen.pdbx_host_org_cell                 ? 
_entity_src_gen.pdbx_host_org_organelle            ? 
_entity_src_gen.pdbx_host_org_cellular_location    ? 
_entity_src_gen.pdbx_host_org_vector_type          PLASMID 
_entity_src_gen.pdbx_host_org_vector               ? 
_entity_src_gen.host_org_details                   ? 
_entity_src_gen.expression_system_id               ? 
_entity_src_gen.plasmid_name                       pET-28a 
_entity_src_gen.plasmid_details                    ? 
_entity_src_gen.pdbx_description                   ? 
# 
loop_
_chem_comp.id 
_chem_comp.type 
_chem_comp.mon_nstd_flag 
_chem_comp.name 
_chem_comp.pdbx_synonyms 
_chem_comp.formula 
_chem_comp.formula_weight 
ALA 'L-peptide linking' y ALANINE                           ?    'C3 H7 N O2'       89.093  
ASN 'L-peptide linking' y ASPARAGINE                        ?    'C4 H8 N2 O3'      132.118 
ASP 'L-peptide linking' y 'ASPARTIC ACID'                   ?    'C4 H7 N O4'       133.103 
CYS 'L-peptide linking' y CYSTEINE                          ?    'C3 H7 N O2 S'     121.158 
GLN 'L-peptide linking' y GLUTAMINE                         ?    'C5 H10 N2 O3'     146.144 
GLU 'L-peptide linking' y 'GLUTAMIC ACID'                   ?    'C5 H9 N O4'       147.129 
GLY 'peptide linking'   y GLYCINE                           ?    'C2 H5 N O2'       75.067  
HEM non-polymer         . 'PROTOPORPHYRIN IX CONTAINING FE' HEME 'C34 H32 Fe N4 O4' 616.487 
HIS 'L-peptide linking' y HISTIDINE                         ?    'C6 H10 N3 O2 1'   156.162 
HOH non-polymer         . WATER                             ?    'H2 O'             18.015  
ILE 'L-peptide linking' y ISOLEUCINE                        ?    'C6 H13 N O2'      131.173 
LEU 'L-peptide linking' y LEUCINE                           ?    'C6 H13 N O2'      131.173 
LYS 'L-peptide linking' y LYSINE                            ?    'C6 H15 N2 O2 1'   147.195 
MET 'L-peptide linking' y METHIONINE                        ?    'C5 H11 N O2 S'    149.211 
PHE 'L-peptide linking' y PHENYLALANINE                     ?    'C9 H11 N O2'      165.189 
PRO 'L-peptide linking' y PROLINE                           ?    'C5 H9 N O2'       115.130 
SER 'L-peptide linking' y SERINE                            ?    'C3 H7 N O3'       105.093 
SO4 non-polymer         . 'SULFATE ION'                     ?    'O4 S -2'          96.063  
THR 'L-peptide linking' y THREONINE                         ?    'C4 H9 N O3'       119.119 
TRP 'L-peptide linking' y TRYPTOPHAN                        ?    'C11 H12 N2 O2'    204.225 
TYR 'L-peptide linking' y TYROSINE                          ?    'C9 H11 N O3'      181.189 
VAL 'L-peptide linking' y VALINE                            ?    'C5 H11 N O2'      117.146 
# 
loop_
_pdbx_poly_seq_scheme.asym_id 
_pdbx_poly_seq_scheme.entity_id 
_pdbx_poly_seq_scheme.seq_id 
_pdbx_poly_seq_scheme.mon_id 
_pdbx_poly_seq_scheme.ndb_seq_num 
_pdbx_poly_seq_scheme.pdb_seq_num 
_pdbx_poly_seq_scheme.auth_seq_num 
_pdbx_poly_seq_scheme.pdb_mon_id 
_pdbx_poly_seq_scheme.auth_mon_id 
_pdbx_poly_seq_scheme.pdb_strand_id 
_pdbx_poly_seq_scheme.pdb_ins_code 
_pdbx_poly_seq_scheme.hetero 
A 1 1  CYS 1  1  1  CYS CYS A . n 
A 1 2  GLY 2  2  2  GLY GLY A . n 
A 1 3  ASP 3  3  3  ASP ASP A . n 
A 1 4  LYS 4  4  4  LYS LYS A . n 
A 1 5  LYS 5  5  5  LYS LYS A . n 
A 1 6  TYR 6  6  6  TYR TYR A . n 
A 1 7  THR 7  7  7  THR THR A . n 
A 1 8  LYS 8  8  8  LYS LYS A . n 
A 1 9  GLU 9  9  9  GLU GLU A . n 
A 1 10 GLU 10 10 10 GLU GLU A . n 
A 1 11 VAL 11 11 11 VAL VAL A . n 
A 1 12 ALA 12 12 12 ALA ALA A . n 
A 1 13 LYS 13 13 13 LYS LYS A . n 
A 1 14 HIS 14 14 14 HIS HIS A . n 
A 1 15 ASN 15 15 15 ASN ASN A . n 
A 1 16 THR 16 16 16 THR THR A . n 
A 1 17 GLN 17 17 17 GLN GLN A . n 
A 1 18 ASN 18 18 18 ASN ASN A . n 
A 1 19 ASP 19 19 19 ASP ASP A . n 
A 1 20 LEU 20 20 20 LEU LEU A . n 
A 1 21 TRP 21 21 21 TRP TRP A . n 
A 1 22 ILE 22 22 22 ILE ILE A . n 
A 1 23 ILE 23 23 23 ILE ILE A . n 
A 1 24 TYR 24 24 24 TYR TYR A . n 
A 1 25 ASP 25 25 25 ASP ASP A . n 
A 1 26 GLY 26 26 26 GLY GLY A . n 
A 1 27 GLU 27 27 27 GLU GLU A . n 
A 1 28 VAL 28 28 28 VAL VAL A . n 
A 1 29 HIS 29 29 29 HIS HIS A . n 
A 1 30 ASP 30 30 30 ASP ASP A . n 
A 1 31 MET 31 31 31 MET MET A . n 
A 1 32 THR 32 32 32 THR THR A . n 
A 1 33 SER 33 33 33 SER SER A . n 
A 1 34 PHE 34 34 34 PHE PHE A . n 
A 1 35 TYR 35 35 35 TYR TYR A . n 
A 1 36 LYS 36 36 36 LYS LYS A . n 
A 1 37 GLU 37 37 37 GLU GLU A . n 
A 1 38 HIS 38 38 38 HIS HIS A . n 
A 1 39 PRO 39 39 39 PRO PRO A . n 
A 1 40 GLY 40 40 40 GLY GLY A . n 
A 1 41 GLY 41 41 41 GLY GLY A . n 
A 1 42 LYS 42 42 42 LYS LYS A . n 
A 1 43 VAL 43 43 43 VAL VAL A . n 
A 1 44 ILE 44 44 44 ILE ILE A . n 
A 1 45 LEU 45 45 45 LEU LEU A . n 
A 1 46 ASN 46 46 46 ASN ASN A . n 
A 1 47 LYS 47 47 47 LYS LYS A . n 
A 1 48 ALA 48 48 48 ALA ALA A . n 
A 1 49 GLY 49 49 49 GLY GLY A . n 
A 1 50 GLN 50 50 50 GLN GLN A . n 
A 1 51 ASP 51 51 51 ASP ASP A . n 
A 1 52 ALA 52 52 52 ALA ALA A . n 
A 1 53 THR 53 53 53 THR THR A . n 
A 1 54 SER 54 54 54 SER SER A . n 
A 1 55 VAL 55 55 55 VAL VAL A . n 
A 1 56 LEU 56 56 56 LEU LEU A . n 
A 1 57 LYS 57 57 57 LYS LYS A . n 
A 1 58 THR 58 58 58 THR THR A . n 
A 1 59 LEU 59 59 59 LEU LEU A . n 
A 1 60 ALA 60 60 60 ALA ALA A . n 
A 1 61 PRO 61 61 61 PRO PRO A . n 
A 1 62 HIS 62 62 62 HIS HIS A . n 
A 1 63 VAL 63 63 63 VAL VAL A . n 
A 1 64 LYS 64 64 64 LYS LYS A . n 
A 1 65 ALA 65 65 65 ALA ALA A . n 
A 1 66 ALA 66 66 66 ALA ALA A . n 
A 1 67 ASP 67 67 67 ASP ASP A . n 
A 1 68 VAL 68 68 68 VAL VAL A . n 
A 1 69 VAL 69 69 69 VAL VAL A . n 
A 1 70 MET 70 70 70 MET MET A . n 
A 1 71 LYS 71 71 71 LYS LYS A . n 
A 1 72 LYS 72 72 72 LYS LYS A . n 
A 1 73 LEU 73 73 73 LEU LEU A . n 
A 1 74 LYS 74 74 74 LYS LYS A . n 
A 1 75 GLN 75 75 75 GLN GLN A . n 
A 1 76 THR 76 76 76 THR THR A . n 
A 1 77 CYS 77 77 77 CYS CYS A . n 
A 1 78 ILE 78 78 78 ILE ILE A . n 
A 1 79 GLY 79 79 79 GLY GLY A . n 
A 1 80 LYS 80 80 80 LYS LYS A . n 
A 1 81 VAL 81 81 81 VAL VAL A . n 
A 1 82 LYS 82 82 82 LYS LYS A . n 
B 1 1  CYS 1  1  1  CYS CYS B . n 
B 1 2  GLY 2  2  2  GLY GLY B . n 
B 1 3  ASP 3  3  3  ASP ASP B . n 
B 1 4  LYS 4  4  4  LYS LYS B . n 
B 1 5  LYS 5  5  5  LYS LYS B . n 
B 1 6  TYR 6  6  6  TYR TYR B . n 
B 1 7  THR 7  7  7  THR THR B . n 
B 1 8  LYS 8  8  8  LYS LYS B . n 
B 1 9  GLU 9  9  9  GLU GLU B . n 
B 1 10 GLU 10 10 10 GLU GLU B . n 
B 1 11 VAL 11 11 11 VAL VAL B . n 
B 1 12 ALA 12 12 12 ALA ALA B . n 
B 1 13 LYS 13 13 13 LYS LYS B . n 
B 1 14 HIS 14 14 14 HIS HIS B . n 
B 1 15 ASN 15 15 15 ASN ASN B . n 
B 1 16 THR 16 16 16 THR THR B . n 
B 1 17 GLN 17 17 17 GLN GLN B . n 
B 1 18 ASN 18 18 18 ASN ASN B . n 
B 1 19 ASP 19 19 19 ASP ASP B . n 
B 1 20 LEU 20 20 20 LEU LEU B . n 
B 1 21 TRP 21 21 21 TRP TRP B . n 
B 1 22 ILE 22 22 22 ILE ILE B . n 
B 1 23 ILE 23 23 23 ILE ILE B . n 
B 1 24 TYR 24 24 24 TYR TYR B . n 
B 1 25 ASP 25 25 25 ASP ASP B . n 
B 1 26 GLY 26 26 26 GLY GLY B . n 
B 1 27 GLU 27 27 27 GLU GLU B . n 
B 1 28 VAL 28 28 28 VAL VAL B . n 
B 1 29 HIS 29 29 29 HIS HIS B . n 
B 1 30 ASP 30 30 30 ASP ASP B . n 
B 1 31 MET 31 31 31 MET MET B . n 
B 1 32 THR 32 32 32 THR THR B . n 
B 1 33 SER 33 33 33 SER SER B . n 
B 1 34 PHE 34 34 34 PHE PHE B . n 
B 1 35 TYR 35 35 35 TYR TYR B . n 
B 1 36 LYS 36 36 36 LYS LYS B . n 
B 1 37 GLU 37 37 37 GLU GLU B . n 
B 1 38 HIS 38 38 38 HIS HIS B . n 
B 1 39 PRO 39 39 39 PRO PRO B . n 
B 1 40 GLY 40 40 40 GLY GLY B . n 
B 1 41 GLY 41 41 41 GLY GLY B . n 
B 1 42 LYS 42 42 42 LYS LYS B . n 
B 1 43 VAL 43 43 43 VAL VAL B . n 
B 1 44 ILE 44 44 44 ILE ILE B . n 
B 1 45 LEU 45 45 45 LEU LEU B . n 
B 1 46 ASN 46 46 46 ASN ASN B . n 
B 1 47 LYS 47 47 47 LYS LYS B . n 
B 1 48 ALA 48 48 48 ALA ALA B . n 
B 1 49 GLY 49 49 49 GLY GLY B . n 
B 1 50 GLN 50 50 50 GLN GLN B . n 
B 1 51 ASP 51 51 51 ASP ASP B . n 
B 1 52 ALA 52 52 52 ALA ALA B . n 
B 1 53 THR 53 53 53 THR THR B . n 
B 1 54 SER 54 54 54 SER SER B . n 
B 1 55 VAL 55 55 55 VAL VAL B . n 
B 1 56 LEU 56 56 56 LEU LEU B . n 
B 1 57 LYS 57 57 57 LYS LYS B . n 
B 1 58 THR 58 58 58 THR THR B . n 
B 1 59 LEU 59 59 59 LEU LEU B . n 
B 1 60 ALA 60 60 60 ALA ALA B . n 
B 1 61 PRO 61 61 61 PRO PRO B . n 
B 1 62 HIS 62 62 62 HIS HIS B . n 
B 1 63 VAL 63 63 63 VAL VAL B . n 
B 1 64 LYS 64 64 64 LYS LYS B . n 
B 1 65 ALA 65 65 65 ALA ALA B . n 
B 1 66 ALA 66 66 66 ALA ALA B . n 
B 1 67 ASP 67 67 67 ASP ASP B . n 
B 1 68 VAL 68 68 68 VAL VAL B . n 
B 1 69 VAL 69 69 69 VAL VAL B . n 
B 1 70 MET 70 70 70 MET MET B . n 
B 1 71 LYS 71 71 71 LYS LYS B . n 
B 1 72 LYS 72 72 72 LYS LYS B . n 
B 1 73 LEU 73 73 73 LEU LEU B . n 
B 1 74 LYS 74 74 74 LYS LYS B . n 
B 1 75 GLN 75 75 75 GLN GLN B . n 
B 1 76 THR 76 76 76 THR THR B . n 
B 1 77 CYS 77 77 77 CYS CYS B . n 
B 1 78 ILE 78 78 78 ILE ILE B . n 
B 1 79 GLY 79 79 79 GLY GLY B . n 
B 1 80 LYS 80 80 80 LYS LYS B . n 
B 1 81 VAL 81 81 81 VAL VAL B . n 
B 1 82 LYS 82 82 82 LYS LYS B . n 
# 
loop_
_pdbx_nonpoly_scheme.asym_id 
_pdbx_nonpoly_scheme.entity_id 
_pdbx_nonpoly_scheme.mon_id 
_pdbx_nonpoly_scheme.ndb_seq_num 
_pdbx_nonpoly_scheme.pdb_seq_num 
_pdbx_nonpoly_scheme.auth_seq_num 
_pdbx_nonpoly_scheme.pdb_mon_id 
_pdbx_nonpoly_scheme.auth_mon_id 
_pdbx_nonpoly_scheme.pdb_strand_id 
_pdbx_nonpoly_scheme.pdb_ins_code 
C 2 HEM 1   201  201  HEM HEM A . 
D 3 SO4 1   203  203  SO4 SO4 B . 
E 2 HEM 1   202  202  HEM HEM B . 
F 4 HOH 1   1002 1002 HOH HOH A . 
F 4 HOH 2   1003 1003 HOH HOH A . 
F 4 HOH 3   1008 1008 HOH HOH A . 
F 4 HOH 4   1011 1011 HOH HOH A . 
F 4 HOH 5   1012 1012 HOH HOH A . 
F 4 HOH 6   1014 1014 HOH HOH A . 
F 4 HOH 7   1015 1015 HOH HOH A . 
F 4 HOH 8   1016 1016 HOH HOH A . 
F 4 HOH 9   1017 1017 HOH HOH A . 
F 4 HOH 10  1019 1019 HOH HOH A . 
F 4 HOH 11  1022 1022 HOH HOH A . 
F 4 HOH 12  1023 1023 HOH HOH A . 
F 4 HOH 13  1024 1024 HOH HOH A . 
F 4 HOH 14  1025 1025 HOH HOH A . 
F 4 HOH 15  1028 1028 HOH HOH A . 
F 4 HOH 16  1030 1030 HOH HOH A . 
F 4 HOH 17  1032 1032 HOH HOH A . 
F 4 HOH 18  1033 1033 HOH HOH A . 
F 4 HOH 19  1035 1035 HOH HOH A . 
F 4 HOH 20  1036 1036 HOH HOH A . 
F 4 HOH 21  1037 1037 HOH HOH A . 
F 4 HOH 22  1038 1038 HOH HOH A . 
F 4 HOH 23  1039 1039 HOH HOH A . 
F 4 HOH 24  1040 1040 HOH HOH A . 
F 4 HOH 25  1042 1042 HOH HOH A . 
F 4 HOH 26  1048 1048 HOH HOH A . 
F 4 HOH 27  1049 1049 HOH HOH A . 
F 4 HOH 28  1052 1052 HOH HOH A . 
F 4 HOH 29  1053 1053 HOH HOH A . 
F 4 HOH 30  1055 1055 HOH HOH A . 
F 4 HOH 31  1062 1062 HOH HOH A . 
F 4 HOH 32  1064 1064 HOH HOH A . 
F 4 HOH 33  1065 1065 HOH HOH A . 
F 4 HOH 34  1067 1067 HOH HOH A . 
F 4 HOH 35  1068 1068 HOH HOH A . 
F 4 HOH 36  1069 1069 HOH HOH A . 
F 4 HOH 37  1072 1072 HOH HOH A . 
F 4 HOH 38  1075 1075 HOH HOH A . 
F 4 HOH 39  1077 1077 HOH HOH A . 
F 4 HOH 40  1078 1078 HOH HOH A . 
F 4 HOH 41  1080 1080 HOH HOH A . 
F 4 HOH 42  1081 1081 HOH HOH A . 
F 4 HOH 43  1082 1082 HOH HOH A . 
F 4 HOH 44  1086 1086 HOH HOH A . 
F 4 HOH 45  1087 1087 HOH HOH A . 
F 4 HOH 46  1091 1091 HOH HOH A . 
F 4 HOH 47  1094 1094 HOH HOH A . 
F 4 HOH 48  1096 1096 HOH HOH A . 
F 4 HOH 49  1097 1097 HOH HOH A . 
F 4 HOH 50  1098 1098 HOH HOH A . 
F 4 HOH 51  1102 1102 HOH HOH A . 
F 4 HOH 52  1103 1103 HOH HOH A . 
F 4 HOH 53  1104 1104 HOH HOH A . 
F 4 HOH 54  1105 1105 HOH HOH A . 
F 4 HOH 55  1106 1106 HOH HOH A . 
F 4 HOH 56  1108 1108 HOH HOH A . 
F 4 HOH 57  1111 1111 HOH HOH A . 
F 4 HOH 58  1112 1112 HOH HOH A . 
F 4 HOH 59  1114 1114 HOH HOH A . 
F 4 HOH 60  1115 1115 HOH HOH A . 
F 4 HOH 61  1116 1116 HOH HOH A . 
F 4 HOH 62  1118 1118 HOH HOH A . 
F 4 HOH 63  1119 1119 HOH HOH A . 
F 4 HOH 64  1120 1120 HOH HOH A . 
F 4 HOH 65  1123 1123 HOH HOH A . 
F 4 HOH 66  1126 1126 HOH HOH A . 
F 4 HOH 67  1130 1130 HOH HOH A . 
F 4 HOH 68  1131 1131 HOH HOH A . 
F 4 HOH 69  1137 1137 HOH HOH A . 
F 4 HOH 70  1139 1139 HOH HOH A . 
F 4 HOH 71  1142 1142 HOH HOH A . 
F 4 HOH 72  1143 1143 HOH HOH A . 
F 4 HOH 73  1146 1146 HOH HOH A . 
F 4 HOH 74  1150 1150 HOH HOH A . 
F 4 HOH 75  1152 1152 HOH HOH A . 
F 4 HOH 76  1153 1153 HOH HOH A . 
F 4 HOH 77  1159 1159 HOH HOH A . 
F 4 HOH 78  1160 1160 HOH HOH A . 
F 4 HOH 79  1161 1161 HOH HOH A . 
F 4 HOH 80  1162 1162 HOH HOH A . 
F 4 HOH 81  1163 1163 HOH HOH A . 
F 4 HOH 82  1165 1165 HOH HOH A . 
F 4 HOH 83  1167 1167 HOH HOH A . 
F 4 HOH 84  1168 1168 HOH HOH A . 
F 4 HOH 85  1169 1169 HOH HOH A . 
F 4 HOH 86  1170 1170 HOH HOH A . 
F 4 HOH 87  1173 1173 HOH HOH A . 
F 4 HOH 88  1177 1177 HOH HOH A . 
F 4 HOH 89  1179 1179 HOH HOH A . 
F 4 HOH 90  1180 1180 HOH HOH A . 
F 4 HOH 91  1184 1184 HOH HOH A . 
F 4 HOH 92  1187 1187 HOH HOH A . 
F 4 HOH 93  1195 1195 HOH HOH A . 
F 4 HOH 94  1197 1197 HOH HOH A . 
F 4 HOH 95  1198 1198 HOH HOH A . 
F 4 HOH 96  1201 1201 HOH HOH A . 
F 4 HOH 97  1202 1202 HOH HOH A . 
F 4 HOH 98  1203 1203 HOH HOH A . 
F 4 HOH 99  1208 1208 HOH HOH A . 
F 4 HOH 100 1209 1209 HOH HOH A . 
F 4 HOH 101 1211 1211 HOH HOH A . 
F 4 HOH 102 1212 1212 HOH HOH A . 
F 4 HOH 103 1213 1213 HOH HOH A . 
F 4 HOH 104 1217 1217 HOH HOH A . 
F 4 HOH 105 1218 1218 HOH HOH A . 
F 4 HOH 106 1220 1220 HOH HOH A . 
F 4 HOH 107 1221 1221 HOH HOH A . 
F 4 HOH 108 1223 1223 HOH HOH A . 
F 4 HOH 109 1224 1224 HOH HOH A . 
F 4 HOH 110 1226 1226 HOH HOH A . 
F 4 HOH 111 1227 1227 HOH HOH A . 
G 4 HOH 1   1001 1001 HOH HOH B . 
G 4 HOH 2   1004 1004 HOH HOH B . 
G 4 HOH 3   1005 1005 HOH HOH B . 
G 4 HOH 4   1006 1006 HOH HOH B . 
G 4 HOH 5   1007 1007 HOH HOH B . 
G 4 HOH 6   1009 1009 HOH HOH B . 
G 4 HOH 7   1010 1010 HOH HOH B . 
G 4 HOH 8   1013 1013 HOH HOH B . 
G 4 HOH 9   1018 1018 HOH HOH B . 
G 4 HOH 10  1020 1020 HOH HOH B . 
G 4 HOH 11  1021 1021 HOH HOH B . 
G 4 HOH 12  1026 1026 HOH HOH B . 
G 4 HOH 13  1027 1027 HOH HOH B . 
G 4 HOH 14  1029 1029 HOH HOH B . 
G 4 HOH 15  1031 1031 HOH HOH B . 
G 4 HOH 16  1034 1034 HOH HOH B . 
G 4 HOH 17  1041 1041 HOH HOH B . 
G 4 HOH 18  1043 1043 HOH HOH B . 
G 4 HOH 19  1044 1044 HOH HOH B . 
G 4 HOH 20  1045 1045 HOH HOH B . 
G 4 HOH 21  1046 1046 HOH HOH B . 
G 4 HOH 22  1047 1047 HOH HOH B . 
G 4 HOH 23  1050 1050 HOH HOH B . 
G 4 HOH 24  1051 1051 HOH HOH B . 
G 4 HOH 25  1054 1054 HOH HOH B . 
G 4 HOH 26  1056 1056 HOH HOH B . 
G 4 HOH 27  1057 1057 HOH HOH B . 
G 4 HOH 28  1058 1058 HOH HOH B . 
G 4 HOH 29  1059 1059 HOH HOH B . 
G 4 HOH 30  1060 1060 HOH HOH B . 
G 4 HOH 31  1061 1061 HOH HOH B . 
G 4 HOH 32  1063 1063 HOH HOH B . 
G 4 HOH 33  1066 1066 HOH HOH B . 
G 4 HOH 34  1070 1070 HOH HOH B . 
G 4 HOH 35  1071 1071 HOH HOH B . 
G 4 HOH 36  1073 1073 HOH HOH B . 
G 4 HOH 37  1074 1074 HOH HOH B . 
G 4 HOH 38  1076 1076 HOH HOH B . 
G 4 HOH 39  1079 1079 HOH HOH B . 
G 4 HOH 40  1083 1083 HOH HOH B . 
G 4 HOH 41  1084 1084 HOH HOH B . 
G 4 HOH 42  1085 1085 HOH HOH B . 
G 4 HOH 43  1088 1088 HOH HOH B . 
G 4 HOH 44  1089 1089 HOH HOH B . 
G 4 HOH 45  1090 1090 HOH HOH B . 
G 4 HOH 46  1092 1092 HOH HOH B . 
G 4 HOH 47  1093 1093 HOH HOH B . 
G 4 HOH 48  1095 1095 HOH HOH B . 
G 4 HOH 49  1099 1099 HOH HOH B . 
G 4 HOH 50  1100 1100 HOH HOH B . 
G 4 HOH 51  1101 1101 HOH HOH B . 
G 4 HOH 52  1107 1107 HOH HOH B . 
G 4 HOH 53  1109 1109 HOH HOH B . 
G 4 HOH 54  1110 1110 HOH HOH B . 
G 4 HOH 55  1113 1113 HOH HOH B . 
G 4 HOH 56  1117 1117 HOH HOH B . 
G 4 HOH 57  1121 1121 HOH HOH B . 
G 4 HOH 58  1122 1122 HOH HOH B . 
G 4 HOH 59  1124 1124 HOH HOH B . 
G 4 HOH 60  1125 1125 HOH HOH B . 
G 4 HOH 61  1127 1127 HOH HOH B . 
G 4 HOH 62  1128 1128 HOH HOH B . 
G 4 HOH 63  1129 1129 HOH HOH B . 
G 4 HOH 64  1132 1132 HOH HOH B . 
G 4 HOH 65  1133 1133 HOH HOH B . 
G 4 HOH 66  1134 1134 HOH HOH B . 
G 4 HOH 67  1135 1135 HOH HOH B . 
G 4 HOH 68  1136 1136 HOH HOH B . 
G 4 HOH 69  1138 1138 HOH HOH B . 
G 4 HOH 70  1140 1140 HOH HOH B . 
G 4 HOH 71  1141 1141 HOH HOH B . 
G 4 HOH 72  1144 1144 HOH HOH B . 
G 4 HOH 73  1145 1145 HOH HOH B . 
G 4 HOH 74  1147 1147 HOH HOH B . 
G 4 HOH 75  1148 1148 HOH HOH B . 
G 4 HOH 76  1149 1149 HOH HOH B . 
G 4 HOH 77  1151 1151 HOH HOH B . 
G 4 HOH 78  1154 1154 HOH HOH B . 
G 4 HOH 79  1155 1155 HOH HOH B . 
G 4 HOH 80  1156 1156 HOH HOH B . 
G 4 HOH 81  1157 1157 HOH HOH B . 
G 4 HOH 82  1158 1158 HOH HOH B . 
G 4 HOH 83  1164 1164 HOH HOH B . 
G 4 HOH 84  1166 1166 HOH HOH B . 
G 4 HOH 85  1171 1171 HOH HOH B . 
G 4 HOH 86  1172 1172 HOH HOH B . 
G 4 HOH 87  1174 1174 HOH HOH B . 
G 4 HOH 88  1175 1175 HOH HOH B . 
G 4 HOH 89  1176 1176 HOH HOH B . 
G 4 HOH 90  1178 1178 HOH HOH B . 
G 4 HOH 91  1181 1181 HOH HOH B . 
G 4 HOH 92  1182 1182 HOH HOH B . 
G 4 HOH 93  1183 1183 HOH HOH B . 
G 4 HOH 94  1185 1185 HOH HOH B . 
G 4 HOH 95  1186 1186 HOH HOH B . 
G 4 HOH 96  1188 1188 HOH HOH B . 
G 4 HOH 97  1189 1189 HOH HOH B . 
G 4 HOH 98  1190 1190 HOH HOH B . 
G 4 HOH 99  1191 1191 HOH HOH B . 
G 4 HOH 100 1192 1192 HOH HOH B . 
G 4 HOH 101 1193 1193 HOH HOH B . 
G 4 HOH 102 1194 1194 HOH HOH B . 
G 4 HOH 103 1196 1196 HOH HOH B . 
G 4 HOH 104 1199 1199 HOH HOH B . 
G 4 HOH 105 1200 1200 HOH HOH B . 
G 4 HOH 106 1204 1204 HOH HOH B . 
G 4 HOH 107 1205 1205 HOH HOH B . 
G 4 HOH 108 1206 1206 HOH HOH B . 
G 4 HOH 109 1207 1207 HOH HOH B . 
G 4 HOH 110 1210 1210 HOH HOH B . 
G 4 HOH 111 1214 1214 HOH HOH B . 
G 4 HOH 112 1215 1215 HOH HOH B . 
G 4 HOH 113 1216 1216 HOH HOH B . 
G 4 HOH 114 1219 1219 HOH HOH B . 
G 4 HOH 115 1222 1222 HOH HOH B . 
G 4 HOH 116 1225 1225 HOH HOH B . 
# 
loop_
_software.name 
_software.classification 
_software.version 
_software.citation_id 
_software.pdbx_ordinal 
MOSFLM 'data reduction' .         ? 1 
SCALA  'data scaling'   .         ? 2 
SOLVE  phasing          .         ? 3 
CNS    refinement       1.1       ? 4 
CCP4   'data scaling'   '(SCALA)' ? 5 
# 
_cell.entry_id           1X3X 
_cell.length_a           103.225 
_cell.length_b           41.774 
_cell.length_c           49.763 
_cell.angle_alpha        90.00 
_cell.angle_beta         111.13 
_cell.angle_gamma        90.00 
_cell.Z_PDB              8 
_cell.pdbx_unique_axis   ? 
_cell.length_a_esd       ? 
_cell.length_b_esd       ? 
_cell.length_c_esd       ? 
_cell.angle_alpha_esd    ? 
_cell.angle_beta_esd     ? 
_cell.angle_gamma_esd    ? 
# 
_symmetry.entry_id                         1X3X 
_symmetry.space_group_name_H-M             'C 1 2 1' 
_symmetry.pdbx_full_space_group_name_H-M   ? 
_symmetry.cell_setting                     ? 
_symmetry.Int_Tables_number                5 
_symmetry.space_group_name_Hall            ? 
# 
_exptl.entry_id          1X3X 
_exptl.method            'X-RAY DIFFRACTION' 
_exptl.crystals_number   2 
# 
_exptl_crystal.id                    1 
_exptl_crystal.density_meas          ? 
_exptl_crystal.density_Matthews      2.71 
_exptl_crystal.density_percent_sol   54.6 
_exptl_crystal.description           ? 
_exptl_crystal.F_000                 ? 
_exptl_crystal.preparation           ? 
# 
_exptl_crystal_grow.crystal_id      1 
_exptl_crystal_grow.method          'VAPOR DIFFUSION, HANGING DROP' 
_exptl_crystal_grow.temp            278 
_exptl_crystal_grow.temp_details    ? 
_exptl_crystal_grow.pH              6.8 
_exptl_crystal_grow.pdbx_details    'ammonium sulfate, sodium phosphate, pH 6.8, VAPOR DIFFUSION, HANGING DROP, temperature 278K' 
_exptl_crystal_grow.pdbx_pH_range   . 
# 
loop_
_diffrn.id 
_diffrn.ambient_temp 
_diffrn.ambient_temp_details 
_diffrn.crystal_id 
1 100 ? 1 
2 100 ? 1 
# 
loop_
_diffrn_detector.diffrn_id 
_diffrn_detector.detector 
_diffrn_detector.type 
_diffrn_detector.pdbx_collection_date 
_diffrn_detector.details 
1 'IMAGE PLATE' 'RIGAKU RAXIS IIC' ?          ? 
2 CCD           'ADSC QUANTUM 4'   2002-06-06 ? 
# 
loop_
_diffrn_radiation.diffrn_id 
_diffrn_radiation.wavelength_id 
_diffrn_radiation.pdbx_monochromatic_or_laue_m_l 
_diffrn_radiation.monochromator 
_diffrn_radiation.pdbx_diffrn_protocol 
_diffrn_radiation.pdbx_scattering_type 
1 1 M graphite  'SINGLE WAVELENGTH' x-ray 
2 1 M 'Si(111)' MAD                 x-ray 
# 
loop_
_diffrn_radiation_wavelength.id 
_diffrn_radiation_wavelength.wavelength 
_diffrn_radiation_wavelength.wt 
1 1.5418 1.0 
2 1.7395 1.0 
3 1.7390 1.0 
4 1.7000 1.0 
# 
loop_
_diffrn_source.diffrn_id 
_diffrn_source.source 
_diffrn_source.type 
_diffrn_source.pdbx_synchrotron_site 
_diffrn_source.pdbx_synchrotron_beamline 
_diffrn_source.pdbx_wavelength 
_diffrn_source.pdbx_wavelength_list 
1 'ROTATING ANODE' 'RIGAKU RU300'                   ?                ?      ? 1.5418                   
2 SYNCHROTRON      'PHOTON FACTORY BEAMLINE BL-18B' 'Photon Factory' BL-18B ? '1.7395, 1.7390, 1.7000' 
# 
_reflns.entry_id                     1X3X 
_reflns.observed_criterion_sigma_F   0.0 
_reflns.observed_criterion_sigma_I   0.0 
_reflns.d_resolution_high            1.8 
_reflns.d_resolution_low             50 
_reflns.number_all                   17915 
_reflns.number_obs                   17915 
_reflns.percent_possible_obs         96.7 
_reflns.pdbx_Rmerge_I_obs            0.051 
_reflns.pdbx_Rsym_value              ? 
_reflns.pdbx_netI_over_sigmaI        42.1 
_reflns.B_iso_Wilson_estimate        ? 
_reflns.pdbx_redundancy              ? 
_reflns.R_free_details               ? 
_reflns.limit_h_max                  ? 
_reflns.limit_h_min                  ? 
_reflns.limit_k_max                  ? 
_reflns.limit_k_min                  ? 
_reflns.limit_l_max                  ? 
_reflns.limit_l_min                  ? 
_reflns.observed_criterion_F_max     ? 
_reflns.observed_criterion_F_min     ? 
_reflns.pdbx_chi_squared             ? 
_reflns.pdbx_scaling_rejects         ? 
_reflns.pdbx_diffrn_id               1,2 
_reflns.pdbx_ordinal                 1 
# 
_reflns_shell.d_res_high             1.80 
_reflns_shell.d_res_low              1.86 
_reflns_shell.percent_possible_all   93.5 
_reflns_shell.Rmerge_I_obs           0.179 
_reflns_shell.pdbx_Rsym_value        ? 
_reflns_shell.meanI_over_sigI_obs    9.5 
_reflns_shell.pdbx_redundancy        ? 
_reflns_shell.percent_possible_obs   ? 
_reflns_shell.number_unique_all      1691 
_reflns_shell.number_measured_all    ? 
_reflns_shell.number_measured_obs    ? 
_reflns_shell.number_unique_obs      ? 
_reflns_shell.pdbx_chi_squared       ? 
_reflns_shell.pdbx_diffrn_id         ? 
_reflns_shell.pdbx_ordinal           1 
# 
_refine.entry_id                                 1X3X 
_refine.ls_d_res_high                            1.80 
_refine.ls_d_res_low                             20 
_refine.pdbx_ls_sigma_F                          0.0 
_refine.pdbx_ls_sigma_I                          ? 
_refine.ls_number_reflns_all                     17891 
_refine.ls_number_reflns_obs                     17891 
_refine.ls_number_reflns_R_free                  921 
_refine.ls_percent_reflns_obs                    96.6 
_refine.ls_R_factor_all                          ? 
_refine.ls_R_factor_obs                          ? 
_refine.ls_R_factor_R_work                       0.192 
_refine.ls_R_factor_R_free                       0.236 
_refine.ls_redundancy_reflns_obs                 ? 
_refine.pdbx_data_cutoff_high_absF               ? 
_refine.pdbx_data_cutoff_low_absF                ? 
_refine.ls_number_parameters                     ? 
_refine.ls_number_restraints                     ? 
_refine.ls_percent_reflns_R_free                 ? 
_refine.ls_R_factor_R_free_error                 ? 
_refine.ls_R_factor_R_free_error_details         ? 
_refine.pdbx_method_to_determine_struct          MAD 
_refine.pdbx_starting_model                      ? 
_refine.pdbx_ls_cross_valid_method               THROUGHOUT 
_refine.pdbx_R_Free_selection_details            random 
_refine.pdbx_stereochem_target_val_spec_case     ? 
_refine.pdbx_stereochemistry_target_values       'Engh & Huber' 
_refine.solvent_model_details                    ? 
_refine.solvent_model_param_bsol                 ? 
_refine.solvent_model_param_ksol                 ? 
_refine.occupancy_max                            ? 
_refine.occupancy_min                            ? 
_refine.pdbx_isotropic_thermal_model             isotropic 
_refine.B_iso_mean                               19.8 
_refine.aniso_B[1][1]                            ? 
_refine.aniso_B[1][2]                            ? 
_refine.aniso_B[1][3]                            ? 
_refine.aniso_B[2][2]                            ? 
_refine.aniso_B[2][3]                            ? 
_refine.aniso_B[3][3]                            ? 
_refine.details                                  ? 
_refine.B_iso_min                                ? 
_refine.B_iso_max                                ? 
_refine.correlation_coeff_Fo_to_Fc               ? 
_refine.correlation_coeff_Fo_to_Fc_free          ? 
_refine.pdbx_solvent_vdw_probe_radii             ? 
_refine.pdbx_solvent_ion_probe_radii             ? 
_refine.pdbx_solvent_shrinkage_radii             ? 
_refine.overall_SU_R_Cruickshank_DPI             ? 
_refine.overall_SU_R_free                        ? 
_refine.overall_SU_ML                            ? 
_refine.overall_SU_B                             ? 
_refine.pdbx_overall_ESU_R_Free                  ? 
_refine.pdbx_data_cutoff_high_rms_absF           ? 
_refine.pdbx_overall_ESU_R                       ? 
_refine.ls_wR_factor_R_free                      ? 
_refine.ls_wR_factor_R_work                      ? 
_refine.overall_FOM_free_R_set                   ? 
_refine.overall_FOM_work_R_set                   ? 
_refine.pdbx_refine_id                           'X-RAY DIFFRACTION' 
_refine.pdbx_diffrn_id                           1 
_refine.pdbx_TLS_residual_ADP_flag               ? 
_refine.pdbx_overall_phase_error                 ? 
_refine.pdbx_overall_SU_R_free_Cruickshank_DPI   ? 
_refine.pdbx_overall_SU_R_Blow_DPI               ? 
_refine.pdbx_overall_SU_R_free_Blow_DPI          ? 
# 
_refine_analyze.entry_id                        1X3X 
_refine_analyze.Luzzati_coordinate_error_obs    0.20 
_refine_analyze.Luzzati_sigma_a_obs             0.06 
_refine_analyze.Luzzati_d_res_low_obs           5.0 
_refine_analyze.Luzzati_coordinate_error_free   0.24 
_refine_analyze.Luzzati_sigma_a_free            0.07 
_refine_analyze.Luzzati_d_res_low_free          ? 
_refine_analyze.number_disordered_residues      ? 
_refine_analyze.occupancy_sum_non_hydrogen      ? 
_refine_analyze.occupancy_sum_hydrogen          ? 
_refine_analyze.pdbx_Luzzati_d_res_high_obs     ? 
_refine_analyze.pdbx_refine_id                  'X-RAY DIFFRACTION' 
# 
_refine_hist.pdbx_refine_id                   'X-RAY DIFFRACTION' 
_refine_hist.cycle_id                         LAST 
_refine_hist.pdbx_number_atoms_protein        1282 
_refine_hist.pdbx_number_atoms_nucleic_acid   0 
_refine_hist.pdbx_number_atoms_ligand         91 
_refine_hist.number_atoms_solvent             227 
_refine_hist.number_atoms_total               1600 
_refine_hist.d_res_high                       1.80 
_refine_hist.d_res_low                        20 
# 
loop_
_refine_ls_restr.type 
_refine_ls_restr.dev_ideal 
_refine_ls_restr.dev_ideal_target 
_refine_ls_restr.weight 
_refine_ls_restr.number 
_refine_ls_restr.pdbx_refine_id 
_refine_ls_restr.pdbx_restraint_function 
c_bond_d           0.005  ? ? ? 'X-RAY DIFFRACTION' ? 
c_angle_d          1.263  ? ? ? 'X-RAY DIFFRACTION' ? 
c_improper_angle_d 20.86  ? ? ? 'X-RAY DIFFRACTION' ? 
c_dihedral_angle_d 0.6558 ? ? ? 'X-RAY DIFFRACTION' ? 
# 
_refine_ls_shell.pdbx_total_number_of_bins_used   ? 
_refine_ls_shell.d_res_high                       1.80 
_refine_ls_shell.d_res_low                        1.86 
_refine_ls_shell.number_reflns_R_work             ? 
_refine_ls_shell.R_factor_R_work                  0.222 
_refine_ls_shell.percent_reflns_obs               92.7 
_refine_ls_shell.R_factor_R_free                  0.278 
_refine_ls_shell.R_factor_R_free_error            ? 
_refine_ls_shell.percent_reflns_R_free            ? 
_refine_ls_shell.number_reflns_R_free             92 
_refine_ls_shell.number_reflns_obs                1677 
_refine_ls_shell.redundancy_reflns_obs            ? 
_refine_ls_shell.number_reflns_all                ? 
_refine_ls_shell.R_factor_all                     ? 
_refine_ls_shell.pdbx_refine_id                   'X-RAY DIFFRACTION' 
# 
_struct.entry_id                  1X3X 
_struct.title                     'Crystal Structure of Cytochrome b5 from Ascaris suum' 
_struct.pdbx_model_details        ? 
_struct.pdbx_CASP_flag            ? 
_struct.pdbx_model_type_details   ? 
# 
_struct_keywords.entry_id        1X3X 
_struct_keywords.pdbx_keywords   'ELECTRON TRANSPORT' 
_struct_keywords.text            'cytochrome b5, hemoprotein, porcine parasitic namatode, ELECTRON TRANSPORT' 
# 
loop_
_struct_asym.id 
_struct_asym.pdbx_blank_PDB_chainid_flag 
_struct_asym.pdbx_modified 
_struct_asym.entity_id 
_struct_asym.details 
A N N 1 ? 
B N N 1 ? 
C N N 2 ? 
D N N 3 ? 
E N N 2 ? 
F N N 4 ? 
G N N 4 ? 
# 
_struct_ref.id                         1 
_struct_ref.db_name                    UNP 
_struct_ref.db_code                    Q17091_ASCSU 
_struct_ref.pdbx_db_accession          Q17091 
_struct_ref.entity_id                  1 
_struct_ref.pdbx_align_begin           31 
_struct_ref.pdbx_db_isoform            ? 
_struct_ref.pdbx_seq_one_letter_code   ? 
# 
loop_
_struct_ref_seq.align_id 
_struct_ref_seq.ref_id 
_struct_ref_seq.pdbx_PDB_id_code 
_struct_ref_seq.pdbx_strand_id 
_struct_ref_seq.seq_align_beg 
_struct_ref_seq.pdbx_seq_align_beg_ins_code 
_struct_ref_seq.seq_align_end 
_struct_ref_seq.pdbx_seq_align_end_ins_code 
_struct_ref_seq.pdbx_db_accession 
_struct_ref_seq.db_align_beg 
_struct_ref_seq.pdbx_db_align_beg_ins_code 
_struct_ref_seq.db_align_end 
_struct_ref_seq.pdbx_db_align_end_ins_code 
_struct_ref_seq.pdbx_auth_seq_align_beg 
_struct_ref_seq.pdbx_auth_seq_align_end 
1 1 1X3X A 1 ? 82 ? Q17091 31 ? 112 ? 1 82 
2 1 1X3X B 1 ? 82 ? Q17091 31 ? 112 ? 1 82 
# 
loop_
_pdbx_struct_assembly.id 
_pdbx_struct_assembly.details 
_pdbx_struct_assembly.method_details 
_pdbx_struct_assembly.oligomeric_details 
_pdbx_struct_assembly.oligomeric_count 
1 author_defined_assembly ? monomeric 1 
2 author_defined_assembly ? monomeric 1 
# 
loop_
_pdbx_struct_assembly_gen.assembly_id 
_pdbx_struct_assembly_gen.oper_expression 
_pdbx_struct_assembly_gen.asym_id_list 
1 1 A,C,F   
2 1 B,D,E,G 
# 
_pdbx_struct_oper_list.id                   1 
_pdbx_struct_oper_list.type                 'identity operation' 
_pdbx_struct_oper_list.name                 1_555 
_pdbx_struct_oper_list.symmetry_operation   x,y,z 
_pdbx_struct_oper_list.matrix[1][1]         1.0000000000 
_pdbx_struct_oper_list.matrix[1][2]         0.0000000000 
_pdbx_struct_oper_list.matrix[1][3]         0.0000000000 
_pdbx_struct_oper_list.vector[1]            0.0000000000 
_pdbx_struct_oper_list.matrix[2][1]         0.0000000000 
_pdbx_struct_oper_list.matrix[2][2]         1.0000000000 
_pdbx_struct_oper_list.matrix[2][3]         0.0000000000 
_pdbx_struct_oper_list.vector[2]            0.0000000000 
_pdbx_struct_oper_list.matrix[3][1]         0.0000000000 
_pdbx_struct_oper_list.matrix[3][2]         0.0000000000 
_pdbx_struct_oper_list.matrix[3][3]         1.0000000000 
_pdbx_struct_oper_list.vector[3]            0.0000000000 
# 
loop_
_struct_biol.id 
_struct_biol.details 
_struct_biol.pdbx_parent_biol_id 
1 'The biological assembly is monomer.' ? 
2 ?                                     ? 
# 
loop_
_struct_conf.conf_type_id 
_struct_conf.id 
_struct_conf.pdbx_PDB_helix_id 
_struct_conf.beg_label_comp_id 
_struct_conf.beg_label_asym_id 
_struct_conf.beg_label_seq_id 
_struct_conf.pdbx_beg_PDB_ins_code 
_struct_conf.end_label_comp_id 
_struct_conf.end_label_asym_id 
_struct_conf.end_label_seq_id 
_struct_conf.pdbx_end_PDB_ins_code 
_struct_conf.beg_auth_comp_id 
_struct_conf.beg_auth_asym_id 
_struct_conf.beg_auth_seq_id 
_struct_conf.end_auth_comp_id 
_struct_conf.end_auth_asym_id 
_struct_conf.end_auth_seq_id 
_struct_conf.pdbx_PDB_helix_class 
_struct_conf.details 
_struct_conf.pdbx_PDB_helix_length 
HELX_P HELX_P1  1  THR A 7  ? LYS A 13 ? THR A 7  LYS A 13 1 ? 7  
HELX_P HELX_P2  2  THR A 32 ? HIS A 38 ? THR A 32 HIS A 38 5 ? 7  
HELX_P HELX_P3  3  GLY A 40 ? ALA A 48 ? GLY A 40 ALA A 48 5 ? 9  
HELX_P HELX_P4  4  ALA A 52 ? LEU A 59 ? ALA A 52 LEU A 59 1 ? 8  
HELX_P HELX_P5  5  LEU A 59 ? ALA A 65 ? LEU A 59 ALA A 65 1 ? 7  
HELX_P HELX_P6  6  ALA A 65 ? THR A 76 ? ALA A 65 THR A 76 1 ? 12 
HELX_P HELX_P7  7  THR B 7  ? LYS B 13 ? THR B 7  LYS B 13 1 ? 7  
HELX_P HELX_P8  8  GLY B 41 ? ALA B 48 ? GLY B 41 ALA B 48 5 ? 8  
HELX_P HELX_P9  9  ALA B 52 ? LEU B 59 ? ALA B 52 LEU B 59 1 ? 8  
HELX_P HELX_P10 10 LEU B 59 ? LYS B 64 ? LEU B 59 LYS B 64 1 ? 6  
HELX_P HELX_P11 11 ALA B 65 ? GLN B 75 ? ALA B 65 GLN B 75 1 ? 11 
# 
_struct_conf_type.id          HELX_P 
_struct_conf_type.criteria    ? 
_struct_conf_type.reference   ? 
# 
loop_
_struct_conn.id 
_struct_conn.conn_type_id 
_struct_conn.pdbx_leaving_atom_flag 
_struct_conn.pdbx_PDB_id 
_struct_conn.ptnr1_label_asym_id 
_struct_conn.ptnr1_label_comp_id 
_struct_conn.ptnr1_label_seq_id 
_struct_conn.ptnr1_label_atom_id 
_struct_conn.pdbx_ptnr1_label_alt_id 
_struct_conn.pdbx_ptnr1_PDB_ins_code 
_struct_conn.pdbx_ptnr1_standard_comp_id 
_struct_conn.ptnr1_symmetry 
_struct_conn.ptnr2_label_asym_id 
_struct_conn.ptnr2_label_comp_id 
_struct_conn.ptnr2_label_seq_id 
_struct_conn.ptnr2_label_atom_id 
_struct_conn.pdbx_ptnr2_label_alt_id 
_struct_conn.pdbx_ptnr2_PDB_ins_code 
_struct_conn.ptnr1_auth_asym_id 
_struct_conn.ptnr1_auth_comp_id 
_struct_conn.ptnr1_auth_seq_id 
_struct_conn.ptnr2_auth_asym_id 
_struct_conn.ptnr2_auth_comp_id 
_struct_conn.ptnr2_auth_seq_id 
_struct_conn.ptnr2_symmetry 
_struct_conn.pdbx_ptnr3_label_atom_id 
_struct_conn.pdbx_ptnr3_label_seq_id 
_struct_conn.pdbx_ptnr3_label_comp_id 
_struct_conn.pdbx_ptnr3_label_asym_id 
_struct_conn.pdbx_ptnr3_label_alt_id 
_struct_conn.pdbx_ptnr3_PDB_ins_code 
_struct_conn.details 
_struct_conn.pdbx_dist_value 
_struct_conn.pdbx_value_order 
_struct_conn.pdbx_role 
disulf1 disulf ? ? A CYS 1  SG  ? ? ? 1_555 A CYS 77 SG ? ? A CYS 1  A CYS 77  1_555 ? ? ? ? ? ? ? 2.028 ? ? 
disulf2 disulf ? ? B CYS 1  SG  ? ? ? 1_555 B CYS 77 SG ? ? B CYS 1  B CYS 77  1_555 ? ? ? ? ? ? ? 2.028 ? ? 
metalc1 metalc ? ? A HIS 38 NE2 ? ? ? 1_555 C HEM .  FE ? ? A HIS 38 A HEM 201 1_555 ? ? ? ? ? ? ? 2.112 ? ? 
metalc2 metalc ? ? A HIS 62 NE2 ? ? ? 1_555 C HEM .  FE ? ? A HIS 62 A HEM 201 1_555 ? ? ? ? ? ? ? 2.128 ? ? 
metalc3 metalc ? ? B HIS 38 NE2 ? ? ? 1_555 E HEM .  FE ? ? B HIS 38 B HEM 202 1_555 ? ? ? ? ? ? ? 2.137 ? ? 
metalc4 metalc ? ? B HIS 62 NE2 ? ? ? 1_555 E HEM .  FE ? ? B HIS 62 B HEM 202 1_555 ? ? ? ? ? ? ? 2.086 ? ? 
# 
loop_
_struct_conn_type.id 
_struct_conn_type.criteria 
_struct_conn_type.reference 
disulf ? ? 
metalc ? ? 
# 
loop_
_pdbx_struct_conn_angle.id 
_pdbx_struct_conn_angle.ptnr1_label_atom_id 
_pdbx_struct_conn_angle.ptnr1_label_alt_id 
_pdbx_struct_conn_angle.ptnr1_label_asym_id 
_pdbx_struct_conn_angle.ptnr1_label_comp_id 
_pdbx_struct_conn_angle.ptnr1_label_seq_id 
_pdbx_struct_conn_angle.ptnr1_auth_atom_id 
_pdbx_struct_conn_angle.ptnr1_auth_asym_id 
_pdbx_struct_conn_angle.ptnr1_auth_comp_id 
_pdbx_struct_conn_angle.ptnr1_auth_seq_id 
_pdbx_struct_conn_angle.ptnr1_PDB_ins_code 
_pdbx_struct_conn_angle.ptnr1_symmetry 
_pdbx_struct_conn_angle.ptnr2_label_atom_id 
_pdbx_struct_conn_angle.ptnr2_label_alt_id 
_pdbx_struct_conn_angle.ptnr2_label_asym_id 
_pdbx_struct_conn_angle.ptnr2_label_comp_id 
_pdbx_struct_conn_angle.ptnr2_label_seq_id 
_pdbx_struct_conn_angle.ptnr2_auth_atom_id 
_pdbx_struct_conn_angle.ptnr2_auth_asym_id 
_pdbx_struct_conn_angle.ptnr2_auth_comp_id 
_pdbx_struct_conn_angle.ptnr2_auth_seq_id 
_pdbx_struct_conn_angle.ptnr2_PDB_ins_code 
_pdbx_struct_conn_angle.ptnr2_symmetry 
_pdbx_struct_conn_angle.ptnr3_label_atom_id 
_pdbx_struct_conn_angle.ptnr3_label_alt_id 
_pdbx_struct_conn_angle.ptnr3_label_asym_id 
_pdbx_struct_conn_angle.ptnr3_label_comp_id 
_pdbx_struct_conn_angle.ptnr3_label_seq_id 
_pdbx_struct_conn_angle.ptnr3_auth_atom_id 
_pdbx_struct_conn_angle.ptnr3_auth_asym_id 
_pdbx_struct_conn_angle.ptnr3_auth_comp_id 
_pdbx_struct_conn_angle.ptnr3_auth_seq_id 
_pdbx_struct_conn_angle.ptnr3_PDB_ins_code 
_pdbx_struct_conn_angle.ptnr3_symmetry 
_pdbx_struct_conn_angle.value 
_pdbx_struct_conn_angle.value_esd 
1  NE2 ? A HIS 38 ? A HIS 38  ? 1_555 FE ? C HEM . ? A HEM 201 ? 1_555 NA  ? C HEM .  ? A HEM 201 ? 1_555 87.3  ? 
2  NE2 ? A HIS 38 ? A HIS 38  ? 1_555 FE ? C HEM . ? A HEM 201 ? 1_555 NB  ? C HEM .  ? A HEM 201 ? 1_555 90.5  ? 
3  NA  ? C HEM .  ? A HEM 201 ? 1_555 FE ? C HEM . ? A HEM 201 ? 1_555 NB  ? C HEM .  ? A HEM 201 ? 1_555 88.3  ? 
4  NE2 ? A HIS 38 ? A HIS 38  ? 1_555 FE ? C HEM . ? A HEM 201 ? 1_555 NC  ? C HEM .  ? A HEM 201 ? 1_555 93.4  ? 
5  NA  ? C HEM .  ? A HEM 201 ? 1_555 FE ? C HEM . ? A HEM 201 ? 1_555 NC  ? C HEM .  ? A HEM 201 ? 1_555 177.9 ? 
6  NB  ? C HEM .  ? A HEM 201 ? 1_555 FE ? C HEM . ? A HEM 201 ? 1_555 NC  ? C HEM .  ? A HEM 201 ? 1_555 89.7  ? 
7  NE2 ? A HIS 38 ? A HIS 38  ? 1_555 FE ? C HEM . ? A HEM 201 ? 1_555 ND  ? C HEM .  ? A HEM 201 ? 1_555 89.5  ? 
8  NA  ? C HEM .  ? A HEM 201 ? 1_555 FE ? C HEM . ? A HEM 201 ? 1_555 ND  ? C HEM .  ? A HEM 201 ? 1_555 89.5  ? 
9  NB  ? C HEM .  ? A HEM 201 ? 1_555 FE ? C HEM . ? A HEM 201 ? 1_555 ND  ? C HEM .  ? A HEM 201 ? 1_555 177.8 ? 
10 NC  ? C HEM .  ? A HEM 201 ? 1_555 FE ? C HEM . ? A HEM 201 ? 1_555 ND  ? C HEM .  ? A HEM 201 ? 1_555 92.5  ? 
11 NE2 ? A HIS 38 ? A HIS 38  ? 1_555 FE ? C HEM . ? A HEM 201 ? 1_555 NE2 ? A HIS 62 ? A HIS 62  ? 1_555 175.4 ? 
12 NA  ? C HEM .  ? A HEM 201 ? 1_555 FE ? C HEM . ? A HEM 201 ? 1_555 NE2 ? A HIS 62 ? A HIS 62  ? 1_555 88.1  ? 
13 NB  ? C HEM .  ? A HEM 201 ? 1_555 FE ? C HEM . ? A HEM 201 ? 1_555 NE2 ? A HIS 62 ? A HIS 62  ? 1_555 89.6  ? 
14 NC  ? C HEM .  ? A HEM 201 ? 1_555 FE ? C HEM . ? A HEM 201 ? 1_555 NE2 ? A HIS 62 ? A HIS 62  ? 1_555 91.2  ? 
15 ND  ? C HEM .  ? A HEM 201 ? 1_555 FE ? C HEM . ? A HEM 201 ? 1_555 NE2 ? A HIS 62 ? A HIS 62  ? 1_555 90.2  ? 
16 NE2 ? B HIS 38 ? B HIS 38  ? 1_555 FE ? E HEM . ? B HEM 202 ? 1_555 NA  ? E HEM .  ? B HEM 202 ? 1_555 87.9  ? 
17 NE2 ? B HIS 38 ? B HIS 38  ? 1_555 FE ? E HEM . ? B HEM 202 ? 1_555 NB  ? E HEM .  ? B HEM 202 ? 1_555 89.5  ? 
18 NA  ? E HEM .  ? B HEM 202 ? 1_555 FE ? E HEM . ? B HEM 202 ? 1_555 NB  ? E HEM .  ? B HEM 202 ? 1_555 88.6  ? 
19 NE2 ? B HIS 38 ? B HIS 38  ? 1_555 FE ? E HEM . ? B HEM 202 ? 1_555 NC  ? E HEM .  ? B HEM 202 ? 1_555 90.9  ? 
20 NA  ? E HEM .  ? B HEM 202 ? 1_555 FE ? E HEM . ? B HEM 202 ? 1_555 NC  ? E HEM .  ? B HEM 202 ? 1_555 177.7 ? 
21 NB  ? E HEM .  ? B HEM 202 ? 1_555 FE ? E HEM . ? B HEM 202 ? 1_555 NC  ? E HEM .  ? B HEM 202 ? 1_555 89.4  ? 
22 NE2 ? B HIS 38 ? B HIS 38  ? 1_555 FE ? E HEM . ? B HEM 202 ? 1_555 ND  ? E HEM .  ? B HEM 202 ? 1_555 88.7  ? 
23 NA  ? E HEM .  ? B HEM 202 ? 1_555 FE ? E HEM . ? B HEM 202 ? 1_555 ND  ? E HEM .  ? B HEM 202 ? 1_555 90.1  ? 
24 NB  ? E HEM .  ? B HEM 202 ? 1_555 FE ? E HEM . ? B HEM 202 ? 1_555 ND  ? E HEM .  ? B HEM 202 ? 1_555 177.8 ? 
25 NC  ? E HEM .  ? B HEM 202 ? 1_555 FE ? E HEM . ? B HEM 202 ? 1_555 ND  ? E HEM .  ? B HEM 202 ? 1_555 91.8  ? 
26 NE2 ? B HIS 38 ? B HIS 38  ? 1_555 FE ? E HEM . ? B HEM 202 ? 1_555 NE2 ? B HIS 62 ? B HIS 62  ? 1_555 176.9 ? 
27 NA  ? E HEM .  ? B HEM 202 ? 1_555 FE ? E HEM . ? B HEM 202 ? 1_555 NE2 ? B HIS 62 ? B HIS 62  ? 1_555 89.6  ? 
28 NB  ? E HEM .  ? B HEM 202 ? 1_555 FE ? E HEM . ? B HEM 202 ? 1_555 NE2 ? B HIS 62 ? B HIS 62  ? 1_555 92.2  ? 
29 NC  ? E HEM .  ? B HEM 202 ? 1_555 FE ? E HEM . ? B HEM 202 ? 1_555 NE2 ? B HIS 62 ? B HIS 62  ? 1_555 91.7  ? 
30 ND  ? E HEM .  ? B HEM 202 ? 1_555 FE ? E HEM . ? B HEM 202 ? 1_555 NE2 ? B HIS 62 ? B HIS 62  ? 1_555 89.5  ? 
# 
loop_
_pdbx_modification_feature.ordinal 
_pdbx_modification_feature.label_comp_id 
_pdbx_modification_feature.label_asym_id 
_pdbx_modification_feature.label_seq_id 
_pdbx_modification_feature.label_alt_id 
_pdbx_modification_feature.modified_residue_label_comp_id 
_pdbx_modification_feature.modified_residue_label_asym_id 
_pdbx_modification_feature.modified_residue_label_seq_id 
_pdbx_modification_feature.modified_residue_label_alt_id 
_pdbx_modification_feature.auth_comp_id 
_pdbx_modification_feature.auth_asym_id 
_pdbx_modification_feature.auth_seq_id 
_pdbx_modification_feature.PDB_ins_code 
_pdbx_modification_feature.symmetry 
_pdbx_modification_feature.modified_residue_auth_comp_id 
_pdbx_modification_feature.modified_residue_auth_asym_id 
_pdbx_modification_feature.modified_residue_auth_seq_id 
_pdbx_modification_feature.modified_residue_PDB_ins_code 
_pdbx_modification_feature.modified_residue_symmetry 
_pdbx_modification_feature.comp_id_linking_atom 
_pdbx_modification_feature.modified_residue_id_linking_atom 
_pdbx_modification_feature.modified_residue_id 
_pdbx_modification_feature.ref_pcm_id 
_pdbx_modification_feature.ref_comp_id 
_pdbx_modification_feature.type 
_pdbx_modification_feature.category 
1 CYS A 1 ? CYS A 77 ? CYS A 1 ? 1_555 CYS A 77 ? 1_555 SG SG . . . None 'Disulfide bridge' 
2 CYS B 1 ? CYS B 77 ? CYS B 1 ? 1_555 CYS B 77 ? 1_555 SG SG . . . None 'Disulfide bridge' 
# 
loop_
_struct_sheet.id 
_struct_sheet.type 
_struct_sheet.number_strands 
_struct_sheet.details 
A ? 5 ? 
B ? 5 ? 
# 
loop_
_struct_sheet_order.sheet_id 
_struct_sheet_order.range_id_1 
_struct_sheet_order.range_id_2 
_struct_sheet_order.offset 
_struct_sheet_order.sense 
A 1 2 ? parallel      
A 2 3 ? anti-parallel 
A 3 4 ? anti-parallel 
A 4 5 ? anti-parallel 
B 1 2 ? parallel      
B 2 3 ? anti-parallel 
B 3 4 ? anti-parallel 
B 4 5 ? anti-parallel 
# 
loop_
_struct_sheet_range.sheet_id 
_struct_sheet_range.id 
_struct_sheet_range.beg_label_comp_id 
_struct_sheet_range.beg_label_asym_id 
_struct_sheet_range.beg_label_seq_id 
_struct_sheet_range.pdbx_beg_PDB_ins_code 
_struct_sheet_range.end_label_comp_id 
_struct_sheet_range.end_label_asym_id 
_struct_sheet_range.end_label_seq_id 
_struct_sheet_range.pdbx_end_PDB_ins_code 
_struct_sheet_range.beg_auth_comp_id 
_struct_sheet_range.beg_auth_asym_id 
_struct_sheet_range.beg_auth_seq_id 
_struct_sheet_range.end_auth_comp_id 
_struct_sheet_range.end_auth_asym_id 
_struct_sheet_range.end_auth_seq_id 
A 1 LYS A 5  ? TYR A 6  ? LYS A 5  TYR A 6  
A 2 CYS A 77 ? VAL A 81 ? CYS A 77 VAL A 81 
A 3 GLU A 27 ? ASP A 30 ? GLU A 27 ASP A 30 
A 4 ASP A 19 ? TYR A 24 ? ASP A 19 TYR A 24 
A 5 ASN A 15 ? THR A 16 ? ASN A 15 THR A 16 
B 1 LYS B 4  ? TYR B 6  ? LYS B 4  TYR B 6  
B 2 CYS B 77 ? VAL B 81 ? CYS B 77 VAL B 81 
B 3 GLU B 27 ? ASP B 30 ? GLU B 27 ASP B 30 
B 4 ASP B 19 ? TYR B 24 ? ASP B 19 TYR B 24 
B 5 ASN B 15 ? THR B 16 ? ASN B 15 THR B 16 
# 
loop_
_pdbx_struct_sheet_hbond.sheet_id 
_pdbx_struct_sheet_hbond.range_id_1 
_pdbx_struct_sheet_hbond.range_id_2 
_pdbx_struct_sheet_hbond.range_1_label_atom_id 
_pdbx_struct_sheet_hbond.range_1_label_comp_id 
_pdbx_struct_sheet_hbond.range_1_label_asym_id 
_pdbx_struct_sheet_hbond.range_1_label_seq_id 
_pdbx_struct_sheet_hbond.range_1_PDB_ins_code 
_pdbx_struct_sheet_hbond.range_1_auth_atom_id 
_pdbx_struct_sheet_hbond.range_1_auth_comp_id 
_pdbx_struct_sheet_hbond.range_1_auth_asym_id 
_pdbx_struct_sheet_hbond.range_1_auth_seq_id 
_pdbx_struct_sheet_hbond.range_2_label_atom_id 
_pdbx_struct_sheet_hbond.range_2_label_comp_id 
_pdbx_struct_sheet_hbond.range_2_label_asym_id 
_pdbx_struct_sheet_hbond.range_2_label_seq_id 
_pdbx_struct_sheet_hbond.range_2_PDB_ins_code 
_pdbx_struct_sheet_hbond.range_2_auth_atom_id 
_pdbx_struct_sheet_hbond.range_2_auth_comp_id 
_pdbx_struct_sheet_hbond.range_2_auth_asym_id 
_pdbx_struct_sheet_hbond.range_2_auth_seq_id 
A 1 2 N TYR A 6  ? N TYR A 6  O LYS A 80 ? O LYS A 80 
A 2 3 O GLY A 79 ? O GLY A 79 N VAL A 28 ? N VAL A 28 
A 3 4 O HIS A 29 ? O HIS A 29 N ILE A 22 ? N ILE A 22 
A 4 5 O ASP A 19 ? O ASP A 19 N THR A 16 ? N THR A 16 
B 1 2 N TYR B 6  ? N TYR B 6  O LYS B 80 ? O LYS B 80 
B 2 3 O GLY B 79 ? O GLY B 79 N VAL B 28 ? N VAL B 28 
B 3 4 O HIS B 29 ? O HIS B 29 N ILE B 22 ? N ILE B 22 
B 4 5 O ASP B 19 ? O ASP B 19 N THR B 16 ? N THR B 16 
# 
loop_
_struct_site.id 
_struct_site.pdbx_evidence_code 
_struct_site.pdbx_auth_asym_id 
_struct_site.pdbx_auth_comp_id 
_struct_site.pdbx_auth_seq_id 
_struct_site.pdbx_auth_ins_code 
_struct_site.pdbx_num_residues 
_struct_site.details 
AC1 Software B SO4 203 ? 8  'BINDING SITE FOR RESIDUE SO4 B 203' 
AC2 Software A HEM 201 ? 22 'BINDING SITE FOR RESIDUE HEM A 201' 
AC3 Software B HEM 202 ? 21 'BINDING SITE FOR RESIDUE HEM B 202' 
# 
loop_
_struct_site_gen.id 
_struct_site_gen.site_id 
_struct_site_gen.pdbx_num_res 
_struct_site_gen.label_comp_id 
_struct_site_gen.label_asym_id 
_struct_site_gen.label_seq_id 
_struct_site_gen.pdbx_auth_ins_code 
_struct_site_gen.auth_comp_id 
_struct_site_gen.auth_asym_id 
_struct_site_gen.auth_seq_id 
_struct_site_gen.label_atom_id 
_struct_site_gen.label_alt_id 
_struct_site_gen.symmetry 
_struct_site_gen.details 
1  AC1 8  LYS A 42 ? LYS A 42   . ? 4_546 ? 
2  AC1 8  HOH F .  ? HOH A 1025 . ? 4_546 ? 
3  AC1 8  HOH F .  ? HOH A 1035 . ? 4_546 ? 
4  AC1 8  LYS B 47 ? LYS B 47   . ? 1_555 ? 
5  AC1 8  HOH G .  ? HOH B 1004 . ? 1_555 ? 
6  AC1 8  HOH G .  ? HOH B 1045 . ? 1_555 ? 
7  AC1 8  HOH G .  ? HOH B 1192 . ? 1_555 ? 
8  AC1 8  HOH G .  ? HOH B 1194 . ? 1_555 ? 
9  AC2 22 MET A 31 ? MET A 31   . ? 1_555 ? 
10 AC2 22 PHE A 34 ? PHE A 34   . ? 1_555 ? 
11 AC2 22 HIS A 38 ? HIS A 38   . ? 1_555 ? 
12 AC2 22 PRO A 39 ? PRO A 39   . ? 1_555 ? 
13 AC2 22 GLY A 40 ? GLY A 40   . ? 1_555 ? 
14 AC2 22 VAL A 43 ? VAL A 43   . ? 1_555 ? 
15 AC2 22 ILE A 44 ? ILE A 44   . ? 1_555 ? 
16 AC2 22 ASN A 46 ? ASN A 46   . ? 1_555 ? 
17 AC2 22 LYS A 47 ? LYS A 47   . ? 1_555 ? 
18 AC2 22 LEU A 56 ? LEU A 56   . ? 1_555 ? 
19 AC2 22 LEU A 59 ? LEU A 59   . ? 1_555 ? 
20 AC2 22 PRO A 61 ? PRO A 61   . ? 1_555 ? 
21 AC2 22 HIS A 62 ? HIS A 62   . ? 1_555 ? 
22 AC2 22 ALA A 65 ? ALA A 65   . ? 1_555 ? 
23 AC2 22 VAL A 68 ? VAL A 68   . ? 1_555 ? 
24 AC2 22 VAL A 69 ? VAL A 69   . ? 1_555 ? 
25 AC2 22 HOH F .  ? HOH A 1049 . ? 1_555 ? 
26 AC2 22 HOH F .  ? HOH A 1094 . ? 1_555 ? 
27 AC2 22 HOH F .  ? HOH A 1097 . ? 1_555 ? 
28 AC2 22 HOH F .  ? HOH A 1226 . ? 1_555 ? 
29 AC2 22 LYS B 64 ? LYS B 64   . ? 1_554 ? 
30 AC2 22 VAL B 68 ? VAL B 68   . ? 1_554 ? 
31 AC3 21 PRO A 39 ? PRO A 39   . ? 1_556 ? 
32 AC3 21 MET B 31 ? MET B 31   . ? 1_555 ? 
33 AC3 21 PHE B 34 ? PHE B 34   . ? 1_555 ? 
34 AC3 21 HIS B 38 ? HIS B 38   . ? 1_555 ? 
35 AC3 21 PRO B 39 ? PRO B 39   . ? 1_555 ? 
36 AC3 21 GLY B 40 ? GLY B 40   . ? 1_555 ? 
37 AC3 21 VAL B 43 ? VAL B 43   . ? 1_555 ? 
38 AC3 21 ILE B 44 ? ILE B 44   . ? 1_555 ? 
39 AC3 21 ASN B 46 ? ASN B 46   . ? 1_555 ? 
40 AC3 21 LYS B 47 ? LYS B 47   . ? 1_555 ? 
41 AC3 21 LEU B 56 ? LEU B 56   . ? 1_555 ? 
42 AC3 21 LEU B 59 ? LEU B 59   . ? 1_555 ? 
43 AC3 21 PRO B 61 ? PRO B 61   . ? 1_555 ? 
44 AC3 21 HIS B 62 ? HIS B 62   . ? 1_555 ? 
45 AC3 21 ALA B 65 ? ALA B 65   . ? 1_555 ? 
46 AC3 21 LEU B 73 ? LEU B 73   . ? 1_555 ? 
47 AC3 21 HOH G .  ? HOH B 1029 . ? 1_555 ? 
48 AC3 21 HOH G .  ? HOH B 1074 . ? 1_555 ? 
49 AC3 21 HOH G .  ? HOH B 1079 . ? 1_555 ? 
50 AC3 21 HOH G .  ? HOH B 1138 . ? 1_555 ? 
51 AC3 21 HOH G .  ? HOH B 1154 . ? 1_555 ? 
# 
_pdbx_entry_details.entry_id                   1X3X 
_pdbx_entry_details.compound_details           ? 
_pdbx_entry_details.source_details             ? 
_pdbx_entry_details.nonpolymer_details         ? 
_pdbx_entry_details.sequence_details           ? 
_pdbx_entry_details.has_ligand_of_interest     ? 
_pdbx_entry_details.has_protein_modification   Y 
# 
loop_
_pdbx_validate_torsion.id 
_pdbx_validate_torsion.PDB_model_num 
_pdbx_validate_torsion.auth_comp_id 
_pdbx_validate_torsion.auth_asym_id 
_pdbx_validate_torsion.auth_seq_id 
_pdbx_validate_torsion.PDB_ins_code 
_pdbx_validate_torsion.label_alt_id 
_pdbx_validate_torsion.phi 
_pdbx_validate_torsion.psi 
1 1 ASP A 19 ? ? -156.44 78.42 
2 1 ASP B 19 ? ? -160.30 75.89 
# 
loop_
_chem_comp_atom.comp_id 
_chem_comp_atom.atom_id 
_chem_comp_atom.type_symbol 
_chem_comp_atom.pdbx_aromatic_flag 
_chem_comp_atom.pdbx_stereo_config 
_chem_comp_atom.pdbx_ordinal 
ALA N    N  N N 1   
ALA CA   C  N S 2   
ALA C    C  N N 3   
ALA O    O  N N 4   
ALA CB   C  N N 5   
ALA OXT  O  N N 6   
ALA H    H  N N 7   
ALA H2   H  N N 8   
ALA HA   H  N N 9   
ALA HB1  H  N N 10  
ALA HB2  H  N N 11  
ALA HB3  H  N N 12  
ALA HXT  H  N N 13  
ASN N    N  N N 14  
ASN CA   C  N S 15  
ASN C    C  N N 16  
ASN O    O  N N 17  
ASN CB   C  N N 18  
ASN CG   C  N N 19  
ASN OD1  O  N N 20  
ASN ND2  N  N N 21  
ASN OXT  O  N N 22  
ASN H    H  N N 23  
ASN H2   H  N N 24  
ASN HA   H  N N 25  
ASN HB2  H  N N 26  
ASN HB3  H  N N 27  
ASN HD21 H  N N 28  
ASN HD22 H  N N 29  
ASN HXT  H  N N 30  
ASP N    N  N N 31  
ASP CA   C  N S 32  
ASP C    C  N N 33  
ASP O    O  N N 34  
ASP CB   C  N N 35  
ASP CG   C  N N 36  
ASP OD1  O  N N 37  
ASP OD2  O  N N 38  
ASP OXT  O  N N 39  
ASP H    H  N N 40  
ASP H2   H  N N 41  
ASP HA   H  N N 42  
ASP HB2  H  N N 43  
ASP HB3  H  N N 44  
ASP HD2  H  N N 45  
ASP HXT  H  N N 46  
CYS N    N  N N 47  
CYS CA   C  N R 48  
CYS C    C  N N 49  
CYS O    O  N N 50  
CYS CB   C  N N 51  
CYS SG   S  N N 52  
CYS OXT  O  N N 53  
CYS H    H  N N 54  
CYS H2   H  N N 55  
CYS HA   H  N N 56  
CYS HB2  H  N N 57  
CYS HB3  H  N N 58  
CYS HG   H  N N 59  
CYS HXT  H  N N 60  
GLN N    N  N N 61  
GLN CA   C  N S 62  
GLN C    C  N N 63  
GLN O    O  N N 64  
GLN CB   C  N N 65  
GLN CG   C  N N 66  
GLN CD   C  N N 67  
GLN OE1  O  N N 68  
GLN NE2  N  N N 69  
GLN OXT  O  N N 70  
GLN H    H  N N 71  
GLN H2   H  N N 72  
GLN HA   H  N N 73  
GLN HB2  H  N N 74  
GLN HB3  H  N N 75  
GLN HG2  H  N N 76  
GLN HG3  H  N N 77  
GLN HE21 H  N N 78  
GLN HE22 H  N N 79  
GLN HXT  H  N N 80  
GLU N    N  N N 81  
GLU CA   C  N S 82  
GLU C    C  N N 83  
GLU O    O  N N 84  
GLU CB   C  N N 85  
GLU CG   C  N N 86  
GLU CD   C  N N 87  
GLU OE1  O  N N 88  
GLU OE2  O  N N 89  
GLU OXT  O  N N 90  
GLU H    H  N N 91  
GLU H2   H  N N 92  
GLU HA   H  N N 93  
GLU HB2  H  N N 94  
GLU HB3  H  N N 95  
GLU HG2  H  N N 96  
GLU HG3  H  N N 97  
GLU HE2  H  N N 98  
GLU HXT  H  N N 99  
GLY N    N  N N 100 
GLY CA   C  N N 101 
GLY C    C  N N 102 
GLY O    O  N N 103 
GLY OXT  O  N N 104 
GLY H    H  N N 105 
GLY H2   H  N N 106 
GLY HA2  H  N N 107 
GLY HA3  H  N N 108 
GLY HXT  H  N N 109 
HEM CHA  C  N N 110 
HEM CHB  C  N N 111 
HEM CHC  C  N N 112 
HEM CHD  C  N N 113 
HEM C1A  C  Y N 114 
HEM C2A  C  Y N 115 
HEM C3A  C  Y N 116 
HEM C4A  C  Y N 117 
HEM CMA  C  N N 118 
HEM CAA  C  N N 119 
HEM CBA  C  N N 120 
HEM CGA  C  N N 121 
HEM O1A  O  N N 122 
HEM O2A  O  N N 123 
HEM C1B  C  N N 124 
HEM C2B  C  N N 125 
HEM C3B  C  N N 126 
HEM C4B  C  N N 127 
HEM CMB  C  N N 128 
HEM CAB  C  N N 129 
HEM CBB  C  N N 130 
HEM C1C  C  Y N 131 
HEM C2C  C  Y N 132 
HEM C3C  C  Y N 133 
HEM C4C  C  Y N 134 
HEM CMC  C  N N 135 
HEM CAC  C  N N 136 
HEM CBC  C  N N 137 
HEM C1D  C  N N 138 
HEM C2D  C  N N 139 
HEM C3D  C  N N 140 
HEM C4D  C  N N 141 
HEM CMD  C  N N 142 
HEM CAD  C  N N 143 
HEM CBD  C  N N 144 
HEM CGD  C  N N 145 
HEM O1D  O  N N 146 
HEM O2D  O  N N 147 
HEM NA   N  Y N 148 
HEM NB   N  N N 149 
HEM NC   N  Y N 150 
HEM ND   N  N N 151 
HEM FE   FE N N 152 
HEM HHB  H  N N 153 
HEM HHC  H  N N 154 
HEM HHD  H  N N 155 
HEM HMA  H  N N 156 
HEM HMAA H  N N 157 
HEM HMAB H  N N 158 
HEM HAA  H  N N 159 
HEM HAAA H  N N 160 
HEM HBA  H  N N 161 
HEM HBAA H  N N 162 
HEM HMB  H  N N 163 
HEM HMBA H  N N 164 
HEM HMBB H  N N 165 
HEM HAB  H  N N 166 
HEM HBB  H  N N 167 
HEM HBBA H  N N 168 
HEM HMC  H  N N 169 
HEM HMCA H  N N 170 
HEM HMCB H  N N 171 
HEM HAC  H  N N 172 
HEM HBC  H  N N 173 
HEM HBCA H  N N 174 
HEM HMD  H  N N 175 
HEM HMDA H  N N 176 
HEM HMDB H  N N 177 
HEM HAD  H  N N 178 
HEM HADA H  N N 179 
HEM HBD  H  N N 180 
HEM HBDA H  N N 181 
HEM H2A  H  N N 182 
HEM H2D  H  N N 183 
HEM HHA  H  N N 184 
HIS N    N  N N 185 
HIS CA   C  N S 186 
HIS C    C  N N 187 
HIS O    O  N N 188 
HIS CB   C  N N 189 
HIS CG   C  Y N 190 
HIS ND1  N  Y N 191 
HIS CD2  C  Y N 192 
HIS CE1  C  Y N 193 
HIS NE2  N  Y N 194 
HIS OXT  O  N N 195 
HIS H    H  N N 196 
HIS H2   H  N N 197 
HIS HA   H  N N 198 
HIS HB2  H  N N 199 
HIS HB3  H  N N 200 
HIS HD1  H  N N 201 
HIS HD2  H  N N 202 
HIS HE1  H  N N 203 
HIS HE2  H  N N 204 
HIS HXT  H  N N 205 
HOH O    O  N N 206 
HOH H1   H  N N 207 
HOH H2   H  N N 208 
ILE N    N  N N 209 
ILE CA   C  N S 210 
ILE C    C  N N 211 
ILE O    O  N N 212 
ILE CB   C  N S 213 
ILE CG1  C  N N 214 
ILE CG2  C  N N 215 
ILE CD1  C  N N 216 
ILE OXT  O  N N 217 
ILE H    H  N N 218 
ILE H2   H  N N 219 
ILE HA   H  N N 220 
ILE HB   H  N N 221 
ILE HG12 H  N N 222 
ILE HG13 H  N N 223 
ILE HG21 H  N N 224 
ILE HG22 H  N N 225 
ILE HG23 H  N N 226 
ILE HD11 H  N N 227 
ILE HD12 H  N N 228 
ILE HD13 H  N N 229 
ILE HXT  H  N N 230 
LEU N    N  N N 231 
LEU CA   C  N S 232 
LEU C    C  N N 233 
LEU O    O  N N 234 
LEU CB   C  N N 235 
LEU CG   C  N N 236 
LEU CD1  C  N N 237 
LEU CD2  C  N N 238 
LEU OXT  O  N N 239 
LEU H    H  N N 240 
LEU H2   H  N N 241 
LEU HA   H  N N 242 
LEU HB2  H  N N 243 
LEU HB3  H  N N 244 
LEU HG   H  N N 245 
LEU HD11 H  N N 246 
LEU HD12 H  N N 247 
LEU HD13 H  N N 248 
LEU HD21 H  N N 249 
LEU HD22 H  N N 250 
LEU HD23 H  N N 251 
LEU HXT  H  N N 252 
LYS N    N  N N 253 
LYS CA   C  N S 254 
LYS C    C  N N 255 
LYS O    O  N N 256 
LYS CB   C  N N 257 
LYS CG   C  N N 258 
LYS CD   C  N N 259 
LYS CE   C  N N 260 
LYS NZ   N  N N 261 
LYS OXT  O  N N 262 
LYS H    H  N N 263 
LYS H2   H  N N 264 
LYS HA   H  N N 265 
LYS HB2  H  N N 266 
LYS HB3  H  N N 267 
LYS HG2  H  N N 268 
LYS HG3  H  N N 269 
LYS HD2  H  N N 270 
LYS HD3  H  N N 271 
LYS HE2  H  N N 272 
LYS HE3  H  N N 273 
LYS HZ1  H  N N 274 
LYS HZ2  H  N N 275 
LYS HZ3  H  N N 276 
LYS HXT  H  N N 277 
MET N    N  N N 278 
MET CA   C  N S 279 
MET C    C  N N 280 
MET O    O  N N 281 
MET CB   C  N N 282 
MET CG   C  N N 283 
MET SD   S  N N 284 
MET CE   C  N N 285 
MET OXT  O  N N 286 
MET H    H  N N 287 
MET H2   H  N N 288 
MET HA   H  N N 289 
MET HB2  H  N N 290 
MET HB3  H  N N 291 
MET HG2  H  N N 292 
MET HG3  H  N N 293 
MET HE1  H  N N 294 
MET HE2  H  N N 295 
MET HE3  H  N N 296 
MET HXT  H  N N 297 
PHE N    N  N N 298 
PHE CA   C  N S 299 
PHE C    C  N N 300 
PHE O    O  N N 301 
PHE CB   C  N N 302 
PHE CG   C  Y N 303 
PHE CD1  C  Y N 304 
PHE CD2  C  Y N 305 
PHE CE1  C  Y N 306 
PHE CE2  C  Y N 307 
PHE CZ   C  Y N 308 
PHE OXT  O  N N 309 
PHE H    H  N N 310 
PHE H2   H  N N 311 
PHE HA   H  N N 312 
PHE HB2  H  N N 313 
PHE HB3  H  N N 314 
PHE HD1  H  N N 315 
PHE HD2  H  N N 316 
PHE HE1  H  N N 317 
PHE HE2  H  N N 318 
PHE HZ   H  N N 319 
PHE HXT  H  N N 320 
PRO N    N  N N 321 
PRO CA   C  N S 322 
PRO C    C  N N 323 
PRO O    O  N N 324 
PRO CB   C  N N 325 
PRO CG   C  N N 326 
PRO CD   C  N N 327 
PRO OXT  O  N N 328 
PRO H    H  N N 329 
PRO HA   H  N N 330 
PRO HB2  H  N N 331 
PRO HB3  H  N N 332 
PRO HG2  H  N N 333 
PRO HG3  H  N N 334 
PRO HD2  H  N N 335 
PRO HD3  H  N N 336 
PRO HXT  H  N N 337 
SER N    N  N N 338 
SER CA   C  N S 339 
SER C    C  N N 340 
SER O    O  N N 341 
SER CB   C  N N 342 
SER OG   O  N N 343 
SER OXT  O  N N 344 
SER H    H  N N 345 
SER H2   H  N N 346 
SER HA   H  N N 347 
SER HB2  H  N N 348 
SER HB3  H  N N 349 
SER HG   H  N N 350 
SER HXT  H  N N 351 
SO4 S    S  N N 352 
SO4 O1   O  N N 353 
SO4 O2   O  N N 354 
SO4 O3   O  N N 355 
SO4 O4   O  N N 356 
THR N    N  N N 357 
THR CA   C  N S 358 
THR C    C  N N 359 
THR O    O  N N 360 
THR CB   C  N R 361 
THR OG1  O  N N 362 
THR CG2  C  N N 363 
THR OXT  O  N N 364 
THR H    H  N N 365 
THR H2   H  N N 366 
THR HA   H  N N 367 
THR HB   H  N N 368 
THR HG1  H  N N 369 
THR HG21 H  N N 370 
THR HG22 H  N N 371 
THR HG23 H  N N 372 
THR HXT  H  N N 373 
TRP N    N  N N 374 
TRP CA   C  N S 375 
TRP C    C  N N 376 
TRP O    O  N N 377 
TRP CB   C  N N 378 
TRP CG   C  Y N 379 
TRP CD1  C  Y N 380 
TRP CD2  C  Y N 381 
TRP NE1  N  Y N 382 
TRP CE2  C  Y N 383 
TRP CE3  C  Y N 384 
TRP CZ2  C  Y N 385 
TRP CZ3  C  Y N 386 
TRP CH2  C  Y N 387 
TRP OXT  O  N N 388 
TRP H    H  N N 389 
TRP H2   H  N N 390 
TRP HA   H  N N 391 
TRP HB2  H  N N 392 
TRP HB3  H  N N 393 
TRP HD1  H  N N 394 
TRP HE1  H  N N 395 
TRP HE3  H  N N 396 
TRP HZ2  H  N N 397 
TRP HZ3  H  N N 398 
TRP HH2  H  N N 399 
TRP HXT  H  N N 400 
TYR N    N  N N 401 
TYR CA   C  N S 402 
TYR C    C  N N 403 
TYR O    O  N N 404 
TYR CB   C  N N 405 
TYR CG   C  Y N 406 
TYR CD1  C  Y N 407 
TYR CD2  C  Y N 408 
TYR CE1  C  Y N 409 
TYR CE2  C  Y N 410 
TYR CZ   C  Y N 411 
TYR OH   O  N N 412 
TYR OXT  O  N N 413 
TYR H    H  N N 414 
TYR H2   H  N N 415 
TYR HA   H  N N 416 
TYR HB2  H  N N 417 
TYR HB3  H  N N 418 
TYR HD1  H  N N 419 
TYR HD2  H  N N 420 
TYR HE1  H  N N 421 
TYR HE2  H  N N 422 
TYR HH   H  N N 423 
TYR HXT  H  N N 424 
VAL N    N  N N 425 
VAL CA   C  N S 426 
VAL C    C  N N 427 
VAL O    O  N N 428 
VAL CB   C  N N 429 
VAL CG1  C  N N 430 
VAL CG2  C  N N 431 
VAL OXT  O  N N 432 
VAL H    H  N N 433 
VAL H2   H  N N 434 
VAL HA   H  N N 435 
VAL HB   H  N N 436 
VAL HG11 H  N N 437 
VAL HG12 H  N N 438 
VAL HG13 H  N N 439 
VAL HG21 H  N N 440 
VAL HG22 H  N N 441 
VAL HG23 H  N N 442 
VAL HXT  H  N N 443 
# 
loop_
_chem_comp_bond.comp_id 
_chem_comp_bond.atom_id_1 
_chem_comp_bond.atom_id_2 
_chem_comp_bond.value_order 
_chem_comp_bond.pdbx_aromatic_flag 
_chem_comp_bond.pdbx_stereo_config 
_chem_comp_bond.pdbx_ordinal 
ALA N   CA   sing N N 1   
ALA N   H    sing N N 2   
ALA N   H2   sing N N 3   
ALA CA  C    sing N N 4   
ALA CA  CB   sing N N 5   
ALA CA  HA   sing N N 6   
ALA C   O    doub N N 7   
ALA C   OXT  sing N N 8   
ALA CB  HB1  sing N N 9   
ALA CB  HB2  sing N N 10  
ALA CB  HB3  sing N N 11  
ALA OXT HXT  sing N N 12  
ASN N   CA   sing N N 13  
ASN N   H    sing N N 14  
ASN N   H2   sing N N 15  
ASN CA  C    sing N N 16  
ASN CA  CB   sing N N 17  
ASN CA  HA   sing N N 18  
ASN C   O    doub N N 19  
ASN C   OXT  sing N N 20  
ASN CB  CG   sing N N 21  
ASN CB  HB2  sing N N 22  
ASN CB  HB3  sing N N 23  
ASN CG  OD1  doub N N 24  
ASN CG  ND2  sing N N 25  
ASN ND2 HD21 sing N N 26  
ASN ND2 HD22 sing N N 27  
ASN OXT HXT  sing N N 28  
ASP N   CA   sing N N 29  
ASP N   H    sing N N 30  
ASP N   H2   sing N N 31  
ASP CA  C    sing N N 32  
ASP CA  CB   sing N N 33  
ASP CA  HA   sing N N 34  
ASP C   O    doub N N 35  
ASP C   OXT  sing N N 36  
ASP CB  CG   sing N N 37  
ASP CB  HB2  sing N N 38  
ASP CB  HB3  sing N N 39  
ASP CG  OD1  doub N N 40  
ASP CG  OD2  sing N N 41  
ASP OD2 HD2  sing N N 42  
ASP OXT HXT  sing N N 43  
CYS N   CA   sing N N 44  
CYS N   H    sing N N 45  
CYS N   H2   sing N N 46  
CYS CA  C    sing N N 47  
CYS CA  CB   sing N N 48  
CYS CA  HA   sing N N 49  
CYS C   O    doub N N 50  
CYS C   OXT  sing N N 51  
CYS CB  SG   sing N N 52  
CYS CB  HB2  sing N N 53  
CYS CB  HB3  sing N N 54  
CYS SG  HG   sing N N 55  
CYS OXT HXT  sing N N 56  
GLN N   CA   sing N N 57  
GLN N   H    sing N N 58  
GLN N   H2   sing N N 59  
GLN CA  C    sing N N 60  
GLN CA  CB   sing N N 61  
GLN CA  HA   sing N N 62  
GLN C   O    doub N N 63  
GLN C   OXT  sing N N 64  
GLN CB  CG   sing N N 65  
GLN CB  HB2  sing N N 66  
GLN CB  HB3  sing N N 67  
GLN CG  CD   sing N N 68  
GLN CG  HG2  sing N N 69  
GLN CG  HG3  sing N N 70  
GLN CD  OE1  doub N N 71  
GLN CD  NE2  sing N N 72  
GLN NE2 HE21 sing N N 73  
GLN NE2 HE22 sing N N 74  
GLN OXT HXT  sing N N 75  
GLU N   CA   sing N N 76  
GLU N   H    sing N N 77  
GLU N   H2   sing N N 78  
GLU CA  C    sing N N 79  
GLU CA  CB   sing N N 80  
GLU CA  HA   sing N N 81  
GLU C   O    doub N N 82  
GLU C   OXT  sing N N 83  
GLU CB  CG   sing N N 84  
GLU CB  HB2  sing N N 85  
GLU CB  HB3  sing N N 86  
GLU CG  CD   sing N N 87  
GLU CG  HG2  sing N N 88  
GLU CG  HG3  sing N N 89  
GLU CD  OE1  doub N N 90  
GLU CD  OE2  sing N N 91  
GLU OE2 HE2  sing N N 92  
GLU OXT HXT  sing N N 93  
GLY N   CA   sing N N 94  
GLY N   H    sing N N 95  
GLY N   H2   sing N N 96  
GLY CA  C    sing N N 97  
GLY CA  HA2  sing N N 98  
GLY CA  HA3  sing N N 99  
GLY C   O    doub N N 100 
GLY C   OXT  sing N N 101 
GLY OXT HXT  sing N N 102 
HEM CHA C1A  sing N N 103 
HEM CHA C4D  doub N N 104 
HEM CHA HHA  sing N N 105 
HEM CHB C4A  sing N N 106 
HEM CHB C1B  doub N N 107 
HEM CHB HHB  sing N N 108 
HEM CHC C4B  sing N N 109 
HEM CHC C1C  doub N N 110 
HEM CHC HHC  sing N N 111 
HEM CHD C4C  doub N N 112 
HEM CHD C1D  sing N N 113 
HEM CHD HHD  sing N N 114 
HEM C1A C2A  doub Y N 115 
HEM C1A NA   sing Y N 116 
HEM C2A C3A  sing Y N 117 
HEM C2A CAA  sing N N 118 
HEM C3A C4A  doub Y N 119 
HEM C3A CMA  sing N N 120 
HEM C4A NA   sing Y N 121 
HEM CMA HMA  sing N N 122 
HEM CMA HMAA sing N N 123 
HEM CMA HMAB sing N N 124 
HEM CAA CBA  sing N N 125 
HEM CAA HAA  sing N N 126 
HEM CAA HAAA sing N N 127 
HEM CBA CGA  sing N N 128 
HEM CBA HBA  sing N N 129 
HEM CBA HBAA sing N N 130 
HEM CGA O1A  doub N N 131 
HEM CGA O2A  sing N N 132 
HEM C1B C2B  sing N N 133 
HEM C1B NB   sing N N 134 
HEM C2B C3B  doub N N 135 
HEM C2B CMB  sing N N 136 
HEM C3B C4B  sing N N 137 
HEM C3B CAB  sing N N 138 
HEM C4B NB   doub N N 139 
HEM CMB HMB  sing N N 140 
HEM CMB HMBA sing N N 141 
HEM CMB HMBB sing N N 142 
HEM CAB CBB  doub N N 143 
HEM CAB HAB  sing N N 144 
HEM CBB HBB  sing N N 145 
HEM CBB HBBA sing N N 146 
HEM C1C C2C  sing Y N 147 
HEM C1C NC   sing Y N 148 
HEM C2C C3C  doub Y N 149 
HEM C2C CMC  sing N N 150 
HEM C3C C4C  sing Y N 151 
HEM C3C CAC  sing N N 152 
HEM C4C NC   sing Y N 153 
HEM CMC HMC  sing N N 154 
HEM CMC HMCA sing N N 155 
HEM CMC HMCB sing N N 156 
HEM CAC CBC  doub N N 157 
HEM CAC HAC  sing N N 158 
HEM CBC HBC  sing N N 159 
HEM CBC HBCA sing N N 160 
HEM C1D C2D  sing N N 161 
HEM C1D ND   doub N N 162 
HEM C2D C3D  doub N N 163 
HEM C2D CMD  sing N N 164 
HEM C3D C4D  sing N N 165 
HEM C3D CAD  sing N N 166 
HEM C4D ND   sing N N 167 
HEM CMD HMD  sing N N 168 
HEM CMD HMDA sing N N 169 
HEM CMD HMDB sing N N 170 
HEM CAD CBD  sing N N 171 
HEM CAD HAD  sing N N 172 
HEM CAD HADA sing N N 173 
HEM CBD CGD  sing N N 174 
HEM CBD HBD  sing N N 175 
HEM CBD HBDA sing N N 176 
HEM CGD O1D  doub N N 177 
HEM CGD O2D  sing N N 178 
HEM O2A H2A  sing N N 179 
HEM O2D H2D  sing N N 180 
HEM FE  NA   sing N N 181 
HEM FE  NB   sing N N 182 
HEM FE  NC   sing N N 183 
HEM FE  ND   sing N N 184 
HIS N   CA   sing N N 185 
HIS N   H    sing N N 186 
HIS N   H2   sing N N 187 
HIS CA  C    sing N N 188 
HIS CA  CB   sing N N 189 
HIS CA  HA   sing N N 190 
HIS C   O    doub N N 191 
HIS C   OXT  sing N N 192 
HIS CB  CG   sing N N 193 
HIS CB  HB2  sing N N 194 
HIS CB  HB3  sing N N 195 
HIS CG  ND1  sing Y N 196 
HIS CG  CD2  doub Y N 197 
HIS ND1 CE1  doub Y N 198 
HIS ND1 HD1  sing N N 199 
HIS CD2 NE2  sing Y N 200 
HIS CD2 HD2  sing N N 201 
HIS CE1 NE2  sing Y N 202 
HIS CE1 HE1  sing N N 203 
HIS NE2 HE2  sing N N 204 
HIS OXT HXT  sing N N 205 
HOH O   H1   sing N N 206 
HOH O   H2   sing N N 207 
ILE N   CA   sing N N 208 
ILE N   H    sing N N 209 
ILE N   H2   sing N N 210 
ILE CA  C    sing N N 211 
ILE CA  CB   sing N N 212 
ILE CA  HA   sing N N 213 
ILE C   O    doub N N 214 
ILE C   OXT  sing N N 215 
ILE CB  CG1  sing N N 216 
ILE CB  CG2  sing N N 217 
ILE CB  HB   sing N N 218 
ILE CG1 CD1  sing N N 219 
ILE CG1 HG12 sing N N 220 
ILE CG1 HG13 sing N N 221 
ILE CG2 HG21 sing N N 222 
ILE CG2 HG22 sing N N 223 
ILE CG2 HG23 sing N N 224 
ILE CD1 HD11 sing N N 225 
ILE CD1 HD12 sing N N 226 
ILE CD1 HD13 sing N N 227 
ILE OXT HXT  sing N N 228 
LEU N   CA   sing N N 229 
LEU N   H    sing N N 230 
LEU N   H2   sing N N 231 
LEU CA  C    sing N N 232 
LEU CA  CB   sing N N 233 
LEU CA  HA   sing N N 234 
LEU C   O    doub N N 235 
LEU C   OXT  sing N N 236 
LEU CB  CG   sing N N 237 
LEU CB  HB2  sing N N 238 
LEU CB  HB3  sing N N 239 
LEU CG  CD1  sing N N 240 
LEU CG  CD2  sing N N 241 
LEU CG  HG   sing N N 242 
LEU CD1 HD11 sing N N 243 
LEU CD1 HD12 sing N N 244 
LEU CD1 HD13 sing N N 245 
LEU CD2 HD21 sing N N 246 
LEU CD2 HD22 sing N N 247 
LEU CD2 HD23 sing N N 248 
LEU OXT HXT  sing N N 249 
LYS N   CA   sing N N 250 
LYS N   H    sing N N 251 
LYS N   H2   sing N N 252 
LYS CA  C    sing N N 253 
LYS CA  CB   sing N N 254 
LYS CA  HA   sing N N 255 
LYS C   O    doub N N 256 
LYS C   OXT  sing N N 257 
LYS CB  CG   sing N N 258 
LYS CB  HB2  sing N N 259 
LYS CB  HB3  sing N N 260 
LYS CG  CD   sing N N 261 
LYS CG  HG2  sing N N 262 
LYS CG  HG3  sing N N 263 
LYS CD  CE   sing N N 264 
LYS CD  HD2  sing N N 265 
LYS CD  HD3  sing N N 266 
LYS CE  NZ   sing N N 267 
LYS CE  HE2  sing N N 268 
LYS CE  HE3  sing N N 269 
LYS NZ  HZ1  sing N N 270 
LYS NZ  HZ2  sing N N 271 
LYS NZ  HZ3  sing N N 272 
LYS OXT HXT  sing N N 273 
MET N   CA   sing N N 274 
MET N   H    sing N N 275 
MET N   H2   sing N N 276 
MET CA  C    sing N N 277 
MET CA  CB   sing N N 278 
MET CA  HA   sing N N 279 
MET C   O    doub N N 280 
MET C   OXT  sing N N 281 
MET CB  CG   sing N N 282 
MET CB  HB2  sing N N 283 
MET CB  HB3  sing N N 284 
MET CG  SD   sing N N 285 
MET CG  HG2  sing N N 286 
MET CG  HG3  sing N N 287 
MET SD  CE   sing N N 288 
MET CE  HE1  sing N N 289 
MET CE  HE2  sing N N 290 
MET CE  HE3  sing N N 291 
MET OXT HXT  sing N N 292 
PHE N   CA   sing N N 293 
PHE N   H    sing N N 294 
PHE N   H2   sing N N 295 
PHE CA  C    sing N N 296 
PHE CA  CB   sing N N 297 
PHE CA  HA   sing N N 298 
PHE C   O    doub N N 299 
PHE C   OXT  sing N N 300 
PHE CB  CG   sing N N 301 
PHE CB  HB2  sing N N 302 
PHE CB  HB3  sing N N 303 
PHE CG  CD1  doub Y N 304 
PHE CG  CD2  sing Y N 305 
PHE CD1 CE1  sing Y N 306 
PHE CD1 HD1  sing N N 307 
PHE CD2 CE2  doub Y N 308 
PHE CD2 HD2  sing N N 309 
PHE CE1 CZ   doub Y N 310 
PHE CE1 HE1  sing N N 311 
PHE CE2 CZ   sing Y N 312 
PHE CE2 HE2  sing N N 313 
PHE CZ  HZ   sing N N 314 
PHE OXT HXT  sing N N 315 
PRO N   CA   sing N N 316 
PRO N   CD   sing N N 317 
PRO N   H    sing N N 318 
PRO CA  C    sing N N 319 
PRO CA  CB   sing N N 320 
PRO CA  HA   sing N N 321 
PRO C   O    doub N N 322 
PRO C   OXT  sing N N 323 
PRO CB  CG   sing N N 324 
PRO CB  HB2  sing N N 325 
PRO CB  HB3  sing N N 326 
PRO CG  CD   sing N N 327 
PRO CG  HG2  sing N N 328 
PRO CG  HG3  sing N N 329 
PRO CD  HD2  sing N N 330 
PRO CD  HD3  sing N N 331 
PRO OXT HXT  sing N N 332 
SER N   CA   sing N N 333 
SER N   H    sing N N 334 
SER N   H2   sing N N 335 
SER CA  C    sing N N 336 
SER CA  CB   sing N N 337 
SER CA  HA   sing N N 338 
SER C   O    doub N N 339 
SER C   OXT  sing N N 340 
SER CB  OG   sing N N 341 
SER CB  HB2  sing N N 342 
SER CB  HB3  sing N N 343 
SER OG  HG   sing N N 344 
SER OXT HXT  sing N N 345 
SO4 S   O1   doub N N 346 
SO4 S   O2   doub N N 347 
SO4 S   O3   sing N N 348 
SO4 S   O4   sing N N 349 
THR N   CA   sing N N 350 
THR N   H    sing N N 351 
THR N   H2   sing N N 352 
THR CA  C    sing N N 353 
THR CA  CB   sing N N 354 
THR CA  HA   sing N N 355 
THR C   O    doub N N 356 
THR C   OXT  sing N N 357 
THR CB  OG1  sing N N 358 
THR CB  CG2  sing N N 359 
THR CB  HB   sing N N 360 
THR OG1 HG1  sing N N 361 
THR CG2 HG21 sing N N 362 
THR CG2 HG22 sing N N 363 
THR CG2 HG23 sing N N 364 
THR OXT HXT  sing N N 365 
TRP N   CA   sing N N 366 
TRP N   H    sing N N 367 
TRP N   H2   sing N N 368 
TRP CA  C    sing N N 369 
TRP CA  CB   sing N N 370 
TRP CA  HA   sing N N 371 
TRP C   O    doub N N 372 
TRP C   OXT  sing N N 373 
TRP CB  CG   sing N N 374 
TRP CB  HB2  sing N N 375 
TRP CB  HB3  sing N N 376 
TRP CG  CD1  doub Y N 377 
TRP CG  CD2  sing Y N 378 
TRP CD1 NE1  sing Y N 379 
TRP CD1 HD1  sing N N 380 
TRP CD2 CE2  doub Y N 381 
TRP CD2 CE3  sing Y N 382 
TRP NE1 CE2  sing Y N 383 
TRP NE1 HE1  sing N N 384 
TRP CE2 CZ2  sing Y N 385 
TRP CE3 CZ3  doub Y N 386 
TRP CE3 HE3  sing N N 387 
TRP CZ2 CH2  doub Y N 388 
TRP CZ2 HZ2  sing N N 389 
TRP CZ3 CH2  sing Y N 390 
TRP CZ3 HZ3  sing N N 391 
TRP CH2 HH2  sing N N 392 
TRP OXT HXT  sing N N 393 
TYR N   CA   sing N N 394 
TYR N   H    sing N N 395 
TYR N   H2   sing N N 396 
TYR CA  C    sing N N 397 
TYR CA  CB   sing N N 398 
TYR CA  HA   sing N N 399 
TYR C   O    doub N N 400 
TYR C   OXT  sing N N 401 
TYR CB  CG   sing N N 402 
TYR CB  HB2  sing N N 403 
TYR CB  HB3  sing N N 404 
TYR CG  CD1  doub Y N 405 
TYR CG  CD2  sing Y N 406 
TYR CD1 CE1  sing Y N 407 
TYR CD1 HD1  sing N N 408 
TYR CD2 CE2  doub Y N 409 
TYR CD2 HD2  sing N N 410 
TYR CE1 CZ   doub Y N 411 
TYR CE1 HE1  sing N N 412 
TYR CE2 CZ   sing Y N 413 
TYR CE2 HE2  sing N N 414 
TYR CZ  OH   sing N N 415 
TYR OH  HH   sing N N 416 
TYR OXT HXT  sing N N 417 
VAL N   CA   sing N N 418 
VAL N   H    sing N N 419 
VAL N   H2   sing N N 420 
VAL CA  C    sing N N 421 
VAL CA  CB   sing N N 422 
VAL CA  HA   sing N N 423 
VAL C   O    doub N N 424 
VAL C   OXT  sing N N 425 
VAL CB  CG1  sing N N 426 
VAL CB  CG2  sing N N 427 
VAL CB  HB   sing N N 428 
VAL CG1 HG11 sing N N 429 
VAL CG1 HG12 sing N N 430 
VAL CG1 HG13 sing N N 431 
VAL CG2 HG21 sing N N 432 
VAL CG2 HG22 sing N N 433 
VAL CG2 HG23 sing N N 434 
VAL OXT HXT  sing N N 435 
# 
_atom_sites.entry_id                    1X3X 
_atom_sites.fract_transf_matrix[1][1]   -0.00852146 
_atom_sites.fract_transf_matrix[1][2]   0.00546522 
_atom_sites.fract_transf_matrix[1][3]   -0.00232183 
_atom_sites.fract_transf_matrix[2][1]   0.00914731 
_atom_sites.fract_transf_matrix[2][2]   0.01904417 
_atom_sites.fract_transf_matrix[2][3]   0.01125496 
_atom_sites.fract_transf_matrix[3][1]   0.00217389 
_atom_sites.fract_transf_matrix[3][2]   0.01012179 
_atom_sites.fract_transf_matrix[3][3]   -0.01889358 
_atom_sites.fract_transf_vector[1]      0.142243 
_atom_sites.fract_transf_vector[2]      0.001891 
_atom_sites.fract_transf_vector[3]      0.444356 
# 
loop_
_atom_type.symbol 
C  
FE 
N  
O  
S  
# 
loop_
_atom_site.group_PDB 
_atom_site.id 
_atom_site.type_symbol 
_atom_site.label_atom_id 
_atom_site.label_alt_id 
_atom_site.label_comp_id 
_atom_site.label_asym_id 
_atom_site.label_entity_id 
_atom_site.label_seq_id 
_atom_site.pdbx_PDB_ins_code 
_atom_site.Cartn_x 
_atom_site.Cartn_y 
_atom_site.Cartn_z 
_atom_site.occupancy 
_atom_site.B_iso_or_equiv 
_atom_site.pdbx_formal_charge 
_atom_site.auth_seq_id 
_atom_site.auth_comp_id 
_atom_site.auth_asym_id 
_atom_site.auth_atom_id 
_atom_site.pdbx_PDB_model_num 
ATOM   1    N  N   . CYS A 1 1  ? 8.708   -5.447  4.430   1.00 21.72 ? 1    CYS A N   1 
ATOM   2    C  CA  . CYS A 1 1  ? 8.007   -4.172  4.112   1.00 22.15 ? 1    CYS A CA  1 
ATOM   3    C  C   . CYS A 1 1  ? 8.148   -3.725  2.660   1.00 23.31 ? 1    CYS A C   1 
ATOM   4    O  O   . CYS A 1 1  ? 7.274   -3.037  2.133   1.00 25.43 ? 1    CYS A O   1 
ATOM   5    C  CB  . CYS A 1 1  ? 8.514   -3.055  5.019   1.00 20.43 ? 1    CYS A CB  1 
ATOM   6    S  SG  . CYS A 1 1  ? 7.827   -3.073  6.701   1.00 19.69 ? 1    CYS A SG  1 
ATOM   7    N  N   . GLY A 1 2  ? 9.246   -4.099  2.014   1.00 22.57 ? 2    GLY A N   1 
ATOM   8    C  CA  . GLY A 1 2  ? 9.436   -3.694  0.634   1.00 20.82 ? 2    GLY A CA  1 
ATOM   9    C  C   . GLY A 1 2  ? 10.146  -2.357  0.505   1.00 20.55 ? 2    GLY A C   1 
ATOM   10   O  O   . GLY A 1 2  ? 10.693  -1.839  1.483   1.00 19.47 ? 2    GLY A O   1 
ATOM   11   N  N   . ASP A 1 3  ? 10.120  -1.790  -0.699  1.00 17.82 ? 3    ASP A N   1 
ATOM   12   C  CA  . ASP A 1 3  ? 10.792  -0.525  -0.969  1.00 19.00 ? 3    ASP A CA  1 
ATOM   13   C  C   . ASP A 1 3  ? 9.896   0.705   -1.124  1.00 15.82 ? 3    ASP A C   1 
ATOM   14   O  O   . ASP A 1 3  ? 10.401  1.808   -1.325  1.00 15.61 ? 3    ASP A O   1 
ATOM   15   C  CB  . ASP A 1 3  ? 11.661  -0.665  -2.222  1.00 21.40 ? 3    ASP A CB  1 
ATOM   16   C  CG  . ASP A 1 3  ? 12.779  -1.679  -2.049  1.00 25.83 ? 3    ASP A CG  1 
ATOM   17   O  OD1 . ASP A 1 3  ? 13.452  -1.997  -3.054  1.00 29.24 ? 3    ASP A OD1 1 
ATOM   18   O  OD2 . ASP A 1 3  ? 12.990  -2.152  -0.913  1.00 26.72 ? 3    ASP A OD2 1 
ATOM   19   N  N   . LYS A 1 4  ? 8.580   0.535   -1.044  1.00 15.39 ? 4    LYS A N   1 
ATOM   20   C  CA  . LYS A 1 4  ? 7.680   1.680   -1.187  1.00 15.17 ? 4    LYS A CA  1 
ATOM   21   C  C   . LYS A 1 4  ? 7.867   2.666   -0.036  1.00 14.31 ? 4    LYS A C   1 
ATOM   22   O  O   . LYS A 1 4  ? 7.858   2.271   1.130   1.00 13.78 ? 4    LYS A O   1 
ATOM   23   C  CB  . LYS A 1 4  ? 6.220   1.224   -1.213  1.00 14.57 ? 4    LYS A CB  1 
ATOM   24   C  CG  . LYS A 1 4  ? 5.222   2.359   -1.459  1.00 15.40 ? 4    LYS A CG  1 
ATOM   25   C  CD  . LYS A 1 4  ? 5.281   2.847   -2.903  1.00 17.14 ? 4    LYS A CD  1 
ATOM   26   C  CE  . LYS A 1 4  ? 4.294   3.976   -3.167  1.00 20.77 ? 4    LYS A CE  1 
ATOM   27   N  NZ  . LYS A 1 4  ? 4.643   5.225   -2.442  1.00 22.56 ? 4    LYS A NZ  1 
ATOM   28   N  N   . LYS A 1 5  ? 8.035   3.943   -0.365  1.00 12.87 ? 5    LYS A N   1 
ATOM   29   C  CA  . LYS A 1 5  ? 8.206   4.976   0.652   1.00 13.17 ? 5    LYS A CA  1 
ATOM   30   C  C   . LYS A 1 5  ? 6.994   5.903   0.661   1.00 13.63 ? 5    LYS A C   1 
ATOM   31   O  O   . LYS A 1 5  ? 6.464   6.251   -0.396  1.00 14.67 ? 5    LYS A O   1 
ATOM   32   C  CB  . LYS A 1 5  ? 9.469   5.801   0.376   1.00 14.48 ? 5    LYS A CB  1 
ATOM   33   C  CG  . LYS A 1 5  ? 10.742  4.979   0.236   1.00 20.05 ? 5    LYS A CG  1 
ATOM   34   C  CD  . LYS A 1 5  ? 11.041  4.162   1.488   1.00 23.61 ? 5    LYS A CD  1 
ATOM   35   C  CE  . LYS A 1 5  ? 12.346  3.387   1.325   1.00 26.45 ? 5    LYS A CE  1 
ATOM   36   N  NZ  . LYS A 1 5  ? 12.657  2.521   2.498   1.00 28.18 ? 5    LYS A NZ  1 
ATOM   37   N  N   . TYR A 1 6  ? 6.570   6.298   1.859   1.00 12.44 ? 6    TYR A N   1 
ATOM   38   C  CA  . TYR A 1 6  ? 5.427   7.186   2.039   1.00 13.76 ? 6    TYR A CA  1 
ATOM   39   C  C   . TYR A 1 6  ? 5.759   8.310   3.009   1.00 14.33 ? 6    TYR A C   1 
ATOM   40   O  O   . TYR A 1 6  ? 6.551   8.128   3.931   1.00 14.64 ? 6    TYR A O   1 
ATOM   41   C  CB  . TYR A 1 6  ? 4.229   6.439   2.630   1.00 11.90 ? 6    TYR A CB  1 
ATOM   42   C  CG  . TYR A 1 6  ? 3.564   5.428   1.730   1.00 13.18 ? 6    TYR A CG  1 
ATOM   43   C  CD1 . TYR A 1 6  ? 3.768   4.062   1.918   1.00 11.55 ? 6    TYR A CD1 1 
ATOM   44   C  CD2 . TYR A 1 6  ? 2.696   5.835   0.721   1.00 11.75 ? 6    TYR A CD2 1 
ATOM   45   C  CE1 . TYR A 1 6  ? 3.113   3.121   1.121   1.00 12.57 ? 6    TYR A CE1 1 
ATOM   46   C  CE2 . TYR A 1 6  ? 2.041   4.908   -0.083  1.00 11.47 ? 6    TYR A CE2 1 
ATOM   47   C  CZ  . TYR A 1 6  ? 2.253   3.552   0.125   1.00 11.21 ? 6    TYR A CZ  1 
ATOM   48   O  OH  . TYR A 1 6  ? 1.585   2.638   -0.652  1.00 11.19 ? 6    TYR A OH  1 
ATOM   49   N  N   . THR A 1 7  ? 5.135   9.466   2.806   1.00 16.35 ? 7    THR A N   1 
ATOM   50   C  CA  . THR A 1 7  ? 5.319   10.593  3.708   1.00 16.50 ? 7    THR A CA  1 
ATOM   51   C  C   . THR A 1 7  ? 4.234   10.443  4.769   1.00 17.69 ? 7    THR A C   1 
ATOM   52   O  O   . THR A 1 7  ? 3.224   9.781   4.538   1.00 13.89 ? 7    THR A O   1 
ATOM   53   C  CB  . THR A 1 7  ? 5.095   11.940  3.000   1.00 18.66 ? 7    THR A CB  1 
ATOM   54   O  OG1 . THR A 1 7  ? 3.754   11.995  2.492   1.00 18.37 ? 7    THR A OG1 1 
ATOM   55   C  CG2 . THR A 1 7  ? 6.072   12.110  1.856   1.00 19.52 ? 7    THR A CG2 1 
ATOM   56   N  N   . LYS A 1 8  ? 4.435   11.054  5.928   1.00 18.13 ? 8    LYS A N   1 
ATOM   57   C  CA  . LYS A 1 8  ? 3.435   10.970  6.982   1.00 20.17 ? 8    LYS A CA  1 
ATOM   58   C  C   . LYS A 1 8  ? 2.117   11.568  6.500   1.00 18.51 ? 8    LYS A C   1 
ATOM   59   O  O   . LYS A 1 8  ? 1.042   11.106  6.880   1.00 16.91 ? 8    LYS A O   1 
ATOM   60   C  CB  . LYS A 1 8  ? 3.921   11.705  8.231   1.00 21.71 ? 8    LYS A CB  1 
ATOM   61   C  CG  . LYS A 1 8  ? 5.160   11.090  8.851   1.00 26.89 ? 8    LYS A CG  1 
ATOM   62   C  CD  . LYS A 1 8  ? 5.581   11.838  10.107  1.00 30.53 ? 8    LYS A CD  1 
ATOM   63   C  CE  . LYS A 1 8  ? 6.855   11.254  10.694  1.00 33.03 ? 8    LYS A CE  1 
ATOM   64   N  NZ  . LYS A 1 8  ? 8.005   11.359  9.753   1.00 35.33 ? 8    LYS A NZ  1 
ATOM   65   N  N   . GLU A 1 9  ? 2.207   12.592  5.655   1.00 19.77 ? 9    GLU A N   1 
ATOM   66   C  CA  . GLU A 1 9  ? 1.021   13.254  5.120   1.00 20.36 ? 9    GLU A CA  1 
ATOM   67   C  C   . GLU A 1 9  ? 0.154   12.317  4.277   1.00 18.61 ? 9    GLU A C   1 
ATOM   68   O  O   . GLU A 1 9  ? -1.067  12.309  4.420   1.00 17.27 ? 9    GLU A O   1 
ATOM   69   C  CB  . GLU A 1 9  ? 1.427   14.469  4.279   1.00 25.05 ? 9    GLU A CB  1 
ATOM   70   C  CG  . GLU A 1 9  ? 2.046   15.606  5.078   1.00 29.89 ? 9    GLU A CG  1 
ATOM   71   C  CD  . GLU A 1 9  ? 3.244   15.168  5.897   1.00 33.10 ? 9    GLU A CD  1 
ATOM   72   O  OE1 . GLU A 1 9  ? 4.208   14.627  5.313   1.00 32.66 ? 9    GLU A OE1 1 
ATOM   73   O  OE2 . GLU A 1 9  ? 3.216   15.367  7.130   1.00 37.05 ? 9    GLU A OE2 1 
ATOM   74   N  N   . GLU A 1 10 ? 0.779   11.542  3.393   1.00 17.03 ? 10   GLU A N   1 
ATOM   75   C  CA  . GLU A 1 10 ? 0.037   10.606  2.554   1.00 15.18 ? 10   GLU A CA  1 
ATOM   76   C  C   . GLU A 1 10 ? -0.611  9.525   3.411   1.00 13.24 ? 10   GLU A C   1 
ATOM   77   O  O   . GLU A 1 10 ? -1.772  9.177   3.203   1.00 12.43 ? 10   GLU A O   1 
ATOM   78   C  CB  . GLU A 1 10 ? 0.965   9.962   1.514   1.00 18.21 ? 10   GLU A CB  1 
ATOM   79   C  CG  . GLU A 1 10 ? 0.398   8.727   0.784   1.00 20.14 ? 10   GLU A CG  1 
ATOM   80   C  CD  . GLU A 1 10 ? -0.824  9.012   -0.089  1.00 22.50 ? 10   GLU A CD  1 
ATOM   81   O  OE1 . GLU A 1 10 ? -0.878  10.079  -0.743  1.00 18.88 ? 10   GLU A OE1 1 
ATOM   82   O  OE2 . GLU A 1 10 ? -1.727  8.145   -0.144  1.00 20.42 ? 10   GLU A OE2 1 
ATOM   83   N  N   . VAL A 1 11 ? 0.134   8.997   4.379   1.00 13.09 ? 11   VAL A N   1 
ATOM   84   C  CA  . VAL A 1 11 ? -0.411  7.957   5.250   1.00 13.03 ? 11   VAL A CA  1 
ATOM   85   C  C   . VAL A 1 11 ? -1.654  8.469   5.979   1.00 12.04 ? 11   VAL A C   1 
ATOM   86   O  O   . VAL A 1 11 ? -2.628  7.737   6.163   1.00 10.30 ? 11   VAL A O   1 
ATOM   87   C  CB  . VAL A 1 11 ? 0.624   7.500   6.309   1.00 12.96 ? 11   VAL A CB  1 
ATOM   88   C  CG1 . VAL A 1 11 ? -0.003  6.465   7.235   1.00 12.86 ? 11   VAL A CG1 1 
ATOM   89   C  CG2 . VAL A 1 11 ? 1.850   6.913   5.625   1.00 11.38 ? 11   VAL A CG2 1 
ATOM   90   N  N   . ALA A 1 12 ? -1.622  9.738   6.379   1.00 11.59 ? 12   ALA A N   1 
ATOM   91   C  CA  . ALA A 1 12 ? -2.735  10.331  7.108   1.00 11.87 ? 12   ALA A CA  1 
ATOM   92   C  C   . ALA A 1 12 ? -4.078  10.233  6.387   1.00 11.49 ? 12   ALA A C   1 
ATOM   93   O  O   . ALA A 1 12 ? -5.124  10.155  7.028   1.00 10.81 ? 12   ALA A O   1 
ATOM   94   C  CB  . ALA A 1 12 ? -2.423  11.800  7.431   1.00 13.41 ? 12   ALA A CB  1 
ATOM   95   N  N   . LYS A 1 13 ? -4.046  10.229  5.057   1.00 12.61 ? 13   LYS A N   1 
ATOM   96   C  CA  . LYS A 1 13 ? -5.270  10.171  4.260   1.00 13.35 ? 13   LYS A CA  1 
ATOM   97   C  C   . LYS A 1 13 ? -6.032  8.853   4.383   1.00 13.46 ? 13   LYS A C   1 
ATOM   98   O  O   . LYS A 1 13 ? -7.217  8.780   4.069   1.00 12.25 ? 13   LYS A O   1 
ATOM   99   C  CB  . LYS A 1 13 ? -4.931  10.448  2.790   1.00 15.65 ? 13   LYS A CB  1 
ATOM   100  C  CG  . LYS A 1 13 ? -4.095  11.713  2.599   1.00 20.41 ? 13   LYS A CG  1 
ATOM   101  C  CD  . LYS A 1 13 ? -3.689  11.951  1.148   1.00 24.44 ? 13   LYS A CD  1 
ATOM   102  C  CE  . LYS A 1 13 ? -4.829  12.537  0.329   1.00 27.47 ? 13   LYS A CE  1 
ATOM   103  N  NZ  . LYS A 1 13 ? -4.381  12.919  -1.048  1.00 29.38 ? 13   LYS A NZ  1 
ATOM   104  N  N   . HIS A 1 14 ? -5.354  7.813   4.853   1.00 12.57 ? 14   HIS A N   1 
ATOM   105  C  CA  . HIS A 1 14 ? -5.983  6.504   4.993   1.00 12.18 ? 14   HIS A CA  1 
ATOM   106  C  C   . HIS A 1 14 ? -6.462  6.324   6.424   1.00 13.60 ? 14   HIS A C   1 
ATOM   107  O  O   . HIS A 1 14 ? -5.881  5.564   7.203   1.00 13.06 ? 14   HIS A O   1 
ATOM   108  C  CB  . HIS A 1 14 ? -4.966  5.441   4.592   1.00 12.87 ? 14   HIS A CB  1 
ATOM   109  C  CG  . HIS A 1 14 ? -4.355  5.699   3.251   1.00 13.05 ? 14   HIS A CG  1 
ATOM   110  N  ND1 . HIS A 1 14 ? -4.947  5.292   2.074   1.00 14.70 ? 14   HIS A ND1 1 
ATOM   111  C  CD2 . HIS A 1 14 ? -3.262  6.413   2.894   1.00 13.24 ? 14   HIS A CD2 1 
ATOM   112  C  CE1 . HIS A 1 14 ? -4.245  5.747   1.051   1.00 15.52 ? 14   HIS A CE1 1 
ATOM   113  N  NE2 . HIS A 1 14 ? -3.218  6.431   1.521   1.00 15.55 ? 14   HIS A NE2 1 
ATOM   114  N  N   . ASN A 1 15 ? -7.542  7.028   6.754   1.00 12.84 ? 15   ASN A N   1 
ATOM   115  C  CA  . ASN A 1 15 ? -8.089  7.009   8.102   1.00 11.78 ? 15   ASN A CA  1 
ATOM   116  C  C   . ASN A 1 15 ? -9.542  6.559   8.242   1.00 13.19 ? 15   ASN A C   1 
ATOM   117  O  O   . ASN A 1 15 ? -10.243 7.028   9.132   1.00 13.98 ? 15   ASN A O   1 
ATOM   118  C  CB  . ASN A 1 15 ? -7.935  8.400   8.732   1.00 11.53 ? 15   ASN A CB  1 
ATOM   119  C  CG  . ASN A 1 15 ? -8.856  9.440   8.102   1.00 13.94 ? 15   ASN A CG  1 
ATOM   120  O  OD1 . ASN A 1 15 ? -9.034  10.531  8.648   1.00 16.28 ? 15   ASN A OD1 1 
ATOM   121  N  ND2 . ASN A 1 15 ? -9.437  9.111   6.954   1.00 12.06 ? 15   ASN A ND2 1 
ATOM   122  N  N   . THR A 1 16 ? -9.995  5.648   7.385   1.00 12.69 ? 16   THR A N   1 
ATOM   123  C  CA  . THR A 1 16 ? -11.372 5.164   7.477   1.00 13.51 ? 16   THR A CA  1 
ATOM   124  C  C   . THR A 1 16 ? -11.402 3.643   7.553   1.00 13.52 ? 16   THR A C   1 
ATOM   125  O  O   . THR A 1 16 ? -10.409 2.985   7.255   1.00 13.85 ? 16   THR A O   1 
ATOM   126  C  CB  . THR A 1 16 ? -12.214 5.611   6.271   1.00 12.19 ? 16   THR A CB  1 
ATOM   127  O  OG1 . THR A 1 16 ? -11.679 5.032   5.076   1.00 14.92 ? 16   THR A OG1 1 
ATOM   128  C  CG2 . THR A 1 16 ? -12.207 7.133   6.149   1.00 13.58 ? 16   THR A CG2 1 
ATOM   129  N  N   . GLN A 1 17 ? -12.542 3.079   7.938   1.00 16.09 ? 17   GLN A N   1 
ATOM   130  C  CA  . GLN A 1 17 ? -12.633 1.629   8.053   1.00 17.18 ? 17   GLN A CA  1 
ATOM   131  C  C   . GLN A 1 17 ? -12.403 0.875   6.747   1.00 18.75 ? 17   GLN A C   1 
ATOM   132  O  O   . GLN A 1 17 ? -12.012 -0.291  6.772   1.00 18.44 ? 17   GLN A O   1 
ATOM   133  C  CB  . GLN A 1 17 ? -13.974 1.210   8.672   1.00 19.05 ? 17   GLN A CB  1 
ATOM   134  C  CG  . GLN A 1 17 ? -15.210 1.696   7.954   1.00 23.12 ? 17   GLN A CG  1 
ATOM   135  C  CD  . GLN A 1 17 ? -16.473 1.090   8.538   1.00 24.09 ? 17   GLN A CD  1 
ATOM   136  O  OE1 . GLN A 1 17 ? -16.750 -0.096  8.350   1.00 26.96 ? 17   GLN A OE1 1 
ATOM   137  N  NE2 . GLN A 1 17 ? -17.237 1.896   9.261   1.00 26.06 ? 17   GLN A NE2 1 
ATOM   138  N  N   . ASN A 1 18 ? -12.626 1.531   5.611   1.00 18.07 ? 18   ASN A N   1 
ATOM   139  C  CA  . ASN A 1 18 ? -12.420 0.873   4.321   1.00 19.82 ? 18   ASN A CA  1 
ATOM   140  C  C   . ASN A 1 18 ? -11.100 1.258   3.658   1.00 18.05 ? 18   ASN A C   1 
ATOM   141  O  O   . ASN A 1 18 ? -10.795 0.812   2.553   1.00 16.94 ? 18   ASN A O   1 
ATOM   142  C  CB  . ASN A 1 18 ? -13.575 1.195   3.373   1.00 24.73 ? 18   ASN A CB  1 
ATOM   143  C  CG  . ASN A 1 18 ? -14.881 0.593   3.832   1.00 26.96 ? 18   ASN A CG  1 
ATOM   144  O  OD1 . ASN A 1 18 ? -14.983 -0.619  4.025   1.00 31.26 ? 18   ASN A OD1 1 
ATOM   145  N  ND2 . ASN A 1 18 ? -15.890 1.433   4.009   1.00 30.92 ? 18   ASN A ND2 1 
ATOM   146  N  N   . ASP A 1 19 ? -10.319 2.081   4.349   1.00 15.88 ? 19   ASP A N   1 
ATOM   147  C  CA  . ASP A 1 19 ? -9.027  2.558   3.855   1.00 15.95 ? 19   ASP A CA  1 
ATOM   148  C  C   . ASP A 1 19 ? -8.272  2.925   5.127   1.00 14.68 ? 19   ASP A C   1 
ATOM   149  O  O   . ASP A 1 19 ? -8.153  4.101   5.475   1.00 11.96 ? 19   ASP A O   1 
ATOM   150  C  CB  . ASP A 1 19 ? -9.243  3.797   2.984   1.00 17.96 ? 19   ASP A CB  1 
ATOM   151  C  CG  . ASP A 1 19 ? -7.953  4.356   2.427   1.00 18.96 ? 19   ASP A CG  1 
ATOM   152  O  OD1 . ASP A 1 19 ? -7.967  5.523   1.978   1.00 19.51 ? 19   ASP A OD1 1 
ATOM   153  O  OD2 . ASP A 1 19 ? -6.930  3.636   2.430   1.00 17.22 ? 19   ASP A OD2 1 
ATOM   154  N  N   . LEU A 1 20 ? -7.749  1.905   5.803   1.00 13.32 ? 20   LEU A N   1 
ATOM   155  C  CA  . LEU A 1 20 ? -7.087  2.097   7.084   1.00 12.35 ? 20   LEU A CA  1 
ATOM   156  C  C   . LEU A 1 20 ? -5.622  1.679   7.167   1.00 13.40 ? 20   LEU A C   1 
ATOM   157  O  O   . LEU A 1 20 ? -5.301  0.488   7.159   1.00 13.58 ? 20   LEU A O   1 
ATOM   158  C  CB  . LEU A 1 20 ? -7.885  1.337   8.147   1.00 12.87 ? 20   LEU A CB  1 
ATOM   159  C  CG  . LEU A 1 20 ? -7.868  1.772   9.615   1.00 13.03 ? 20   LEU A CG  1 
ATOM   160  C  CD1 . LEU A 1 20 ? -8.767  0.831   10.404  1.00 15.49 ? 20   LEU A CD1 1 
ATOM   161  C  CD2 . LEU A 1 20 ? -6.460  1.766   10.167  1.00 14.64 ? 20   LEU A CD2 1 
ATOM   162  N  N   . TRP A 1 21 ? -4.739  2.665   7.262   1.00 10.95 ? 21   TRP A N   1 
ATOM   163  C  CA  . TRP A 1 21 ? -3.312  2.398   7.390   1.00 10.79 ? 21   TRP A CA  1 
ATOM   164  C  C   . TRP A 1 21 ? -2.871  2.905   8.751   1.00 11.12 ? 21   TRP A C   1 
ATOM   165  O  O   . TRP A 1 21 ? -3.510  3.778   9.338   1.00 13.23 ? 21   TRP A O   1 
ATOM   166  C  CB  . TRP A 1 21 ? -2.500  3.163   6.342   1.00 10.12 ? 21   TRP A CB  1 
ATOM   167  C  CG  . TRP A 1 21 ? -2.706  2.777   4.925   1.00 10.38 ? 21   TRP A CG  1 
ATOM   168  C  CD1 . TRP A 1 21 ? -3.652  1.933   4.419   1.00 10.73 ? 21   TRP A CD1 1 
ATOM   169  C  CD2 . TRP A 1 21 ? -1.966  3.273   3.808   1.00 9.60  ? 21   TRP A CD2 1 
ATOM   170  N  NE1 . TRP A 1 21 ? -3.548  1.876   3.046   1.00 10.65 ? 21   TRP A NE1 1 
ATOM   171  C  CE2 . TRP A 1 21 ? -2.520  2.691   2.646   1.00 9.71  ? 21   TRP A CE2 1 
ATOM   172  C  CE3 . TRP A 1 21 ? -0.883  4.157   3.674   1.00 8.43  ? 21   TRP A CE3 1 
ATOM   173  C  CZ2 . TRP A 1 21 ? -2.032  2.965   1.368   1.00 11.44 ? 21   TRP A CZ2 1 
ATOM   174  C  CZ3 . TRP A 1 21 ? -0.398  4.430   2.403   1.00 11.88 ? 21   TRP A CZ3 1 
ATOM   175  C  CH2 . TRP A 1 21 ? -0.973  3.836   1.265   1.00 12.04 ? 21   TRP A CH2 1 
ATOM   176  N  N   . ILE A 1 22 ? -1.777  2.351   9.255   1.00 11.93 ? 22   ILE A N   1 
ATOM   177  C  CA  . ILE A 1 22 ? -1.212  2.799   10.518  1.00 12.90 ? 22   ILE A CA  1 
ATOM   178  C  C   . ILE A 1 22 ? 0.299   2.729   10.378  1.00 12.80 ? 22   ILE A C   1 
ATOM   179  O  O   . ILE A 1 22 ? 0.825   2.032   9.499   1.00 13.18 ? 22   ILE A O   1 
ATOM   180  C  CB  . ILE A 1 22 ? -1.675  1.929   11.733  1.00 13.12 ? 22   ILE A CB  1 
ATOM   181  C  CG1 . ILE A 1 22 ? -1.290  0.463   11.531  1.00 14.32 ? 22   ILE A CG1 1 
ATOM   182  C  CG2 . ILE A 1 22 ? -3.169  2.101   11.959  1.00 12.13 ? 22   ILE A CG2 1 
ATOM   183  C  CD1 . ILE A 1 22 ? 0.128   0.126   11.983  1.00 16.87 ? 22   ILE A CD1 1 
ATOM   184  N  N   . ILE A 1 23 ? 0.999   3.486   11.210  1.00 11.99 ? 23   ILE A N   1 
ATOM   185  C  CA  . ILE A 1 23 ? 2.453   3.478   11.189  1.00 11.65 ? 23   ILE A CA  1 
ATOM   186  C  C   . ILE A 1 23 ? 2.942   2.778   12.450  1.00 12.74 ? 23   ILE A C   1 
ATOM   187  O  O   . ILE A 1 23 ? 2.449   3.036   13.552  1.00 11.71 ? 23   ILE A O   1 
ATOM   188  C  CB  . ILE A 1 23 ? 3.028   4.915   11.136  1.00 12.07 ? 23   ILE A CB  1 
ATOM   189  C  CG1 . ILE A 1 23 ? 2.717   5.543   9.775   1.00 12.44 ? 23   ILE A CG1 1 
ATOM   190  C  CG2 . ILE A 1 23 ? 4.542   4.888   11.370  1.00 11.75 ? 23   ILE A CG2 1 
ATOM   191  C  CD1 . ILE A 1 23 ? 2.971   7.044   9.714   1.00 13.24 ? 23   ILE A CD1 1 
ATOM   192  N  N   . TYR A 1 24 ? 3.893   1.869   12.273  1.00 12.00 ? 24   TYR A N   1 
ATOM   193  C  CA  . TYR A 1 24 ? 4.465   1.125   13.386  1.00 13.19 ? 24   TYR A CA  1 
ATOM   194  C  C   . TYR A 1 24 ? 5.972   1.055   13.205  1.00 13.67 ? 24   TYR A C   1 
ATOM   195  O  O   . TYR A 1 24 ? 6.456   0.454   12.248  1.00 13.37 ? 24   TYR A O   1 
ATOM   196  C  CB  . TYR A 1 24 ? 3.912   -0.302  13.427  1.00 11.68 ? 24   TYR A CB  1 
ATOM   197  C  CG  . TYR A 1 24 ? 4.536   -1.145  14.517  1.00 11.40 ? 24   TYR A CG  1 
ATOM   198  C  CD1 . TYR A 1 24 ? 4.046   -1.100  15.824  1.00 12.39 ? 24   TYR A CD1 1 
ATOM   199  C  CD2 . TYR A 1 24 ? 5.646   -1.949  14.257  1.00 12.79 ? 24   TYR A CD2 1 
ATOM   200  C  CE1 . TYR A 1 24 ? 4.644   -1.835  16.845  1.00 12.80 ? 24   TYR A CE1 1 
ATOM   201  C  CE2 . TYR A 1 24 ? 6.257   -2.690  15.277  1.00 13.36 ? 24   TYR A CE2 1 
ATOM   202  C  CZ  . TYR A 1 24 ? 5.746   -2.624  16.566  1.00 12.96 ? 24   TYR A CZ  1 
ATOM   203  O  OH  . TYR A 1 24 ? 6.336   -3.346  17.578  1.00 13.97 ? 24   TYR A OH  1 
ATOM   204  N  N   . ASP A 1 25 ? 6.710   1.673   14.118  1.00 13.75 ? 25   ASP A N   1 
ATOM   205  C  CA  . ASP A 1 25 ? 8.166   1.639   14.062  1.00 14.78 ? 25   ASP A CA  1 
ATOM   206  C  C   . ASP A 1 25 ? 8.659   2.070   12.681  1.00 14.99 ? 25   ASP A C   1 
ATOM   207  O  O   . ASP A 1 25 ? 9.498   1.401   12.080  1.00 15.72 ? 25   ASP A O   1 
ATOM   208  C  CB  . ASP A 1 25 ? 8.643   0.214   14.364  1.00 16.82 ? 25   ASP A CB  1 
ATOM   209  C  CG  . ASP A 1 25 ? 10.121  0.138   14.705  1.00 18.26 ? 25   ASP A CG  1 
ATOM   210  O  OD1 . ASP A 1 25 ? 10.671  -0.983  14.666  1.00 18.43 ? 25   ASP A OD1 1 
ATOM   211  O  OD2 . ASP A 1 25 ? 10.729  1.182   15.023  1.00 17.65 ? 25   ASP A OD2 1 
ATOM   212  N  N   . GLY A 1 26 ? 8.125   3.180   12.177  1.00 15.61 ? 26   GLY A N   1 
ATOM   213  C  CA  . GLY A 1 26 ? 8.538   3.676   10.871  1.00 16.35 ? 26   GLY A CA  1 
ATOM   214  C  C   . GLY A 1 26 ? 8.046   2.876   9.674   1.00 15.03 ? 26   GLY A C   1 
ATOM   215  O  O   . GLY A 1 26 ? 8.447   3.142   8.539   1.00 15.68 ? 26   GLY A O   1 
ATOM   216  N  N   . GLU A 1 27 ? 7.176   1.902   9.917   1.00 13.02 ? 27   GLU A N   1 
ATOM   217  C  CA  . GLU A 1 27 ? 6.627   1.064   8.850   1.00 12.44 ? 27   GLU A CA  1 
ATOM   218  C  C   . GLU A 1 27 ? 5.183   1.457   8.558   1.00 11.22 ? 27   GLU A C   1 
ATOM   219  O  O   . GLU A 1 27 ? 4.450   1.854   9.459   1.00 10.98 ? 27   GLU A O   1 
ATOM   220  C  CB  . GLU A 1 27 ? 6.638   -0.410  9.270   1.00 12.27 ? 27   GLU A CB  1 
ATOM   221  C  CG  . GLU A 1 27 ? 8.003   -0.962  9.640   1.00 13.82 ? 27   GLU A CG  1 
ATOM   222  C  CD  . GLU A 1 27 ? 7.909   -2.297  10.361  1.00 14.33 ? 27   GLU A CD  1 
ATOM   223  O  OE1 . GLU A 1 27 ? 8.969   -2.885  10.661  1.00 15.64 ? 27   GLU A OE1 1 
ATOM   224  O  OE2 . GLU A 1 27 ? 6.777   -2.755  10.634  1.00 13.76 ? 27   GLU A OE2 1 
ATOM   225  N  N   . VAL A 1 28 ? 4.773   1.340   7.300   1.00 9.89  ? 28   VAL A N   1 
ATOM   226  C  CA  . VAL A 1 28 ? 3.396   1.651   6.938   1.00 8.99  ? 28   VAL A CA  1 
ATOM   227  C  C   . VAL A 1 28 ? 2.665   0.323   6.762   1.00 8.72  ? 28   VAL A C   1 
ATOM   228  O  O   . VAL A 1 28 ? 3.091   -0.524  5.981   1.00 10.60 ? 28   VAL A O   1 
ATOM   229  C  CB  . VAL A 1 28 ? 3.319   2.445   5.625   1.00 9.87  ? 28   VAL A CB  1 
ATOM   230  C  CG1 . VAL A 1 28 ? 1.871   2.766   5.302   1.00 11.14 ? 28   VAL A CG1 1 
ATOM   231  C  CG2 . VAL A 1 28 ? 4.139   3.721   5.741   1.00 10.60 ? 28   VAL A CG2 1 
ATOM   232  N  N   . HIS A 1 29 ? 1.570   0.149   7.495   1.00 8.61  ? 29   HIS A N   1 
ATOM   233  C  CA  . HIS A 1 29 ? 0.784   -1.080  7.439   1.00 9.92  ? 29   HIS A CA  1 
ATOM   234  C  C   . HIS A 1 29 ? -0.655  -0.844  6.993   1.00 9.93  ? 29   HIS A C   1 
ATOM   235  O  O   . HIS A 1 29 ? -1.322  0.061   7.491   1.00 9.32  ? 29   HIS A O   1 
ATOM   236  C  CB  . HIS A 1 29 ? 0.763   -1.740  8.819   1.00 10.47 ? 29   HIS A CB  1 
ATOM   237  C  CG  . HIS A 1 29 ? 2.098   -2.248  9.265   1.00 12.14 ? 29   HIS A CG  1 
ATOM   238  N  ND1 . HIS A 1 29 ? 2.447   -3.580  9.197   1.00 12.15 ? 29   HIS A ND1 1 
ATOM   239  C  CD2 . HIS A 1 29 ? 3.180   -1.599  9.756   1.00 12.44 ? 29   HIS A CD2 1 
ATOM   240  C  CE1 . HIS A 1 29 ? 3.687   -3.729  9.629   1.00 13.10 ? 29   HIS A CE1 1 
ATOM   241  N  NE2 . HIS A 1 29 ? 4.154   -2.543  9.973   1.00 12.56 ? 29   HIS A NE2 1 
ATOM   242  N  N   . ASP A 1 30 ? -1.133  -1.657  6.056   1.00 9.43  ? 30   ASP A N   1 
ATOM   243  C  CA  . ASP A 1 30 ? -2.512  -1.533  5.587   1.00 10.67 ? 30   ASP A CA  1 
ATOM   244  C  C   . ASP A 1 30 ? -3.363  -2.496  6.412   1.00 11.96 ? 30   ASP A C   1 
ATOM   245  O  O   . ASP A 1 30 ? -3.318  -3.710  6.204   1.00 11.23 ? 30   ASP A O   1 
ATOM   246  C  CB  . ASP A 1 30 ? -2.616  -1.883  4.098   1.00 11.66 ? 30   ASP A CB  1 
ATOM   247  C  CG  . ASP A 1 30 ? -4.044  -1.807  3.583   1.00 13.10 ? 30   ASP A CG  1 
ATOM   248  O  OD1 . ASP A 1 30 ? -4.268  -2.098  2.391   1.00 12.85 ? 30   ASP A OD1 1 
ATOM   249  O  OD2 . ASP A 1 30 ? -4.944  -1.451  4.375   1.00 12.93 ? 30   ASP A OD2 1 
ATOM   250  N  N   . MET A 1 31 ? -4.136  -1.945  7.346   1.00 12.25 ? 31   MET A N   1 
ATOM   251  C  CA  . MET A 1 31 ? -4.982  -2.736  8.240   1.00 13.34 ? 31   MET A CA  1 
ATOM   252  C  C   . MET A 1 31 ? -6.449  -2.800  7.815   1.00 14.82 ? 31   MET A C   1 
ATOM   253  O  O   . MET A 1 31 ? -7.295  -3.277  8.573   1.00 14.62 ? 31   MET A O   1 
ATOM   254  C  CB  . MET A 1 31 ? -4.926  -2.149  9.654   1.00 14.04 ? 31   MET A CB  1 
ATOM   255  C  CG  . MET A 1 31 ? -3.538  -1.806  10.145  1.00 16.59 ? 31   MET A CG  1 
ATOM   256  S  SD  . MET A 1 31 ? -2.452  -3.233  10.146  1.00 21.33 ? 31   MET A SD  1 
ATOM   257  C  CE  . MET A 1 31 ? -3.428  -4.385  11.089  1.00 14.72 ? 31   MET A CE  1 
ATOM   258  N  N   . THR A 1 32 ? -6.751  -2.330  6.610   1.00 14.88 ? 32   THR A N   1 
ATOM   259  C  CA  . THR A 1 32 ? -8.128  -2.312  6.124   1.00 15.51 ? 32   THR A CA  1 
ATOM   260  C  C   . THR A 1 32 ? -8.891  -3.620  6.330   1.00 17.70 ? 32   THR A C   1 
ATOM   261  O  O   . THR A 1 32 ? -10.008 -3.613  6.846   1.00 17.39 ? 32   THR A O   1 
ATOM   262  C  CB  . THR A 1 32 ? -8.187  -1.946  4.630   1.00 15.28 ? 32   THR A CB  1 
ATOM   263  O  OG1 . THR A 1 32 ? -7.561  -0.673  4.423   1.00 13.75 ? 32   THR A OG1 1 
ATOM   264  C  CG2 . THR A 1 32 ? -9.640  -1.864  4.157   1.00 16.28 ? 32   THR A CG2 1 
ATOM   265  N  N   . SER A 1 33 ? -8.289  -4.735  5.928   1.00 19.21 ? 33   SER A N   1 
ATOM   266  C  CA  . SER A 1 33 ? -8.936  -6.039  6.056   1.00 22.10 ? 33   SER A CA  1 
ATOM   267  C  C   . SER A 1 33 ? -9.106  -6.500  7.502   1.00 22.39 ? 33   SER A C   1 
ATOM   268  O  O   . SER A 1 33 ? -9.924  -7.375  7.789   1.00 23.46 ? 33   SER A O   1 
ATOM   269  C  CB  . SER A 1 33 ? -8.138  -7.097  5.282   1.00 22.38 ? 33   SER A CB  1 
ATOM   270  O  OG  . SER A 1 33 ? -8.086  -6.787  3.901   1.00 29.88 ? 33   SER A OG  1 
ATOM   271  N  N   . PHE A 1 34 ? -8.345  -5.899  8.409   1.00 20.47 ? 34   PHE A N   1 
ATOM   272  C  CA  . PHE A 1 34 ? -8.381  -6.264  9.821   1.00 20.63 ? 34   PHE A CA  1 
ATOM   273  C  C   . PHE A 1 34 ? -9.431  -5.517  10.645  1.00 19.36 ? 34   PHE A C   1 
ATOM   274  O  O   . PHE A 1 34 ? -9.751  -5.923  11.761  1.00 18.93 ? 34   PHE A O   1 
ATOM   275  C  CB  . PHE A 1 34 ? -6.993  -6.033  10.430  1.00 19.01 ? 34   PHE A CB  1 
ATOM   276  C  CG  . PHE A 1 34 ? -6.877  -6.433  11.873  1.00 19.48 ? 34   PHE A CG  1 
ATOM   277  C  CD1 . PHE A 1 34 ? -6.979  -7.768  12.255  1.00 18.90 ? 34   PHE A CD1 1 
ATOM   278  C  CD2 . PHE A 1 34 ? -6.635  -5.474  12.854  1.00 17.78 ? 34   PHE A CD2 1 
ATOM   279  C  CE1 . PHE A 1 34 ? -6.840  -8.144  13.591  1.00 16.94 ? 34   PHE A CE1 1 
ATOM   280  C  CE2 . PHE A 1 34 ? -6.493  -5.840  14.193  1.00 17.98 ? 34   PHE A CE2 1 
ATOM   281  C  CZ  . PHE A 1 34 ? -6.595  -7.178  14.561  1.00 18.25 ? 34   PHE A CZ  1 
ATOM   282  N  N   . TYR A 1 35 ? -9.967  -4.431  10.097  1.00 18.71 ? 35   TYR A N   1 
ATOM   283  C  CA  . TYR A 1 35 ? -10.955 -3.631  10.816  1.00 18.14 ? 35   TYR A CA  1 
ATOM   284  C  C   . TYR A 1 35 ? -12.054 -4.432  11.510  1.00 17.95 ? 35   TYR A C   1 
ATOM   285  O  O   . TYR A 1 35 ? -12.259 -4.298  12.714  1.00 17.06 ? 35   TYR A O   1 
ATOM   286  C  CB  . TYR A 1 35 ? -11.616 -2.618  9.876   1.00 17.85 ? 35   TYR A CB  1 
ATOM   287  C  CG  . TYR A 1 35 ? -12.658 -1.778  10.574  1.00 17.93 ? 35   TYR A CG  1 
ATOM   288  C  CD1 . TYR A 1 35 ? -12.286 -0.761  11.453  1.00 17.59 ? 35   TYR A CD1 1 
ATOM   289  C  CD2 . TYR A 1 35 ? -14.019 -2.031  10.394  1.00 18.68 ? 35   TYR A CD2 1 
ATOM   290  C  CE1 . TYR A 1 35 ? -13.241 -0.017  12.140  1.00 16.06 ? 35   TYR A CE1 1 
ATOM   291  C  CE2 . TYR A 1 35 ? -14.984 -1.295  11.077  1.00 18.95 ? 35   TYR A CE2 1 
ATOM   292  C  CZ  . TYR A 1 35 ? -14.587 -0.290  11.949  1.00 18.95 ? 35   TYR A CZ  1 
ATOM   293  O  OH  . TYR A 1 35 ? -15.532 0.425   12.642  1.00 17.83 ? 35   TYR A OH  1 
ATOM   294  N  N   . LYS A 1 36 ? -12.757 -5.261  10.743  1.00 21.26 ? 36   LYS A N   1 
ATOM   295  C  CA  . LYS A 1 36 ? -13.860 -6.057  11.277  1.00 25.26 ? 36   LYS A CA  1 
ATOM   296  C  C   . LYS A 1 36 ? -13.502 -7.061  12.368  1.00 26.08 ? 36   LYS A C   1 
ATOM   297  O  O   . LYS A 1 36 ? -14.319 -7.343  13.244  1.00 27.31 ? 36   LYS A O   1 
ATOM   298  C  CB  . LYS A 1 36 ? -14.569 -6.790  10.135  1.00 28.03 ? 36   LYS A CB  1 
ATOM   299  C  CG  . LYS A 1 36 ? -15.260 -5.873  9.138   1.00 33.69 ? 36   LYS A CG  1 
ATOM   300  C  CD  . LYS A 1 36 ? -15.937 -6.675  8.035   1.00 37.12 ? 36   LYS A CD  1 
ATOM   301  C  CE  . LYS A 1 36 ? -16.646 -5.769  7.041   1.00 38.56 ? 36   LYS A CE  1 
ATOM   302  N  NZ  . LYS A 1 36 ? -17.337 -6.556  5.977   1.00 41.47 ? 36   LYS A NZ  1 
ATOM   303  N  N   . GLU A 1 37 ? -12.290 -7.605  12.331  1.00 25.72 ? 37   GLU A N   1 
ATOM   304  C  CA  . GLU A 1 37 ? -11.902 -8.589  13.334  1.00 25.75 ? 37   GLU A CA  1 
ATOM   305  C  C   . GLU A 1 37 ? -11.133 -8.018  14.522  1.00 23.45 ? 37   GLU A C   1 
ATOM   306  O  O   . GLU A 1 37 ? -10.850 -8.732  15.483  1.00 23.00 ? 37   GLU A O   1 
ATOM   307  C  CB  . GLU A 1 37 ? -11.101 -9.718  12.674  1.00 29.64 ? 37   GLU A CB  1 
ATOM   308  C  CG  . GLU A 1 37 ? -9.854  -9.273  11.946  1.00 34.42 ? 37   GLU A CG  1 
ATOM   309  C  CD  . GLU A 1 37 ? -9.169  -10.413 11.210  1.00 37.07 ? 37   GLU A CD  1 
ATOM   310  O  OE1 . GLU A 1 37 ? -8.078  -10.188 10.647  1.00 39.36 ? 37   GLU A OE1 1 
ATOM   311  O  OE2 . GLU A 1 37 ? -9.722  -11.532 11.189  1.00 40.41 ? 37   GLU A OE2 1 
ATOM   312  N  N   . HIS A 1 38 ? -10.805 -6.729  14.471  1.00 21.25 ? 38   HIS A N   1 
ATOM   313  C  CA  . HIS A 1 38 ? -10.078 -6.110  15.572  1.00 19.60 ? 38   HIS A CA  1 
ATOM   314  C  C   . HIS A 1 38 ? -10.817 -6.329  16.893  1.00 20.06 ? 38   HIS A C   1 
ATOM   315  O  O   . HIS A 1 38 ? -11.938 -5.863  17.074  1.00 17.56 ? 38   HIS A O   1 
ATOM   316  C  CB  . HIS A 1 38 ? -9.907  -4.609  15.335  1.00 18.48 ? 38   HIS A CB  1 
ATOM   317  C  CG  . HIS A 1 38 ? -9.215  -3.905  16.459  1.00 16.40 ? 38   HIS A CG  1 
ATOM   318  N  ND1 . HIS A 1 38 ? -9.733  -2.784  17.070  1.00 15.42 ? 38   HIS A ND1 1 
ATOM   319  C  CD2 . HIS A 1 38 ? -8.050  -4.177  17.093  1.00 14.42 ? 38   HIS A CD2 1 
ATOM   320  C  CE1 . HIS A 1 38 ? -8.916  -2.397  18.034  1.00 14.43 ? 38   HIS A CE1 1 
ATOM   321  N  NE2 . HIS A 1 38 ? -7.888  -3.224  18.069  1.00 14.58 ? 38   HIS A NE2 1 
ATOM   322  N  N   . PRO A 1 39 ? -10.195 -7.053  17.834  1.00 19.89 ? 39   PRO A N   1 
ATOM   323  C  CA  . PRO A 1 39 ? -10.828 -7.316  19.130  1.00 21.10 ? 39   PRO A CA  1 
ATOM   324  C  C   . PRO A 1 39 ? -11.211 -6.057  19.912  1.00 19.93 ? 39   PRO A C   1 
ATOM   325  O  O   . PRO A 1 39 ? -12.087 -6.097  20.778  1.00 19.37 ? 39   PRO A O   1 
ATOM   326  C  CB  . PRO A 1 39 ? -9.783  -8.157  19.855  1.00 20.35 ? 39   PRO A CB  1 
ATOM   327  C  CG  . PRO A 1 39 ? -9.146  -8.919  18.728  1.00 20.14 ? 39   PRO A CG  1 
ATOM   328  C  CD  . PRO A 1 39 ? -8.954  -7.835  17.691  1.00 20.94 ? 39   PRO A CD  1 
ATOM   329  N  N   . GLY A 1 40 ? -10.557 -4.941  19.605  1.00 19.92 ? 40   GLY A N   1 
ATOM   330  C  CA  . GLY A 1 40 ? -10.859 -3.702  20.296  1.00 19.49 ? 40   GLY A CA  1 
ATOM   331  C  C   . GLY A 1 40 ? -12.006 -2.940  19.657  1.00 18.97 ? 40   GLY A C   1 
ATOM   332  O  O   . GLY A 1 40 ? -12.399 -1.872  20.129  1.00 19.32 ? 40   GLY A O   1 
ATOM   333  N  N   . GLY A 1 41 ? -12.542 -3.486  18.574  1.00 18.66 ? 41   GLY A N   1 
ATOM   334  C  CA  . GLY A 1 41 ? -13.644 -2.828  17.899  1.00 18.05 ? 41   GLY A CA  1 
ATOM   335  C  C   . GLY A 1 41 ? -13.215 -1.634  17.067  1.00 17.69 ? 41   GLY A C   1 
ATOM   336  O  O   . GLY A 1 41 ? -12.060 -1.523  16.666  1.00 14.85 ? 41   GLY A O   1 
ATOM   337  N  N   . LYS A 1 42 ? -14.160 -0.730  16.830  1.00 17.51 ? 42   LYS A N   1 
ATOM   338  C  CA  . LYS A 1 42 ? -13.939 0.464   16.016  1.00 15.73 ? 42   LYS A CA  1 
ATOM   339  C  C   . LYS A 1 42 ? -12.851 1.434   16.483  1.00 16.14 ? 42   LYS A C   1 
ATOM   340  O  O   . LYS A 1 42 ? -12.388 2.259   15.692  1.00 16.38 ? 42   LYS A O   1 
ATOM   341  C  CB  . LYS A 1 42 ? -15.258 1.234   15.886  1.00 15.33 ? 42   LYS A CB  1 
ATOM   342  C  CG  . LYS A 1 42 ? -15.757 1.790   17.204  1.00 17.60 ? 42   LYS A CG  1 
ATOM   343  C  CD  . LYS A 1 42 ? -17.139 2.414   17.081  1.00 18.17 ? 42   LYS A CD  1 
ATOM   344  C  CE  . LYS A 1 42 ? -17.589 2.970   18.422  1.00 20.43 ? 42   LYS A CE  1 
ATOM   345  N  NZ  . LYS A 1 42 ? -18.989 3.482   18.395  1.00 21.56 ? 42   LYS A NZ  1 
ATOM   346  N  N   . VAL A 1 43 ? -12.442 1.349   17.747  1.00 14.58 ? 43   VAL A N   1 
ATOM   347  C  CA  . VAL A 1 43 ? -11.431 2.265   18.269  1.00 14.74 ? 43   VAL A CA  1 
ATOM   348  C  C   . VAL A 1 43 ? -10.082 2.196   17.555  1.00 13.84 ? 43   VAL A C   1 
ATOM   349  O  O   . VAL A 1 43 ? -9.230  3.062   17.754  1.00 14.42 ? 43   VAL A O   1 
ATOM   350  C  CB  . VAL A 1 43 ? -11.210 2.067   19.783  1.00 14.71 ? 43   VAL A CB  1 
ATOM   351  C  CG1 . VAL A 1 43 ? -12.501 2.380   20.534  1.00 15.13 ? 43   VAL A CG1 1 
ATOM   352  C  CG2 . VAL A 1 43 ? -10.754 0.648   20.065  1.00 15.55 ? 43   VAL A CG2 1 
ATOM   353  N  N   . ILE A 1 44 ? -9.889  1.179   16.721  1.00 13.36 ? 44   ILE A N   1 
ATOM   354  C  CA  . ILE A 1 44 ? -8.645  1.066   15.979  1.00 13.17 ? 44   ILE A CA  1 
ATOM   355  C  C   . ILE A 1 44 ? -8.506  2.312   15.099  1.00 13.61 ? 44   ILE A C   1 
ATOM   356  O  O   . ILE A 1 44 ? -7.398  2.731   14.767  1.00 12.92 ? 44   ILE A O   1 
ATOM   357  C  CB  . ILE A 1 44 ? -8.622  -0.206  15.100  1.00 12.71 ? 44   ILE A CB  1 
ATOM   358  C  CG1 . ILE A 1 44 ? -7.341  -0.237  14.261  1.00 14.34 ? 44   ILE A CG1 1 
ATOM   359  C  CG2 . ILE A 1 44 ? -9.854  -0.262  14.223  1.00 13.76 ? 44   ILE A CG2 1 
ATOM   360  C  CD1 . ILE A 1 44 ? -7.093  -1.575  13.576  1.00 13.20 ? 44   ILE A CD1 1 
ATOM   361  N  N   . LEU A 1 45 ? -9.642  2.909   14.746  1.00 12.90 ? 45   LEU A N   1 
ATOM   362  C  CA  . LEU A 1 45 ? -9.650  4.115   13.917  1.00 13.71 ? 45   LEU A CA  1 
ATOM   363  C  C   . LEU A 1 45 ? -9.077  5.340   14.635  1.00 12.90 ? 45   LEU A C   1 
ATOM   364  O  O   . LEU A 1 45 ? -8.757  6.342   13.993  1.00 12.29 ? 45   LEU A O   1 
ATOM   365  C  CB  . LEU A 1 45 ? -11.079 4.427   13.452  1.00 13.72 ? 45   LEU A CB  1 
ATOM   366  C  CG  . LEU A 1 45 ? -11.686 3.472   12.421  1.00 14.09 ? 45   LEU A CG  1 
ATOM   367  C  CD1 . LEU A 1 45 ? -13.167 3.779   12.251  1.00 13.68 ? 45   LEU A CD1 1 
ATOM   368  C  CD2 . LEU A 1 45 ? -10.948 3.608   11.094  1.00 16.58 ? 45   LEU A CD2 1 
ATOM   369  N  N   . ASN A 1 46 ? -8.944  5.268   15.957  1.00 12.98 ? 46   ASN A N   1 
ATOM   370  C  CA  . ASN A 1 46 ? -8.412  6.398   16.714  1.00 14.38 ? 46   ASN A CA  1 
ATOM   371  C  C   . ASN A 1 46 ? -6.985  6.737   16.287  1.00 13.15 ? 46   ASN A C   1 
ATOM   372  O  O   . ASN A 1 46 ? -6.509  7.851   16.515  1.00 12.92 ? 46   ASN A O   1 
ATOM   373  C  CB  . ASN A 1 46 ? -8.455  6.115   18.219  1.00 14.46 ? 46   ASN A CB  1 
ATOM   374  C  CG  . ASN A 1 46 ? -9.875  6.053   18.763  1.00 14.21 ? 46   ASN A CG  1 
ATOM   375  O  OD1 . ASN A 1 46 ? -10.841 6.345   18.057  1.00 16.26 ? 46   ASN A OD1 1 
ATOM   376  N  ND2 . ASN A 1 46 ? -10.004 5.680   20.029  1.00 15.61 ? 46   ASN A ND2 1 
ATOM   377  N  N   . LYS A 1 47 ? -6.310  5.773   15.667  1.00 11.58 ? 47   LYS A N   1 
ATOM   378  C  CA  . LYS A 1 47 ? -4.950  5.984   15.181  1.00 12.05 ? 47   LYS A CA  1 
ATOM   379  C  C   . LYS A 1 47 ? -4.866  5.736   13.674  1.00 12.23 ? 47   LYS A C   1 
ATOM   380  O  O   . LYS A 1 47 ? -3.778  5.594   13.124  1.00 12.72 ? 47   LYS A O   1 
ATOM   381  C  CB  . LYS A 1 47 ? -3.961  5.064   15.909  1.00 13.47 ? 47   LYS A CB  1 
ATOM   382  C  CG  . LYS A 1 47 ? -3.701  5.432   17.371  1.00 14.84 ? 47   LYS A CG  1 
ATOM   383  C  CD  . LYS A 1 47 ? -3.059  6.809   17.510  1.00 16.84 ? 47   LYS A CD  1 
ATOM   384  C  CE  . LYS A 1 47 ? -2.711  7.105   18.965  1.00 20.15 ? 47   LYS A CE  1 
ATOM   385  N  NZ  . LYS A 1 47 ? -2.096  8.449   19.142  1.00 21.72 ? 47   LYS A NZ  1 
ATOM   386  N  N   . ALA A 1 48 ? -6.014  5.680   13.005  1.00 12.42 ? 48   ALA A N   1 
ATOM   387  C  CA  . ALA A 1 48 ? -6.025  5.455   11.561  1.00 12.09 ? 48   ALA A CA  1 
ATOM   388  C  C   . ALA A 1 48 ? -5.260  6.576   10.857  1.00 12.08 ? 48   ALA A C   1 
ATOM   389  O  O   . ALA A 1 48 ? -5.508  7.763   11.103  1.00 12.24 ? 48   ALA A O   1 
ATOM   390  C  CB  . ALA A 1 48 ? -7.460  5.393   11.049  1.00 12.16 ? 48   ALA A CB  1 
ATOM   391  N  N   . GLY A 1 49 ? -4.330  6.182   9.989   1.00 10.57 ? 49   GLY A N   1 
ATOM   392  C  CA  . GLY A 1 49 ? -3.514  7.132   9.252   1.00 10.83 ? 49   GLY A CA  1 
ATOM   393  C  C   . GLY A 1 49 ? -2.440  7.759   10.122  1.00 10.77 ? 49   GLY A C   1 
ATOM   394  O  O   . GLY A 1 49 ? -1.749  8.691   9.697   1.00 11.14 ? 49   GLY A O   1 
ATOM   395  N  N   . GLN A 1 50 ? -2.279  7.232   11.335  1.00 9.43  ? 50   GLN A N   1 
ATOM   396  C  CA  . GLN A 1 50 ? -1.313  7.783   12.280  1.00 10.84 ? 50   GLN A CA  1 
ATOM   397  C  C   . GLN A 1 50 ? -0.373  6.742   12.884  1.00 11.29 ? 50   GLN A C   1 
ATOM   398  O  O   . GLN A 1 50 ? -0.472  5.551   12.589  1.00 11.72 ? 50   GLN A O   1 
ATOM   399  C  CB  . GLN A 1 50 ? -2.073  8.504   13.398  1.00 12.36 ? 50   GLN A CB  1 
ATOM   400  C  CG  . GLN A 1 50 ? -3.098  9.514   12.864  1.00 12.26 ? 50   GLN A CG  1 
ATOM   401  C  CD  . GLN A 1 50 ? -4.201  9.825   13.867  1.00 15.33 ? 50   GLN A CD  1 
ATOM   402  O  OE1 . GLN A 1 50 ? -3.952  10.408  14.919  1.00 20.31 ? 50   GLN A OE1 1 
ATOM   403  N  NE2 . GLN A 1 50 ? -5.427  9.434   13.539  1.00 16.83 ? 50   GLN A NE2 1 
ATOM   404  N  N   . ASP A 1 51 ? 0.531   7.206   13.742  1.00 11.61 ? 51   ASP A N   1 
ATOM   405  C  CA  . ASP A 1 51 ? 1.500   6.330   14.389  1.00 12.22 ? 51   ASP A CA  1 
ATOM   406  C  C   . ASP A 1 51 ? 0.858   5.631   15.583  1.00 13.19 ? 51   ASP A C   1 
ATOM   407  O  O   . ASP A 1 51 ? 0.338   6.282   16.494  1.00 13.66 ? 51   ASP A O   1 
ATOM   408  C  CB  . ASP A 1 51 ? 2.714   7.146   14.843  1.00 13.25 ? 51   ASP A CB  1 
ATOM   409  C  CG  . ASP A 1 51 ? 3.930   6.283   15.102  1.00 14.48 ? 51   ASP A CG  1 
ATOM   410  O  OD1 . ASP A 1 51 ? 3.848   5.375   15.952  1.00 13.00 ? 51   ASP A OD1 1 
ATOM   411  O  OD2 . ASP A 1 51 ? 4.969   6.514   14.451  1.00 18.14 ? 51   ASP A OD2 1 
ATOM   412  N  N   . ALA A 1 52 ? 0.886   4.301   15.572  1.00 12.41 ? 52   ALA A N   1 
ATOM   413  C  CA  . ALA A 1 52 ? 0.289   3.517   16.649  1.00 12.31 ? 52   ALA A CA  1 
ATOM   414  C  C   . ALA A 1 52 ? 1.320   2.653   17.368  1.00 12.64 ? 52   ALA A C   1 
ATOM   415  O  O   . ALA A 1 52 ? 0.966   1.694   18.060  1.00 12.28 ? 52   ALA A O   1 
ATOM   416  C  CB  . ALA A 1 52 ? -0.816  2.635   16.083  1.00 13.72 ? 52   ALA A CB  1 
ATOM   417  N  N   . THR A 1 53 ? 2.591   3.003   17.216  1.00 12.37 ? 53   THR A N   1 
ATOM   418  C  CA  . THR A 1 53 ? 3.673   2.236   17.829  1.00 13.31 ? 53   THR A CA  1 
ATOM   419  C  C   . THR A 1 53 ? 3.513   2.065   19.341  1.00 15.04 ? 53   THR A C   1 
ATOM   420  O  O   . THR A 1 53 ? 3.466   0.941   19.842  1.00 13.73 ? 53   THR A O   1 
ATOM   421  C  CB  . THR A 1 53 ? 5.041   2.885   17.545  1.00 13.41 ? 53   THR A CB  1 
ATOM   422  O  OG1 . THR A 1 53 ? 5.188   3.092   16.131  1.00 11.87 ? 53   THR A OG1 1 
ATOM   423  C  CG2 . THR A 1 53 ? 6.168   1.980   18.040  1.00 14.06 ? 53   THR A CG2 1 
ATOM   424  N  N   . SER A 1 54 ? 3.436   3.177   20.066  1.00 15.38 ? 54   SER A N   1 
ATOM   425  C  CA  . SER A 1 54 ? 3.288   3.119   21.519  1.00 16.84 ? 54   SER A CA  1 
ATOM   426  C  C   . SER A 1 54 ? 2.059   2.310   21.928  1.00 16.32 ? 54   SER A C   1 
ATOM   427  O  O   . SER A 1 54 ? 2.126   1.478   22.831  1.00 16.11 ? 54   SER A O   1 
ATOM   428  C  CB  . SER A 1 54 ? 3.188   4.528   22.104  1.00 18.67 ? 54   SER A CB  1 
ATOM   429  O  OG  . SER A 1 54 ? 3.037   4.471   23.511  1.00 23.31 ? 54   SER A OG  1 
ATOM   430  N  N   . VAL A 1 55 ? 0.938   2.568   21.267  1.00 15.60 ? 55   VAL A N   1 
ATOM   431  C  CA  . VAL A 1 55 ? -0.305  1.859   21.548  1.00 16.74 ? 55   VAL A CA  1 
ATOM   432  C  C   . VAL A 1 55 ? -0.145  0.350   21.363  1.00 16.36 ? 55   VAL A C   1 
ATOM   433  O  O   . VAL A 1 55 ? -0.572  -0.441  22.207  1.00 16.27 ? 55   VAL A O   1 
ATOM   434  C  CB  . VAL A 1 55 ? -1.448  2.370   20.622  1.00 17.56 ? 55   VAL A CB  1 
ATOM   435  C  CG1 . VAL A 1 55 ? -2.569  1.349   20.539  1.00 19.78 ? 55   VAL A CG1 1 
ATOM   436  C  CG2 . VAL A 1 55 ? -1.990  3.688   21.156  1.00 19.59 ? 55   VAL A CG2 1 
ATOM   437  N  N   . LEU A 1 56 ? 0.473   -0.047  20.257  1.00 15.72 ? 56   LEU A N   1 
ATOM   438  C  CA  . LEU A 1 56 ? 0.668   -1.459  19.960  1.00 15.51 ? 56   LEU A CA  1 
ATOM   439  C  C   . LEU A 1 56 ? 1.695   -2.148  20.854  1.00 15.06 ? 56   LEU A C   1 
ATOM   440  O  O   . LEU A 1 56 ? 1.637   -3.362  21.052  1.00 16.12 ? 56   LEU A O   1 
ATOM   441  C  CB  . LEU A 1 56 ? 1.063   -1.629  18.493  1.00 14.81 ? 56   LEU A CB  1 
ATOM   442  C  CG  . LEU A 1 56 ? -0.079  -1.314  17.526  1.00 15.97 ? 56   LEU A CG  1 
ATOM   443  C  CD1 . LEU A 1 56 ? 0.415   -1.302  16.092  1.00 16.22 ? 56   LEU A CD1 1 
ATOM   444  C  CD2 . LEU A 1 56 ? -1.169  -2.354  17.717  1.00 16.30 ? 56   LEU A CD2 1 
ATOM   445  N  N   . LYS A 1 57 ? 2.625   -1.376  21.400  1.00 15.80 ? 57   LYS A N   1 
ATOM   446  C  CA  . LYS A 1 57 ? 3.655   -1.944  22.260  1.00 17.41 ? 57   LYS A CA  1 
ATOM   447  C  C   . LYS A 1 57 ? 3.339   -1.891  23.752  1.00 19.28 ? 57   LYS A C   1 
ATOM   448  O  O   . LYS A 1 57 ? 3.891   -2.679  24.525  1.00 18.40 ? 57   LYS A O   1 
ATOM   449  C  CB  . LYS A 1 57 ? 4.990   -1.227  22.043  1.00 17.16 ? 57   LYS A CB  1 
ATOM   450  C  CG  . LYS A 1 57 ? 5.651   -1.446  20.694  1.00 15.93 ? 57   LYS A CG  1 
ATOM   451  C  CD  . LYS A 1 57 ? 7.069   -0.897  20.729  1.00 16.89 ? 57   LYS A CD  1 
ATOM   452  C  CE  . LYS A 1 57 ? 7.824   -1.198  19.446  1.00 17.62 ? 57   LYS A CE  1 
ATOM   453  N  NZ  . LYS A 1 57 ? 9.227   -0.689  19.503  1.00 19.38 ? 57   LYS A NZ  1 
ATOM   454  N  N   . THR A 1 58 ? 2.453   -0.988  24.163  1.00 19.52 ? 58   THR A N   1 
ATOM   455  C  CA  . THR A 1 58 ? 2.168   -0.843  25.588  1.00 20.85 ? 58   THR A CA  1 
ATOM   456  C  C   . THR A 1 58 ? 0.740   -1.011  26.108  1.00 21.22 ? 58   THR A C   1 
ATOM   457  O  O   . THR A 1 58 ? 0.552   -1.240  27.305  1.00 22.28 ? 58   THR A O   1 
ATOM   458  C  CB  . THR A 1 58 ? 2.695   0.513   26.096  1.00 21.19 ? 58   THR A CB  1 
ATOM   459  O  OG1 . THR A 1 58 ? 1.920   1.573   25.526  1.00 22.18 ? 58   THR A OG1 1 
ATOM   460  C  CG2 . THR A 1 58 ? 4.148   0.696   25.692  1.00 23.09 ? 58   THR A CG2 1 
ATOM   461  N  N   . LEU A 1 59 ? -0.265  -0.884  25.249  1.00 20.59 ? 59   LEU A N   1 
ATOM   462  C  CA  . LEU A 1 59 ? -1.646  -1.046  25.711  1.00 19.86 ? 59   LEU A CA  1 
ATOM   463  C  C   . LEU A 1 59 ? -1.792  -2.473  26.250  1.00 18.95 ? 59   LEU A C   1 
ATOM   464  O  O   . LEU A 1 59 ? -1.377  -3.427  25.601  1.00 18.00 ? 59   LEU A O   1 
ATOM   465  C  CB  . LEU A 1 59 ? -2.631  -0.816  24.562  1.00 19.68 ? 59   LEU A CB  1 
ATOM   466  C  CG  . LEU A 1 59 ? -4.105  -0.622  24.939  1.00 21.37 ? 59   LEU A CG  1 
ATOM   467  C  CD1 . LEU A 1 59 ? -4.272  0.667   25.729  1.00 21.89 ? 59   LEU A CD1 1 
ATOM   468  C  CD2 . LEU A 1 59 ? -4.951  -0.577  23.677  1.00 21.30 ? 59   LEU A CD2 1 
ATOM   469  N  N   . ALA A 1 60 ? -2.383  -2.610  27.435  1.00 17.96 ? 60   ALA A N   1 
ATOM   470  C  CA  . ALA A 1 60 ? -2.550  -3.915  28.071  1.00 18.96 ? 60   ALA A CA  1 
ATOM   471  C  C   . ALA A 1 60 ? -2.966  -5.062  27.145  1.00 18.26 ? 60   ALA A C   1 
ATOM   472  O  O   . ALA A 1 60 ? -2.274  -6.076  27.060  1.00 18.69 ? 60   ALA A O   1 
ATOM   473  C  CB  . ALA A 1 60 ? -3.536  -3.804  29.244  1.00 19.41 ? 60   ALA A CB  1 
ATOM   474  N  N   . PRO A 1 61 ? -4.101  -4.921  26.439  1.00 17.76 ? 61   PRO A N   1 
ATOM   475  C  CA  . PRO A 1 61 ? -4.568  -5.979  25.534  1.00 17.60 ? 61   PRO A CA  1 
ATOM   476  C  C   . PRO A 1 61 ? -3.573  -6.331  24.430  1.00 15.23 ? 61   PRO A C   1 
ATOM   477  O  O   . PRO A 1 61 ? -3.449  -7.491  24.035  1.00 15.04 ? 61   PRO A O   1 
ATOM   478  C  CB  . PRO A 1 61 ? -5.860  -5.398  24.962  1.00 18.79 ? 61   PRO A CB  1 
ATOM   479  C  CG  . PRO A 1 61 ? -6.312  -4.441  26.026  1.00 22.74 ? 61   PRO A CG  1 
ATOM   480  C  CD  . PRO A 1 61 ? -5.033  -3.782  26.430  1.00 19.05 ? 61   PRO A CD  1 
ATOM   481  N  N   . HIS A 1 62 ? -2.880  -5.320  23.921  1.00 14.87 ? 62   HIS A N   1 
ATOM   482  C  CA  . HIS A 1 62 ? -1.905  -5.526  22.857  1.00 13.03 ? 62   HIS A CA  1 
ATOM   483  C  C   . HIS A 1 62 ? -0.697  -6.303  23.363  1.00 13.45 ? 62   HIS A C   1 
ATOM   484  O  O   . HIS A 1 62 ? -0.078  -7.063  22.615  1.00 13.01 ? 62   HIS A O   1 
ATOM   485  C  CB  . HIS A 1 62 ? -1.480  -4.171  22.292  1.00 13.91 ? 62   HIS A CB  1 
ATOM   486  C  CG  . HIS A 1 62 ? -2.558  -3.488  21.511  1.00 14.08 ? 62   HIS A CG  1 
ATOM   487  N  ND1 . HIS A 1 62 ? -2.541  -2.138  21.237  1.00 14.74 ? 62   HIS A ND1 1 
ATOM   488  C  CD2 . HIS A 1 62 ? -3.688  -3.973  20.945  1.00 14.81 ? 62   HIS A CD2 1 
ATOM   489  C  CE1 . HIS A 1 62 ? -3.617  -1.819  20.541  1.00 14.90 ? 62   HIS A CE1 1 
ATOM   490  N  NE2 . HIS A 1 62 ? -4.330  -2.914  20.349  1.00 15.88 ? 62   HIS A NE2 1 
ATOM   491  N  N   . VAL A 1 63 ? -0.373  -6.110  24.637  1.00 13.13 ? 63   VAL A N   1 
ATOM   492  C  CA  . VAL A 1 63 ? 0.744   -6.810  25.262  1.00 14.97 ? 63   VAL A CA  1 
ATOM   493  C  C   . VAL A 1 63 ? 0.350   -8.260  25.538  1.00 14.60 ? 63   VAL A C   1 
ATOM   494  O  O   . VAL A 1 63 ? 1.113   -9.183  25.265  1.00 14.30 ? 63   VAL A O   1 
ATOM   495  C  CB  . VAL A 1 63 ? 1.142   -6.139  26.594  1.00 14.44 ? 63   VAL A CB  1 
ATOM   496  C  CG1 . VAL A 1 63 ? 2.177   -6.991  27.328  1.00 15.85 ? 63   VAL A CG1 1 
ATOM   497  C  CG2 . VAL A 1 63 ? 1.706   -4.754  26.321  1.00 17.38 ? 63   VAL A CG2 1 
ATOM   498  N  N   . LYS A 1 64 ? -0.851  -8.452  26.077  1.00 14.57 ? 64   LYS A N   1 
ATOM   499  C  CA  . LYS A 1 64 ? -1.343  -9.790  26.389  1.00 14.92 ? 64   LYS A CA  1 
ATOM   500  C  C   . LYS A 1 64 ? -1.404  -10.651 25.136  1.00 14.87 ? 64   LYS A C   1 
ATOM   501  O  O   . LYS A 1 64 ? -1.124  -11.849 25.182  1.00 14.40 ? 64   LYS A O   1 
ATOM   502  C  CB  . LYS A 1 64 ? -2.735  -9.707  27.027  1.00 16.90 ? 64   LYS A CB  1 
ATOM   503  C  CG  . LYS A 1 64 ? -3.292  -11.046 27.492  1.00 19.40 ? 64   LYS A CG  1 
ATOM   504  C  CD  . LYS A 1 64 ? -2.458  -11.627 28.627  1.00 23.26 ? 64   LYS A CD  1 
ATOM   505  C  CE  . LYS A 1 64 ? -3.038  -12.938 29.134  1.00 25.88 ? 64   LYS A CE  1 
ATOM   506  N  NZ  . LYS A 1 64 ? -2.238  -13.487 30.270  1.00 24.54 ? 64   LYS A NZ  1 
ATOM   507  N  N   . ALA A 1 65 ? -1.766  -10.035 24.015  1.00 12.11 ? 65   ALA A N   1 
ATOM   508  C  CA  . ALA A 1 65 ? -1.865  -10.742 22.744  1.00 14.71 ? 65   ALA A CA  1 
ATOM   509  C  C   . ALA A 1 65 ? -0.770  -10.302 21.772  1.00 14.18 ? 65   ALA A C   1 
ATOM   510  O  O   . ALA A 1 65 ? -1.011  -10.195 20.569  1.00 13.42 ? 65   ALA A O   1 
ATOM   511  C  CB  . ALA A 1 65 ? -3.234  -10.491 22.122  1.00 13.99 ? 65   ALA A CB  1 
ATOM   512  N  N   . ALA A 1 66 ? 0.427   -10.057 22.292  1.00 13.25 ? 66   ALA A N   1 
ATOM   513  C  CA  . ALA A 1 66 ? 1.543   -9.619  21.458  1.00 12.74 ? 66   ALA A CA  1 
ATOM   514  C  C   . ALA A 1 66 ? 1.808   -10.547 20.275  1.00 12.47 ? 66   ALA A C   1 
ATOM   515  O  O   . ALA A 1 66 ? 2.239   -10.093 19.218  1.00 12.37 ? 66   ALA A O   1 
ATOM   516  C  CB  . ALA A 1 66 ? 2.804   -9.474  22.298  1.00 12.08 ? 66   ALA A CB  1 
ATOM   517  N  N   . ASP A 1 67 ? 1.560   -11.843 20.443  1.00 11.86 ? 67   ASP A N   1 
ATOM   518  C  CA  . ASP A 1 67 ? 1.789   -12.772 19.343  1.00 13.18 ? 67   ASP A CA  1 
ATOM   519  C  C   . ASP A 1 67 ? 0.858   -12.449 18.178  1.00 13.34 ? 67   ASP A C   1 
ATOM   520  O  O   . ASP A 1 67 ? 1.290   -12.398 17.021  1.00 12.80 ? 67   ASP A O   1 
ATOM   521  C  CB  . ASP A 1 67 ? 1.608   -14.227 19.811  1.00 15.12 ? 67   ASP A CB  1 
ATOM   522  C  CG  . ASP A 1 67 ? 0.276   -14.474 20.500  1.00 16.57 ? 67   ASP A CG  1 
ATOM   523  O  OD1 . ASP A 1 67 ? -0.259  -13.549 21.144  1.00 16.26 ? 67   ASP A OD1 1 
ATOM   524  O  OD2 . ASP A 1 67 ? -0.229  -15.617 20.419  1.00 20.40 ? 67   ASP A OD2 1 
ATOM   525  N  N   . VAL A 1 68 ? -0.413  -12.213 18.486  1.00 13.65 ? 68   VAL A N   1 
ATOM   526  C  CA  . VAL A 1 68 ? -1.396  -11.883 17.458  1.00 13.78 ? 68   VAL A CA  1 
ATOM   527  C  C   . VAL A 1 68 ? -1.100  -10.521 16.827  1.00 13.30 ? 68   VAL A C   1 
ATOM   528  O  O   . VAL A 1 68 ? -1.178  -10.365 15.607  1.00 12.90 ? 68   VAL A O   1 
ATOM   529  C  CB  . VAL A 1 68 ? -2.830  -11.858 18.030  1.00 14.33 ? 68   VAL A CB  1 
ATOM   530  C  CG1 . VAL A 1 68 ? -3.834  -11.616 16.901  1.00 12.31 ? 68   VAL A CG1 1 
ATOM   531  C  CG2 . VAL A 1 68 ? -3.131  -13.175 18.732  1.00 15.01 ? 68   VAL A CG2 1 
ATOM   532  N  N   . VAL A 1 69 ? -0.756  -9.542  17.658  1.00 12.43 ? 69   VAL A N   1 
ATOM   533  C  CA  . VAL A 1 69 ? -0.447  -8.197  17.171  1.00 11.35 ? 69   VAL A CA  1 
ATOM   534  C  C   . VAL A 1 69 ? 0.720   -8.228  16.181  1.00 11.75 ? 69   VAL A C   1 
ATOM   535  O  O   . VAL A 1 69 ? 0.635   -7.670  15.083  1.00 10.57 ? 69   VAL A O   1 
ATOM   536  C  CB  . VAL A 1 69 ? -0.093  -7.239  18.342  1.00 12.69 ? 69   VAL A CB  1 
ATOM   537  C  CG1 . VAL A 1 69 ? 0.446   -5.910  17.798  1.00 12.17 ? 69   VAL A CG1 1 
ATOM   538  C  CG2 . VAL A 1 69 ? -1.330  -6.976  19.196  1.00 13.85 ? 69   VAL A CG2 1 
ATOM   539  N  N   . MET A 1 70 ? 1.809   -8.887  16.561  1.00 9.91  ? 70   MET A N   1 
ATOM   540  C  CA  . MET A 1 70 ? 2.966   -8.954  15.681  1.00 10.55 ? 70   MET A CA  1 
ATOM   541  C  C   . MET A 1 70 ? 2.696   -9.782  14.429  1.00 9.54  ? 70   MET A C   1 
ATOM   542  O  O   . MET A 1 70 ? 3.230   -9.487  13.366  1.00 10.70 ? 70   MET A O   1 
ATOM   543  C  CB  . MET A 1 70 ? 4.178   -9.510  16.430  1.00 10.42 ? 70   MET A CB  1 
ATOM   544  C  CG  . MET A 1 70 ? 4.644   -8.633  17.588  1.00 11.44 ? 70   MET A CG  1 
ATOM   545  S  SD  . MET A 1 70 ? 4.906   -6.883  17.148  1.00 14.04 ? 70   MET A SD  1 
ATOM   546  C  CE  . MET A 1 70 ? 3.980   -6.078  18.408  1.00 19.81 ? 70   MET A CE  1 
ATOM   547  N  N   . LYS A 1 71 ? 1.870   -10.817 14.545  1.00 11.33 ? 71   LYS A N   1 
ATOM   548  C  CA  . LYS A 1 71 ? 1.562   -11.635 13.375  1.00 11.99 ? 71   LYS A CA  1 
ATOM   549  C  C   . LYS A 1 71 ? 0.828   -10.767 12.358  1.00 12.40 ? 71   LYS A C   1 
ATOM   550  O  O   . LYS A 1 71 ? 1.144   -10.781 11.169  1.00 13.22 ? 71   LYS A O   1 
ATOM   551  C  CB  . LYS A 1 71 ? 0.678   -12.827 13.752  1.00 13.23 ? 71   LYS A CB  1 
ATOM   552  C  CG  . LYS A 1 71 ? 0.343   -13.731 12.569  1.00 15.45 ? 71   LYS A CG  1 
ATOM   553  C  CD  . LYS A 1 71 ? -0.451  -14.958 13.003  1.00 18.32 ? 71   LYS A CD  1 
ATOM   554  C  CE  . LYS A 1 71 ? -0.767  -15.861 11.821  1.00 23.17 ? 71   LYS A CE  1 
ATOM   555  N  NZ  . LYS A 1 71 ? -1.481  -17.101 12.243  1.00 24.78 ? 71   LYS A NZ  1 
ATOM   556  N  N   . LYS A 1 72 ? -0.151  -10.008 12.838  1.00 11.45 ? 72   LYS A N   1 
ATOM   557  C  CA  . LYS A 1 72 ? -0.928  -9.135  11.966  1.00 12.92 ? 72   LYS A CA  1 
ATOM   558  C  C   . LYS A 1 72 ? -0.065  -8.053  11.333  1.00 11.94 ? 72   LYS A C   1 
ATOM   559  O  O   . LYS A 1 72 ? -0.234  -7.724  10.160  1.00 11.43 ? 72   LYS A O   1 
ATOM   560  C  CB  . LYS A 1 72 ? -2.093  -8.510  12.740  1.00 15.24 ? 72   LYS A CB  1 
ATOM   561  C  CG  . LYS A 1 72 ? -3.359  -9.334  12.637  1.00 22.09 ? 72   LYS A CG  1 
ATOM   562  C  CD  . LYS A 1 72 ? -3.735  -9.501  11.166  1.00 23.34 ? 72   LYS A CD  1 
ATOM   563  C  CE  . LYS A 1 72 ? -4.783  -10.569 10.960  1.00 25.57 ? 72   LYS A CE  1 
ATOM   564  N  NZ  . LYS A 1 72 ? -4.970  -10.854 9.510   1.00 25.66 ? 72   LYS A NZ  1 
ATOM   565  N  N   . LEU A 1 73 ? 0.862   -7.499  12.101  1.00 10.87 ? 73   LEU A N   1 
ATOM   566  C  CA  . LEU A 1 73 ? 1.751   -6.479  11.556  1.00 11.57 ? 73   LEU A CA  1 
ATOM   567  C  C   . LEU A 1 73 ? 2.621   -7.093  10.452  1.00 12.29 ? 73   LEU A C   1 
ATOM   568  O  O   . LEU A 1 73 ? 2.801   -6.496  9.388   1.00 10.85 ? 73   LEU A O   1 
ATOM   569  C  CB  . LEU A 1 73 ? 2.635   -5.899  12.663  1.00 10.58 ? 73   LEU A CB  1 
ATOM   570  C  CG  . LEU A 1 73 ? 1.932   -4.942  13.628  1.00 11.23 ? 73   LEU A CG  1 
ATOM   571  C  CD1 . LEU A 1 73 ? 2.856   -4.595  14.793  1.00 8.74  ? 73   LEU A CD1 1 
ATOM   572  C  CD2 . LEU A 1 73 ? 1.523   -3.680  12.869  1.00 11.66 ? 73   LEU A CD2 1 
ATOM   573  N  N   . LYS A 1 74 ? 3.142   -8.292  10.697  1.00 12.34 ? 74   LYS A N   1 
ATOM   574  C  CA  . LYS A 1 74 ? 3.988   -8.966  9.714   1.00 14.00 ? 74   LYS A CA  1 
ATOM   575  C  C   . LYS A 1 74 ? 3.268   -9.409  8.437   1.00 15.17 ? 74   LYS A C   1 
ATOM   576  O  O   . LYS A 1 74 ? 3.912   -9.838  7.482   1.00 17.77 ? 74   LYS A O   1 
ATOM   577  C  CB  . LYS A 1 74 ? 4.696   -10.169 10.351  1.00 16.18 ? 74   LYS A CB  1 
ATOM   578  C  CG  . LYS A 1 74 ? 5.802   -9.783  11.325  1.00 16.98 ? 74   LYS A CG  1 
ATOM   579  C  CD  . LYS A 1 74 ? 6.849   -8.930  10.635  1.00 22.32 ? 74   LYS A CD  1 
ATOM   580  C  CE  . LYS A 1 74 ? 7.913   -8.445  11.605  1.00 22.84 ? 74   LYS A CE  1 
ATOM   581  N  NZ  . LYS A 1 74 ? 8.862   -7.516  10.933  1.00 25.34 ? 74   LYS A NZ  1 
ATOM   582  N  N   . GLN A 1 75 ? 1.942   -9.309  8.414   1.00 14.35 ? 75   GLN A N   1 
ATOM   583  C  CA  . GLN A 1 75 ? 1.175   -9.686  7.227   1.00 15.38 ? 75   GLN A CA  1 
ATOM   584  C  C   . GLN A 1 75 ? 0.703   -8.435  6.499   1.00 14.76 ? 75   GLN A C   1 
ATOM   585  O  O   . GLN A 1 75 ? 0.137   -8.520  5.410   1.00 14.61 ? 75   GLN A O   1 
ATOM   586  C  CB  . GLN A 1 75 ? -0.082  -10.475 7.605   1.00 18.52 ? 75   GLN A CB  1 
ATOM   587  C  CG  . GLN A 1 75 ? 0.133   -11.767 8.367   1.00 20.55 ? 75   GLN A CG  1 
ATOM   588  C  CD  . GLN A 1 75 ? -1.183  -12.361 8.831   1.00 22.73 ? 75   GLN A CD  1 
ATOM   589  O  OE1 . GLN A 1 75 ? -2.034  -11.657 9.380   1.00 23.99 ? 75   GLN A OE1 1 
ATOM   590  N  NE2 . GLN A 1 75 ? -1.357  -13.661 8.621   1.00 24.79 ? 75   GLN A NE2 1 
ATOM   591  N  N   . THR A 1 76 ? 0.957   -7.273  7.088   1.00 13.76 ? 76   THR A N   1 
ATOM   592  C  CA  . THR A 1 76 ? 0.447   -6.031  6.524   1.00 11.67 ? 76   THR A CA  1 
ATOM   593  C  C   . THR A 1 76 ? 1.385   -4.895  6.123   1.00 12.81 ? 76   THR A C   1 
ATOM   594  O  O   . THR A 1 76 ? 0.902   -3.820  5.751   1.00 11.85 ? 76   THR A O   1 
ATOM   595  C  CB  . THR A 1 76 ? -0.586  -5.439  7.494   1.00 11.59 ? 76   THR A CB  1 
ATOM   596  O  OG1 . THR A 1 76 ? 0.018   -5.283  8.787   1.00 11.32 ? 76   THR A OG1 1 
ATOM   597  C  CG2 . THR A 1 76 ? -1.790  -6.367  7.624   1.00 13.68 ? 76   THR A CG2 1 
ATOM   598  N  N   . CYS A 1 77 ? 2.697   -5.090  6.177   1.00 13.15 ? 77   CYS A N   1 
ATOM   599  C  CA  . CYS A 1 77 ? 3.576   -3.982  5.816   1.00 12.91 ? 77   CYS A CA  1 
ATOM   600  C  C   . CYS A 1 77 ? 3.637   -3.709  4.319   1.00 13.57 ? 77   CYS A C   1 
ATOM   601  O  O   . CYS A 1 77 ? 4.008   -4.585  3.540   1.00 14.28 ? 77   CYS A O   1 
ATOM   602  C  CB  . CYS A 1 77 ? 4.996   -4.201  6.338   1.00 13.94 ? 77   CYS A CB  1 
ATOM   603  S  SG  . CYS A 1 77 ? 5.873   -2.610  6.421   1.00 14.70 ? 77   CYS A SG  1 
ATOM   604  N  N   . ILE A 1 78 ? 3.279   -2.489  3.919   1.00 12.18 ? 78   ILE A N   1 
ATOM   605  C  CA  . ILE A 1 78 ? 3.307   -2.126  2.505   1.00 10.97 ? 78   ILE A CA  1 
ATOM   606  C  C   . ILE A 1 78 ? 4.438   -1.163  2.157   1.00 11.60 ? 78   ILE A C   1 
ATOM   607  O  O   . ILE A 1 78 ? 4.697   -0.901  0.987   1.00 10.86 ? 78   ILE A O   1 
ATOM   608  C  CB  . ILE A 1 78 ? 1.971   -1.482  2.048   1.00 10.50 ? 78   ILE A CB  1 
ATOM   609  C  CG1 . ILE A 1 78 ? 1.671   -0.223  2.869   1.00 10.62 ? 78   ILE A CG1 1 
ATOM   610  C  CG2 . ILE A 1 78 ? 0.848   -2.496  2.169   1.00 13.18 ? 78   ILE A CG2 1 
ATOM   611  C  CD1 . ILE A 1 78 ? 0.484   0.588   2.345   1.00 10.45 ? 78   ILE A CD1 1 
ATOM   612  N  N   . GLY A 1 79 ? 5.115   -0.635  3.171   1.00 9.83  ? 79   GLY A N   1 
ATOM   613  C  CA  . GLY A 1 79 ? 6.198   0.290   2.900   1.00 10.19 ? 79   GLY A CA  1 
ATOM   614  C  C   . GLY A 1 79 ? 6.754   0.920   4.157   1.00 11.53 ? 79   GLY A C   1 
ATOM   615  O  O   . GLY A 1 79 ? 6.496   0.448   5.264   1.00 10.27 ? 79   GLY A O   1 
ATOM   616  N  N   . LYS A 1 80 ? 7.515   1.994   3.984   1.00 12.32 ? 80   LYS A N   1 
ATOM   617  C  CA  . LYS A 1 80 ? 8.112   2.687   5.114   1.00 15.54 ? 80   LYS A CA  1 
ATOM   618  C  C   . LYS A 1 80 ? 7.950   4.195   4.998   1.00 16.11 ? 80   LYS A C   1 
ATOM   619  O  O   . LYS A 1 80 ? 7.787   4.737   3.905   1.00 14.98 ? 80   LYS A O   1 
ATOM   620  C  CB  . LYS A 1 80 ? 9.599   2.340   5.218   1.00 16.66 ? 80   LYS A CB  1 
ATOM   621  C  CG  . LYS A 1 80 ? 9.877   0.898   5.606   1.00 21.34 ? 80   LYS A CG  1 
ATOM   622  C  CD  . LYS A 1 80 ? 11.374  0.648   5.703   1.00 24.67 ? 80   LYS A CD  1 
ATOM   623  C  CE  . LYS A 1 80 ? 11.677  -0.752  6.214   1.00 27.80 ? 80   LYS A CE  1 
ATOM   624  N  NZ  . LYS A 1 80 ? 13.145  -0.971  6.363   1.00 29.33 ? 80   LYS A NZ  1 
ATOM   625  N  N   . VAL A 1 81 ? 8.001   4.863   6.144   1.00 17.24 ? 81   VAL A N   1 
ATOM   626  C  CA  . VAL A 1 81 ? 7.865   6.309   6.205   1.00 20.01 ? 81   VAL A CA  1 
ATOM   627  C  C   . VAL A 1 81 ? 9.168   6.989   5.800   1.00 22.63 ? 81   VAL A C   1 
ATOM   628  O  O   . VAL A 1 81 ? 10.255  6.549   6.181   1.00 21.73 ? 81   VAL A O   1 
ATOM   629  C  CB  . VAL A 1 81 ? 7.492   6.761   7.636   1.00 20.77 ? 81   VAL A CB  1 
ATOM   630  C  CG1 . VAL A 1 81 ? 7.306   8.273   7.679   1.00 19.96 ? 81   VAL A CG1 1 
ATOM   631  C  CG2 . VAL A 1 81 ? 6.225   6.050   8.089   1.00 20.62 ? 81   VAL A CG2 1 
ATOM   632  N  N   . LYS A 1 82 ? 9.054   8.056   5.017   1.00 25.11 ? 82   LYS A N   1 
ATOM   633  C  CA  . LYS A 1 82 ? 10.221  8.811   4.582   1.00 30.18 ? 82   LYS A CA  1 
ATOM   634  C  C   . LYS A 1 82 ? 10.108  10.245  5.082   1.00 32.67 ? 82   LYS A C   1 
ATOM   635  O  O   . LYS A 1 82 ? 11.065  10.715  5.732   1.00 35.62 ? 82   LYS A O   1 
ATOM   636  C  CB  . LYS A 1 82 ? 10.341  8.803   3.055   1.00 31.16 ? 82   LYS A CB  1 
ATOM   637  C  CG  . LYS A 1 82 ? 9.193   9.475   2.323   1.00 31.41 ? 82   LYS A CG  1 
ATOM   638  C  CD  . LYS A 1 82 ? 9.468   9.526   0.827   1.00 33.62 ? 82   LYS A CD  1 
ATOM   639  C  CE  . LYS A 1 82 ? 8.341   10.208  0.072   1.00 33.96 ? 82   LYS A CE  1 
ATOM   640  N  NZ  . LYS A 1 82 ? 8.632   10.286  -1.389  1.00 34.88 ? 82   LYS A NZ  1 
ATOM   641  O  OXT . LYS A 1 82 ? 9.064   10.882  4.821   1.00 34.95 ? 82   LYS A OXT 1 
ATOM   642  N  N   . CYS B 1 1  ? 8.859   -6.648  -2.544  1.00 28.14 ? 1    CYS B N   1 
ATOM   643  C  CA  . CYS B 1 1  ? 7.421   -6.262  -2.448  1.00 26.43 ? 1    CYS B CA  1 
ATOM   644  C  C   . CYS B 1 1  ? 6.916   -6.304  -1.007  1.00 26.52 ? 1    CYS B C   1 
ATOM   645  O  O   . CYS B 1 1  ? 7.466   -7.015  -0.164  1.00 25.64 ? 1    CYS B O   1 
ATOM   646  C  CB  . CYS B 1 1  ? 6.565   -7.196  -3.311  1.00 24.87 ? 1    CYS B CB  1 
ATOM   647  S  SG  . CYS B 1 1  ? 6.702   -6.951  -5.112  1.00 23.38 ? 1    CYS B SG  1 
ATOM   648  N  N   . GLY B 1 2  ? 5.864   -5.535  -0.737  1.00 26.52 ? 2    GLY B N   1 
ATOM   649  C  CA  . GLY B 1 2  ? 5.283   -5.496  0.593   1.00 26.88 ? 2    GLY B CA  1 
ATOM   650  C  C   . GLY B 1 2  ? 4.686   -6.835  0.995   1.00 26.91 ? 2    GLY B C   1 
ATOM   651  O  O   . GLY B 1 2  ? 4.591   -7.746  0.174   1.00 27.80 ? 2    GLY B O   1 
ATOM   652  N  N   . ASP B 1 3  ? 4.276   -6.941  2.257   1.00 26.71 ? 3    ASP B N   1 
ATOM   653  C  CA  . ASP B 1 3  ? 3.701   -8.169  2.814   1.00 25.92 ? 3    ASP B CA  1 
ATOM   654  C  C   . ASP B 1 3  ? 2.276   -8.462  2.360   1.00 23.69 ? 3    ASP B C   1 
ATOM   655  O  O   . ASP B 1 3  ? 1.878   -9.622  2.227   1.00 22.21 ? 3    ASP B O   1 
ATOM   656  C  CB  . ASP B 1 3  ? 3.672   -8.093  4.344   1.00 27.48 ? 3    ASP B CB  1 
ATOM   657  C  CG  . ASP B 1 3  ? 5.037   -7.870  4.955   1.00 29.09 ? 3    ASP B CG  1 
ATOM   658  O  OD1 . ASP B 1 3  ? 5.080   -7.398  6.114   1.00 29.36 ? 3    ASP B OD1 1 
ATOM   659  O  OD2 . ASP B 1 3  ? 6.053   -8.173  4.296   1.00 29.13 ? 3    ASP B OD2 1 
ATOM   660  N  N   . LYS B 1 4  ? 1.503   -7.402  2.157   1.00 20.96 ? 4    LYS B N   1 
ATOM   661  C  CA  . LYS B 1 4  ? 0.106   -7.523  1.782   1.00 18.72 ? 4    LYS B CA  1 
ATOM   662  C  C   . LYS B 1 4  ? -0.223  -8.343  0.549   1.00 16.89 ? 4    LYS B C   1 
ATOM   663  O  O   . LYS B 1 4  ? 0.568   -8.455  -0.387  1.00 14.09 ? 4    LYS B O   1 
ATOM   664  C  CB  . LYS B 1 4  ? -0.519  -6.131  1.616   1.00 17.35 ? 4    LYS B CB  1 
ATOM   665  C  CG  . LYS B 1 4  ? -0.849  -5.417  2.920   1.00 18.79 ? 4    LYS B CG  1 
ATOM   666  C  CD  . LYS B 1 4  ? -1.987  -6.096  3.666   1.00 20.57 ? 4    LYS B CD  1 
ATOM   667  C  CE  . LYS B 1 4  ? -3.301  -5.989  2.904   1.00 20.36 ? 4    LYS B CE  1 
ATOM   668  N  NZ  . LYS B 1 4  ? -4.417  -6.656  3.630   1.00 25.59 ? 4    LYS B NZ  1 
ATOM   669  N  N   . LYS B 1 5  ? -1.415  -8.925  0.585   1.00 16.59 ? 5    LYS B N   1 
ATOM   670  C  CA  . LYS B 1 5  ? -1.952  -9.689  -0.524  1.00 17.27 ? 5    LYS B CA  1 
ATOM   671  C  C   . LYS B 1 5  ? -3.293  -9.019  -0.814  1.00 16.52 ? 5    LYS B C   1 
ATOM   672  O  O   . LYS B 1 5  ? -4.029  -8.671  0.111   1.00 17.78 ? 5    LYS B O   1 
ATOM   673  C  CB  . LYS B 1 5  ? -2.135  -11.158 -0.132  1.00 19.63 ? 5    LYS B CB  1 
ATOM   674  C  CG  . LYS B 1 5  ? -0.819  -11.918 -0.097  1.00 23.32 ? 5    LYS B CG  1 
ATOM   675  C  CD  . LYS B 1 5  ? -0.962  -13.307 0.483   1.00 27.16 ? 5    LYS B CD  1 
ATOM   676  C  CE  . LYS B 1 5  ? 0.336   -14.081 0.314   1.00 29.46 ? 5    LYS B CE  1 
ATOM   677  N  NZ  . LYS B 1 5  ? 1.515   -13.292 0.771   1.00 32.61 ? 5    LYS B NZ  1 
ATOM   678  N  N   . TYR B 1 6  ? -3.585  -8.801  -2.091  1.00 16.13 ? 6    TYR B N   1 
ATOM   679  C  CA  . TYR B 1 6  ? -4.833  -8.158  -2.492  1.00 14.64 ? 6    TYR B CA  1 
ATOM   680  C  C   . TYR B 1 6  ? -5.466  -8.904  -3.656  1.00 13.80 ? 6    TYR B C   1 
ATOM   681  O  O   . TYR B 1 6  ? -4.768  -9.491  -4.478  1.00 15.25 ? 6    TYR B O   1 
ATOM   682  C  CB  . TYR B 1 6  ? -4.601  -6.714  -2.964  1.00 14.64 ? 6    TYR B CB  1 
ATOM   683  C  CG  . TYR B 1 6  ? -3.986  -5.764  -1.960  1.00 13.25 ? 6    TYR B CG  1 
ATOM   684  C  CD1 . TYR B 1 6  ? -2.608  -5.549  -1.928  1.00 11.85 ? 6    TYR B CD1 1 
ATOM   685  C  CD2 . TYR B 1 6  ? -4.788  -5.043  -1.077  1.00 13.48 ? 6    TYR B CD2 1 
ATOM   686  C  CE1 . TYR B 1 6  ? -2.043  -4.627  -1.042  1.00 13.78 ? 6    TYR B CE1 1 
ATOM   687  C  CE2 . TYR B 1 6  ? -4.235  -4.122  -0.185  1.00 15.05 ? 6    TYR B CE2 1 
ATOM   688  C  CZ  . TYR B 1 6  ? -2.864  -3.918  -0.177  1.00 13.79 ? 6    TYR B CZ  1 
ATOM   689  O  OH  . TYR B 1 6  ? -2.322  -2.992  0.682   1.00 13.60 ? 6    TYR B OH  1 
ATOM   690  N  N   . THR B 1 7  ? -6.790  -8.859  -3.729  1.00 16.23 ? 7    THR B N   1 
ATOM   691  C  CA  . THR B 1 7  ? -7.505  -9.489  -4.831  1.00 18.24 ? 7    THR B CA  1 
ATOM   692  C  C   . THR B 1 7  ? -7.525  -8.423  -5.918  1.00 17.37 ? 7    THR B C   1 
ATOM   693  O  O   . THR B 1 7  ? -7.336  -7.241  -5.623  1.00 16.79 ? 7    THR B O   1 
ATOM   694  C  CB  . THR B 1 7  ? -8.957  -9.818  -4.454  1.00 19.77 ? 7    THR B CB  1 
ATOM   695  O  OG1 . THR B 1 7  ? -9.667  -8.601  -4.195  1.00 19.66 ? 7    THR B OG1 1 
ATOM   696  C  CG2 . THR B 1 7  ? -8.999  -10.703 -3.216  1.00 21.21 ? 7    THR B CG2 1 
ATOM   697  N  N   . LYS B 1 8  ? -7.745  -8.817  -7.168  1.00 17.57 ? 8    LYS B N   1 
ATOM   698  C  CA  . LYS B 1 8  ? -7.779  -7.826  -8.232  1.00 18.79 ? 8    LYS B CA  1 
ATOM   699  C  C   . LYS B 1 8  ? -8.954  -6.874  -8.013  1.00 18.04 ? 8    LYS B C   1 
ATOM   700  O  O   . LYS B 1 8  ? -8.917  -5.718  -8.441  1.00 17.38 ? 8    LYS B O   1 
ATOM   701  C  CB  . LYS B 1 8  ? -7.860  -8.505  -9.608  1.00 21.32 ? 8    LYS B CB  1 
ATOM   702  C  CG  . LYS B 1 8  ? -9.125  -9.288  -9.890  1.00 25.61 ? 8    LYS B CG  1 
ATOM   703  C  CD  . LYS B 1 8  ? -8.973  -10.115 -11.168 1.00 29.98 ? 8    LYS B CD  1 
ATOM   704  C  CE  . LYS B 1 8  ? -8.602  -9.251  -12.371 1.00 32.22 ? 8    LYS B CE  1 
ATOM   705  N  NZ  . LYS B 1 8  ? -8.371  -10.066 -13.603 1.00 34.12 ? 8    LYS B NZ  1 
ATOM   706  N  N   . GLU B 1 9  ? -9.990  -7.353  -7.330  1.00 16.86 ? 9    GLU B N   1 
ATOM   707  C  CA  . GLU B 1 9  ? -11.156 -6.520  -7.049  1.00 16.50 ? 9    GLU B CA  1 
ATOM   708  C  C   . GLU B 1 9  ? -10.796 -5.420  -6.052  1.00 16.28 ? 9    GLU B C   1 
ATOM   709  O  O   . GLU B 1 9  ? -11.319 -4.309  -6.123  1.00 15.13 ? 9    GLU B O   1 
ATOM   710  C  CB  . GLU B 1 9  ? -12.308 -7.357  -6.486  1.00 19.82 ? 9    GLU B CB  1 
ATOM   711  C  CG  . GLU B 1 9  ? -12.910 -8.372  -7.452  1.00 23.39 ? 9    GLU B CG  1 
ATOM   712  C  CD  . GLU B 1 9  ? -11.984 -9.534  -7.742  1.00 23.54 ? 9    GLU B CD  1 
ATOM   713  O  OE1 . GLU B 1 9  ? -11.277 -9.979  -6.816  1.00 23.61 ? 9    GLU B OE1 1 
ATOM   714  O  OE2 . GLU B 1 9  ? -11.976 -10.015 -8.895  1.00 28.65 ? 9    GLU B OE2 1 
ATOM   715  N  N   . GLU B 1 10 ? -9.907  -5.737  -5.116  1.00 16.19 ? 10   GLU B N   1 
ATOM   716  C  CA  . GLU B 1 10 ? -9.479  -4.755  -4.124  1.00 16.11 ? 10   GLU B CA  1 
ATOM   717  C  C   . GLU B 1 10 ? -8.639  -3.693  -4.831  1.00 14.79 ? 10   GLU B C   1 
ATOM   718  O  O   . GLU B 1 10 ? -8.791  -2.498  -4.578  1.00 13.72 ? 10   GLU B O   1 
ATOM   719  C  CB  . GLU B 1 10 ? -8.634  -5.413  -3.024  1.00 19.17 ? 10   GLU B CB  1 
ATOM   720  C  CG  . GLU B 1 10 ? -9.343  -6.484  -2.206  1.00 24.30 ? 10   GLU B CG  1 
ATOM   721  C  CD  . GLU B 1 10 ? -8.430  -7.117  -1.161  1.00 25.94 ? 10   GLU B CD  1 
ATOM   722  O  OE1 . GLU B 1 10 ? -8.270  -6.541  -0.061  1.00 28.89 ? 10   GLU B OE1 1 
ATOM   723  O  OE2 . GLU B 1 10 ? -7.855  -8.186  -1.447  1.00 25.51 ? 10   GLU B OE2 1 
ATOM   724  N  N   . VAL B 1 11 ? -7.754  -4.140  -5.720  1.00 12.62 ? 11   VAL B N   1 
ATOM   725  C  CA  . VAL B 1 11 ? -6.881  -3.228  -6.456  1.00 11.42 ? 11   VAL B CA  1 
ATOM   726  C  C   . VAL B 1 11 ? -7.692  -2.271  -7.328  1.00 11.35 ? 11   VAL B C   1 
ATOM   727  O  O   . VAL B 1 11 ? -7.353  -1.093  -7.462  1.00 9.99  ? 11   VAL B O   1 
ATOM   728  C  CB  . VAL B 1 11 ? -5.898  -4.003  -7.369  1.00 12.52 ? 11   VAL B CB  1 
ATOM   729  C  CG1 . VAL B 1 11 ? -5.019  -3.021  -8.139  1.00 12.50 ? 11   VAL B CG1 1 
ATOM   730  C  CG2 . VAL B 1 11 ? -5.037  -4.942  -6.538  1.00 12.71 ? 11   VAL B CG2 1 
ATOM   731  N  N   . ALA B 1 12 ? -8.765  -2.793  -7.911  1.00 11.33 ? 12   ALA B N   1 
ATOM   732  C  CA  . ALA B 1 12 ? -9.648  -2.033  -8.793  1.00 11.36 ? 12   ALA B CA  1 
ATOM   733  C  C   . ALA B 1 12 ? -10.194 -0.734  -8.202  1.00 12.06 ? 12   ALA B C   1 
ATOM   734  O  O   . ALA B 1 12 ? -10.458 0.219   -8.936  1.00 11.11 ? 12   ALA B O   1 
ATOM   735  C  CB  . ALA B 1 12 ? -10.809 -2.923  -9.237  1.00 12.37 ? 12   ALA B CB  1 
ATOM   736  N  N   . LYS B 1 13 ? -10.372 -0.693  -6.886  1.00 13.40 ? 13   LYS B N   1 
ATOM   737  C  CA  . LYS B 1 13 ? -10.901 0.506   -6.235  1.00 14.04 ? 13   LYS B CA  1 
ATOM   738  C  C   . LYS B 1 13 ? -9.963  1.708   -6.302  1.00 13.91 ? 13   LYS B C   1 
ATOM   739  O  O   . LYS B 1 13 ? -10.406 2.853   -6.209  1.00 11.84 ? 13   LYS B O   1 
ATOM   740  C  CB  . LYS B 1 13 ? -11.235 0.208   -4.773  1.00 16.85 ? 13   LYS B CB  1 
ATOM   741  C  CG  . LYS B 1 13 ? -12.367 -0.790  -4.589  1.00 21.14 ? 13   LYS B CG  1 
ATOM   742  C  CD  . LYS B 1 13 ? -12.734 -0.941  -3.124  1.00 25.22 ? 13   LYS B CD  1 
ATOM   743  C  CE  . LYS B 1 13 ? -13.942 -1.850  -2.953  1.00 28.24 ? 13   LYS B CE  1 
ATOM   744  N  NZ  . LYS B 1 13 ? -14.355 -1.965  -1.528  1.00 30.46 ? 13   LYS B NZ  1 
ATOM   745  N  N   . HIS B 1 14 ? -8.669  1.442   -6.465  1.00 12.33 ? 14   HIS B N   1 
ATOM   746  C  CA  . HIS B 1 14 ? -7.651  2.493   -6.540  1.00 11.37 ? 14   HIS B CA  1 
ATOM   747  C  C   . HIS B 1 14 ? -7.481  2.874   -8.006  1.00 11.96 ? 14   HIS B C   1 
ATOM   748  O  O   . HIS B 1 14 ? -6.461  2.569   -8.630  1.00 10.24 ? 14   HIS B O   1 
ATOM   749  C  CB  . HIS B 1 14 ? -6.351  1.948   -5.957  1.00 13.57 ? 14   HIS B CB  1 
ATOM   750  C  CG  . HIS B 1 14 ? -6.527  1.350   -4.596  1.00 13.68 ? 14   HIS B CG  1 
ATOM   751  N  ND1 . HIS B 1 14 ? -6.455  2.097   -3.440  1.00 13.71 ? 14   HIS B ND1 1 
ATOM   752  C  CD2 . HIS B 1 14 ? -6.861  0.095   -4.213  1.00 15.11 ? 14   HIS B CD2 1 
ATOM   753  C  CE1 . HIS B 1 14 ? -6.742  1.328   -2.404  1.00 14.35 ? 14   HIS B CE1 1 
ATOM   754  N  NE2 . HIS B 1 14 ? -6.993  0.109   -2.845  1.00 13.79 ? 14   HIS B NE2 1 
ATOM   755  N  N   . ASN B 1 15 ? -8.492  3.561   -8.530  1.00 11.38 ? 15   ASN B N   1 
ATOM   756  C  CA  . ASN B 1 15 ? -8.542  3.945   -9.935  1.00 13.19 ? 15   ASN B CA  1 
ATOM   757  C  C   . ASN B 1 15 ? -8.520  5.442   -10.257 1.00 13.41 ? 15   ASN B C   1 
ATOM   758  O  O   . ASN B 1 15 ? -9.008  5.851   -11.311 1.00 12.20 ? 15   ASN B O   1 
ATOM   759  C  CB  . ASN B 1 15 ? -9.788  3.303   -10.570 1.00 13.10 ? 15   ASN B CB  1 
ATOM   760  C  CG  . ASN B 1 15 ? -11.085 3.724   -9.881  1.00 14.06 ? 15   ASN B CG  1 
ATOM   761  O  OD1 . ASN B 1 15 ? -12.160 3.177   -10.154 1.00 14.25 ? 15   ASN B OD1 1 
ATOM   762  N  ND2 . ASN B 1 15 ? -10.990 4.699   -8.993  1.00 10.29 ? 15   ASN B ND2 1 
ATOM   763  N  N   . THR B 1 16 ? -7.958  6.257   -9.369  1.00 13.38 ? 16   THR B N   1 
ATOM   764  C  CA  . THR B 1 16 ? -7.887  7.700   -9.612  1.00 14.40 ? 16   THR B CA  1 
ATOM   765  C  C   . THR B 1 16 ? -6.462  8.221   -9.436  1.00 15.35 ? 16   THR B C   1 
ATOM   766  O  O   . THR B 1 16 ? -5.604  7.531   -8.888  1.00 14.05 ? 16   THR B O   1 
ATOM   767  C  CB  . THR B 1 16 ? -8.817  8.478   -8.665  1.00 16.63 ? 16   THR B CB  1 
ATOM   768  O  OG1 . THR B 1 16 ? -8.475  8.175   -7.307  1.00 17.82 ? 16   THR B OG1 1 
ATOM   769  C  CG2 . THR B 1 16 ? -10.270 8.103   -8.919  1.00 16.12 ? 16   THR B CG2 1 
ATOM   770  N  N   . GLN B 1 17 ? -6.215  9.448   -9.883  1.00 15.62 ? 17   GLN B N   1 
ATOM   771  C  CA  . GLN B 1 17 ? -4.876  10.020  -9.793  1.00 17.10 ? 17   GLN B CA  1 
ATOM   772  C  C   . GLN B 1 17 ? -4.327  10.183  -8.381  1.00 17.23 ? 17   GLN B C   1 
ATOM   773  O  O   . GLN B 1 17 ? -3.111  10.161  -8.188  1.00 18.42 ? 17   GLN B O   1 
ATOM   774  C  CB  . GLN B 1 17 ? -4.823  11.366  -10.526 1.00 19.86 ? 17   GLN B CB  1 
ATOM   775  C  CG  . GLN B 1 17 ? -5.815  12.398  -10.036 1.00 22.16 ? 17   GLN B CG  1 
ATOM   776  C  CD  . GLN B 1 17 ? -5.751  13.674  -10.855 1.00 25.22 ? 17   GLN B CD  1 
ATOM   777  O  OE1 . GLN B 1 17 ? -4.800  14.450  -10.748 1.00 26.28 ? 17   GLN B OE1 1 
ATOM   778  N  NE2 . GLN B 1 17 ? -6.758  13.887  -11.690 1.00 27.64 ? 17   GLN B NE2 1 
ATOM   779  N  N   . ASN B 1 18 ? -5.212  10.340  -7.400  1.00 16.77 ? 18   ASN B N   1 
ATOM   780  C  CA  . ASN B 1 18 ? -4.795  10.505  -6.007  1.00 18.09 ? 18   ASN B CA  1 
ATOM   781  C  C   . ASN B 1 18 ? -4.831  9.191   -5.229  1.00 16.49 ? 18   ASN B C   1 
ATOM   782  O  O   . ASN B 1 18 ? -4.568  9.158   -4.027  1.00 18.62 ? 18   ASN B O   1 
ATOM   783  C  CB  . ASN B 1 18 ? -5.700  11.530  -5.320  1.00 21.33 ? 18   ASN B CB  1 
ATOM   784  C  CG  . ASN B 1 18 ? -5.475  12.936  -5.833  1.00 23.43 ? 18   ASN B CG  1 
ATOM   785  O  OD1 . ASN B 1 18 ? -6.357  13.790  -5.738  1.00 27.16 ? 18   ASN B OD1 1 
ATOM   786  N  ND2 . ASN B 1 18 ? -4.287  13.189  -6.370  1.00 23.49 ? 18   ASN B ND2 1 
ATOM   787  N  N   . ASP B 1 19 ? -5.152  8.113   -5.930  1.00 15.90 ? 19   ASP B N   1 
ATOM   788  C  CA  . ASP B 1 19 ? -5.244  6.783   -5.337  1.00 13.67 ? 19   ASP B CA  1 
ATOM   789  C  C   . ASP B 1 19 ? -5.129  5.852   -6.536  1.00 14.05 ? 19   ASP B C   1 
ATOM   790  O  O   . ASP B 1 19 ? -6.117  5.269   -6.984  1.00 11.52 ? 19   ASP B O   1 
ATOM   791  C  CB  . ASP B 1 19 ? -6.606  6.618   -4.670  1.00 13.84 ? 19   ASP B CB  1 
ATOM   792  C  CG  . ASP B 1 19 ? -6.750  5.294   -3.965  1.00 13.19 ? 19   ASP B CG  1 
ATOM   793  O  OD1 . ASP B 1 19 ? -7.896  4.927   -3.638  1.00 15.52 ? 19   ASP B OD1 1 
ATOM   794  O  OD2 . ASP B 1 19 ? -5.719  4.627   -3.736  1.00 13.17 ? 19   ASP B OD2 1 
ATOM   795  N  N   . LEU B 1 20 ? -3.907  5.711   -7.034  1.00 13.12 ? 20   LEU B N   1 
ATOM   796  C  CA  . LEU B 1 20 ? -3.650  4.939   -8.243  1.00 12.46 ? 20   LEU B CA  1 
ATOM   797  C  C   . LEU B 1 20 ? -2.790  3.693   -8.081  1.00 11.19 ? 20   LEU B C   1 
ATOM   798  O  O   . LEU B 1 20 ? -1.580  3.789   -7.888  1.00 9.75  ? 20   LEU B O   1 
ATOM   799  C  CB  . LEU B 1 20 ? -2.990  5.875   -9.259  1.00 13.07 ? 20   LEU B CB  1 
ATOM   800  C  CG  . LEU B 1 20 ? -3.060  5.656   -10.770 1.00 13.86 ? 20   LEU B CG  1 
ATOM   801  C  CD1 . LEU B 1 20 ? -2.220  6.748   -11.440 1.00 15.43 ? 20   LEU B CD1 1 
ATOM   802  C  CD2 . LEU B 1 20 ? -2.540  4.285   -11.148 1.00 14.55 ? 20   LEU B CD2 1 
ATOM   803  N  N   . TRP B 1 21 ? -3.413  2.522   -8.177  1.00 9.61  ? 21   TRP B N   1 
ATOM   804  C  CA  . TRP B 1 21 ? -2.674  1.263   -8.086  1.00 10.00 ? 21   TRP B CA  1 
ATOM   805  C  C   . TRP B 1 21 ? -2.782  0.522   -9.416  1.00 9.87  ? 21   TRP B C   1 
ATOM   806  O  O   . TRP B 1 21 ? -3.773  0.661   -10.137 1.00 10.97 ? 21   TRP B O   1 
ATOM   807  C  CB  . TRP B 1 21 ? -3.263  0.349   -7.012  1.00 8.76  ? 21   TRP B CB  1 
ATOM   808  C  CG  . TRP B 1 21 ? -3.125  0.807   -5.593  1.00 10.23 ? 21   TRP B CG  1 
ATOM   809  C  CD1 . TRP B 1 21 ? -2.769  2.048   -5.148  1.00 9.10  ? 21   TRP B CD1 1 
ATOM   810  C  CD2 . TRP B 1 21 ? -3.419  0.030   -4.428  1.00 10.51 ? 21   TRP B CD2 1 
ATOM   811  N  NE1 . TRP B 1 21 ? -2.830  2.092   -3.770  1.00 9.88  ? 21   TRP B NE1 1 
ATOM   812  C  CE2 . TRP B 1 21 ? -3.227  0.864   -3.307  1.00 10.17 ? 21   TRP B CE2 1 
ATOM   813  C  CE3 . TRP B 1 21 ? -3.830  -1.295  -4.225  1.00 10.54 ? 21   TRP B CE3 1 
ATOM   814  C  CZ2 . TRP B 1 21 ? -3.431  0.418   -1.998  1.00 13.02 ? 21   TRP B CZ2 1 
ATOM   815  C  CZ3 . TRP B 1 21 ? -4.036  -1.739  -2.923  1.00 12.14 ? 21   TRP B CZ3 1 
ATOM   816  C  CH2 . TRP B 1 21 ? -3.836  -0.884  -1.826  1.00 13.20 ? 21   TRP B CH2 1 
ATOM   817  N  N   . ILE B 1 22 ? -1.762  -0.267  -9.734  1.00 9.38  ? 22   ILE B N   1 
ATOM   818  C  CA  . ILE B 1 22 ? -1.779  -1.074  -10.944 1.00 10.07 ? 22   ILE B CA  1 
ATOM   819  C  C   . ILE B 1 22 ? -1.207  -2.433  -10.585 1.00 12.17 ? 22   ILE B C   1 
ATOM   820  O  O   . ILE B 1 22 ? -0.596  -2.603  -9.522  1.00 10.76 ? 22   ILE B O   1 
ATOM   821  C  CB  . ILE B 1 22 ? -0.951  -0.444  -12.115 1.00 9.62  ? 22   ILE B CB  1 
ATOM   822  C  CG1 . ILE B 1 22 ? 0.520   -0.262  -11.722 1.00 12.75 ? 22   ILE B CG1 1 
ATOM   823  C  CG2 . ILE B 1 22 ? -1.568  0.881   -12.535 1.00 10.74 ? 22   ILE B CG2 1 
ATOM   824  C  CD1 . ILE B 1 22 ? 1.378   -1.497  -11.935 1.00 12.75 ? 22   ILE B CD1 1 
ATOM   825  N  N   . ILE B 1 23 ? -1.431  -3.406  -11.456 1.00 11.33 ? 23   ILE B N   1 
ATOM   826  C  CA  . ILE B 1 23 ? -0.912  -4.748  -11.248 1.00 12.10 ? 23   ILE B CA  1 
ATOM   827  C  C   . ILE B 1 23 ? 0.109   -5.014  -12.336 1.00 13.98 ? 23   ILE B C   1 
ATOM   828  O  O   . ILE B 1 23 ? -0.115  -4.688  -13.502 1.00 13.16 ? 23   ILE B O   1 
ATOM   829  C  CB  . ILE B 1 23 ? -2.034  -5.812  -11.334 1.00 13.80 ? 23   ILE B CB  1 
ATOM   830  C  CG1 . ILE B 1 23 ? -2.944  -5.701  -10.108 1.00 14.29 ? 23   ILE B CG1 1 
ATOM   831  C  CG2 . ILE B 1 23 ? -1.423  -7.209  -11.435 1.00 13.85 ? 23   ILE B CG2 1 
ATOM   832  C  CD1 . ILE B 1 23 ? -4.152  -6.620  -10.145 1.00 14.71 ? 23   ILE B CD1 1 
ATOM   833  N  N   . TYR B 1 24 ? 1.243   -5.581  -11.940 1.00 13.43 ? 24   TYR B N   1 
ATOM   834  C  CA  . TYR B 1 24 ? 2.305   -5.916  -12.874 1.00 14.71 ? 24   TYR B CA  1 
ATOM   835  C  C   . TYR B 1 24 ? 2.828   -7.305  -12.530 1.00 15.57 ? 24   TYR B C   1 
ATOM   836  O  O   . TYR B 1 24 ? 3.396   -7.510  -11.456 1.00 15.75 ? 24   TYR B O   1 
ATOM   837  C  CB  . TYR B 1 24 ? 3.463   -4.918  -12.778 1.00 14.47 ? 24   TYR B CB  1 
ATOM   838  C  CG  . TYR B 1 24 ? 4.623   -5.284  -13.679 1.00 15.63 ? 24   TYR B CG  1 
ATOM   839  C  CD1 . TYR B 1 24 ? 4.572   -5.026  -15.050 1.00 17.67 ? 24   TYR B CD1 1 
ATOM   840  C  CD2 . TYR B 1 24 ? 5.754   -5.925  -13.172 1.00 16.54 ? 24   TYR B CD2 1 
ATOM   841  C  CE1 . TYR B 1 24 ? 5.618   -5.399  -15.896 1.00 18.52 ? 24   TYR B CE1 1 
ATOM   842  C  CE2 . TYR B 1 24 ? 6.806   -6.304  -14.010 1.00 17.74 ? 24   TYR B CE2 1 
ATOM   843  C  CZ  . TYR B 1 24 ? 6.729   -6.037  -15.367 1.00 18.07 ? 24   TYR B CZ  1 
ATOM   844  O  OH  . TYR B 1 24 ? 7.756   -6.411  -16.201 1.00 20.90 ? 24   TYR B OH  1 
ATOM   845  N  N   . ASP B 1 25 ? 2.624   -8.253  -13.437 1.00 15.98 ? 25   ASP B N   1 
ATOM   846  C  CA  . ASP B 1 25 ? 3.093   -9.619  -13.235 1.00 17.29 ? 25   ASP B CA  1 
ATOM   847  C  C   . ASP B 1 25 ? 2.706   -10.160 -11.856 1.00 16.60 ? 25   ASP B C   1 
ATOM   848  O  O   . ASP B 1 25 ? 3.544   -10.700 -11.137 1.00 17.54 ? 25   ASP B O   1 
ATOM   849  C  CB  . ASP B 1 25 ? 4.613   -9.659  -13.404 1.00 21.32 ? 25   ASP B CB  1 
ATOM   850  C  CG  . ASP B 1 25 ? 5.158   -11.071 -13.506 1.00 25.90 ? 25   ASP B CG  1 
ATOM   851  O  OD1 . ASP B 1 25 ? 6.385   -11.240 -13.353 1.00 29.28 ? 25   ASP B OD1 1 
ATOM   852  O  OD2 . ASP B 1 25 ? 4.366   -12.008 -13.748 1.00 28.54 ? 25   ASP B OD2 1 
ATOM   853  N  N   . GLY B 1 26 ? 1.440   -9.998  -11.488 1.00 15.66 ? 26   GLY B N   1 
ATOM   854  C  CA  . GLY B 1 26 ? 0.968   -10.497 -10.206 1.00 15.51 ? 26   GLY B CA  1 
ATOM   855  C  C   . GLY B 1 26 ? 1.361   -9.678  -8.989  1.00 15.18 ? 26   GLY B C   1 
ATOM   856  O  O   . GLY B 1 26 ? 1.098   -10.093 -7.859  1.00 15.02 ? 26   GLY B O   1 
ATOM   857  N  N   . GLU B 1 27 ? 1.988   -8.524  -9.213  1.00 13.43 ? 27   GLU B N   1 
ATOM   858  C  CA  . GLU B 1 27 ? 2.412   -7.639  -8.127  1.00 13.65 ? 27   GLU B CA  1 
ATOM   859  C  C   . GLU B 1 27 ? 1.504   -6.414  -8.073  1.00 13.00 ? 27   GLU B C   1 
ATOM   860  O  O   . GLU B 1 27 ? 1.062   -5.934  -9.111  1.00 13.63 ? 27   GLU B O   1 
ATOM   861  C  CB  . GLU B 1 27 ? 3.837   -7.135  -8.354  1.00 14.29 ? 27   GLU B CB  1 
ATOM   862  C  CG  . GLU B 1 27 ? 4.847   -8.175  -8.800  1.00 15.67 ? 27   GLU B CG  1 
ATOM   863  C  CD  . GLU B 1 27 ? 6.218   -7.564  -9.051  1.00 17.04 ? 27   GLU B CD  1 
ATOM   864  O  OE1 . GLU B 1 27 ? 6.288   -6.347  -9.336  1.00 15.51 ? 27   GLU B OE1 1 
ATOM   865  O  OE2 . GLU B 1 27 ? 7.226   -8.297  -8.978  1.00 17.06 ? 27   GLU B OE2 1 
ATOM   866  N  N   . VAL B 1 28 ? 1.250   -5.904  -6.871  1.00 11.42 ? 28   VAL B N   1 
ATOM   867  C  CA  . VAL B 1 28 ? 0.415   -4.715  -6.707  1.00 12.78 ? 28   VAL B CA  1 
ATOM   868  C  C   . VAL B 1 28 ? 1.335   -3.515  -6.493  1.00 12.72 ? 28   VAL B C   1 
ATOM   869  O  O   . VAL B 1 28 ? 2.188   -3.531  -5.604  1.00 12.01 ? 28   VAL B O   1 
ATOM   870  C  CB  . VAL B 1 28 ? -0.539  -4.857  -5.499  1.00 11.55 ? 28   VAL B CB  1 
ATOM   871  C  CG1 . VAL B 1 28 ? -1.400  -3.608  -5.352  1.00 11.50 ? 28   VAL B CG1 1 
ATOM   872  C  CG2 . VAL B 1 28 ? -1.429  -6.082  -5.689  1.00 12.49 ? 28   VAL B CG2 1 
ATOM   873  N  N   . HIS B 1 29 ? 1.166   -2.480  -7.310  1.00 12.26 ? 29   HIS B N   1 
ATOM   874  C  CA  . HIS B 1 29 ? 2.006   -1.292  -7.211  1.00 11.89 ? 29   HIS B CA  1 
ATOM   875  C  C   . HIS B 1 29 ? 1.216   -0.010  -6.982  1.00 12.76 ? 29   HIS B C   1 
ATOM   876  O  O   . HIS B 1 29 ? 0.249   0.271   -7.691  1.00 12.86 ? 29   HIS B O   1 
ATOM   877  C  CB  . HIS B 1 29 ? 2.844   -1.138  -8.485  1.00 12.55 ? 29   HIS B CB  1 
ATOM   878  C  CG  . HIS B 1 29 ? 3.838   -2.239  -8.697  1.00 12.37 ? 29   HIS B CG  1 
ATOM   879  N  ND1 . HIS B 1 29 ? 5.193   -2.065  -8.515  1.00 12.25 ? 29   HIS B ND1 1 
ATOM   880  C  CD2 . HIS B 1 29 ? 3.672   -3.529  -9.073  1.00 12.47 ? 29   HIS B CD2 1 
ATOM   881  C  CE1 . HIS B 1 29 ? 5.820   -3.201  -8.771  1.00 12.49 ? 29   HIS B CE1 1 
ATOM   882  N  NE2 . HIS B 1 29 ? 4.919   -4.106  -9.112  1.00 11.89 ? 29   HIS B NE2 1 
ATOM   883  N  N   . ASP B 1 30 ? 1.634   0.772   -5.992  1.00 11.53 ? 30   ASP B N   1 
ATOM   884  C  CA  . ASP B 1 30 ? 0.970   2.038   -5.697  1.00 11.37 ? 30   ASP B CA  1 
ATOM   885  C  C   . ASP B 1 30 ? 1.724   3.117   -6.471  1.00 11.34 ? 30   ASP B C   1 
ATOM   886  O  O   . ASP B 1 30 ? 2.861   3.451   -6.140  1.00 11.75 ? 30   ASP B O   1 
ATOM   887  C  CB  . ASP B 1 30 ? 1.003   2.323   -4.189  1.00 12.28 ? 30   ASP B CB  1 
ATOM   888  C  CG  . ASP B 1 30 ? 0.359   3.651   -3.831  1.00 13.38 ? 30   ASP B CG  1 
ATOM   889  O  OD1 . ASP B 1 30 ? 0.296   3.979   -2.626  1.00 13.21 ? 30   ASP B OD1 1 
ATOM   890  O  OD2 . ASP B 1 30 ? -0.083  4.366   -4.753  1.00 13.66 ? 30   ASP B OD2 1 
ATOM   891  N  N   . MET B 1 31 ? 1.083   3.642   -7.512  1.00 11.02 ? 31   MET B N   1 
ATOM   892  C  CA  . MET B 1 31 ? 1.680   4.657   -8.379  1.00 12.76 ? 31   MET B CA  1 
ATOM   893  C  C   . MET B 1 31 ? 1.204   6.072   -8.086  1.00 12.94 ? 31   MET B C   1 
ATOM   894  O  O   . MET B 1 31 ? 1.469   6.984   -8.867  1.00 13.77 ? 31   MET B O   1 
ATOM   895  C  CB  . MET B 1 31 ? 1.345   4.358   -9.845  1.00 12.69 ? 31   MET B CB  1 
ATOM   896  C  CG  . MET B 1 31 ? 1.529   2.922   -10.277 1.00 13.85 ? 31   MET B CG  1 
ATOM   897  S  SD  . MET B 1 31 ? 3.179   2.306   -9.962  1.00 16.67 ? 31   MET B SD  1 
ATOM   898  C  CE  . MET B 1 31 ? 4.153   3.514   -10.772 1.00 13.92 ? 31   MET B CE  1 
ATOM   899  N  N   . THR B 1 32 ? 0.509   6.263   -6.974  1.00 12.87 ? 32   THR B N   1 
ATOM   900  C  CA  . THR B 1 32 ? -0.025  7.580   -6.643  1.00 14.19 ? 32   THR B CA  1 
ATOM   901  C  C   . THR B 1 32 ? 1.018   8.695   -6.698  1.00 15.81 ? 32   THR B C   1 
ATOM   902  O  O   . THR B 1 32 ? 0.792   9.741   -7.319  1.00 15.02 ? 32   THR B O   1 
ATOM   903  C  CB  . THR B 1 32 ? -0.689  7.564   -5.258  1.00 14.78 ? 32   THR B CB  1 
ATOM   904  O  OG1 . THR B 1 32 ? -1.663  6.507   -5.210  1.00 13.06 ? 32   THR B OG1 1 
ATOM   905  C  CG2 . THR B 1 32 ? -1.380  8.900   -4.987  1.00 13.73 ? 32   THR B CG2 1 
ATOM   906  N  N   . SER B 1 33 ? 2.160   8.466   -6.058  1.00 16.88 ? 33   SER B N   1 
ATOM   907  C  CA  . SER B 1 33 ? 3.234   9.453   -6.028  1.00 18.59 ? 33   SER B CA  1 
ATOM   908  C  C   . SER B 1 33 ? 3.897   9.650   -7.389  1.00 19.02 ? 33   SER B C   1 
ATOM   909  O  O   . SER B 1 33 ? 4.451   10.714  -7.674  1.00 19.33 ? 33   SER B O   1 
ATOM   910  C  CB  . SER B 1 33 ? 4.291   9.037   -4.999  1.00 20.64 ? 33   SER B CB  1 
ATOM   911  O  OG  . SER B 1 33 ? 5.412   9.901   -5.051  1.00 26.78 ? 33   SER B OG  1 
ATOM   912  N  N   . PHE B 1 34 ? 3.832   8.623   -8.227  1.00 17.18 ? 34   PHE B N   1 
ATOM   913  C  CA  . PHE B 1 34 ? 4.432   8.661   -9.554  1.00 18.02 ? 34   PHE B CA  1 
ATOM   914  C  C   . PHE B 1 34 ? 3.562   9.361   -10.605 1.00 17.36 ? 34   PHE B C   1 
ATOM   915  O  O   . PHE B 1 34 ? 4.064   9.793   -11.643 1.00 19.33 ? 34   PHE B O   1 
ATOM   916  C  CB  . PHE B 1 34 ? 4.733   7.227   -10.002 1.00 16.29 ? 34   PHE B CB  1 
ATOM   917  C  CG  . PHE B 1 34 ? 5.353   7.126   -11.362 1.00 17.66 ? 34   PHE B CG  1 
ATOM   918  C  CD1 . PHE B 1 34 ? 6.636   7.610   -11.600 1.00 19.68 ? 34   PHE B CD1 1 
ATOM   919  C  CD2 . PHE B 1 34 ? 4.658   6.527   -12.408 1.00 17.65 ? 34   PHE B CD2 1 
ATOM   920  C  CE1 . PHE B 1 34 ? 7.216   7.497   -12.860 1.00 17.62 ? 34   PHE B CE1 1 
ATOM   921  C  CE2 . PHE B 1 34 ? 5.227   6.411   -13.667 1.00 16.99 ? 34   PHE B CE2 1 
ATOM   922  C  CZ  . PHE B 1 34 ? 6.508   6.895   -13.896 1.00 18.12 ? 34   PHE B CZ  1 
ATOM   923  N  N   . TYR B 1 35 ? 2.265   9.478   -10.333 1.00 17.93 ? 35   TYR B N   1 
ATOM   924  C  CA  . TYR B 1 35 ? 1.335   10.100  -11.278 1.00 17.80 ? 35   TYR B CA  1 
ATOM   925  C  C   . TYR B 1 35 ? 1.799   11.424  -11.889 1.00 19.94 ? 35   TYR B C   1 
ATOM   926  O  O   . TYR B 1 35 ? 1.890   11.560  -13.107 1.00 19.01 ? 35   TYR B O   1 
ATOM   927  C  CB  . TYR B 1 35 ? -0.030  10.328  -10.620 1.00 19.08 ? 35   TYR B CB  1 
ATOM   928  C  CG  . TYR B 1 35 ? -0.979  11.100  -11.514 1.00 20.45 ? 35   TYR B CG  1 
ATOM   929  C  CD1 . TYR B 1 35 ? -1.505  10.518  -12.668 1.00 17.70 ? 35   TYR B CD1 1 
ATOM   930  C  CD2 . TYR B 1 35 ? -1.294  12.433  -11.244 1.00 21.80 ? 35   TYR B CD2 1 
ATOM   931  C  CE1 . TYR B 1 35 ? -2.317  11.244  -13.537 1.00 21.37 ? 35   TYR B CE1 1 
ATOM   932  C  CE2 . TYR B 1 35 ? -2.104  13.170  -12.108 1.00 22.06 ? 35   TYR B CE2 1 
ATOM   933  C  CZ  . TYR B 1 35 ? -2.611  12.569  -13.252 1.00 23.03 ? 35   TYR B CZ  1 
ATOM   934  O  OH  . TYR B 1 35 ? -3.404  13.293  -14.117 1.00 24.54 ? 35   TYR B OH  1 
ATOM   935  N  N   . LYS B 1 36 ? 2.068   12.402  -11.034 1.00 23.43 ? 36   LYS B N   1 
ATOM   936  C  CA  . LYS B 1 36 ? 2.488   13.725  -11.483 1.00 27.67 ? 36   LYS B CA  1 
ATOM   937  C  C   . LYS B 1 36 ? 3.706   13.708  -12.399 1.00 28.62 ? 36   LYS B C   1 
ATOM   938  O  O   . LYS B 1 36 ? 3.751   14.431  -13.395 1.00 30.99 ? 36   LYS B O   1 
ATOM   939  C  CB  . LYS B 1 36 ? 2.773   14.615  -10.271 1.00 30.53 ? 36   LYS B CB  1 
ATOM   940  C  CG  . LYS B 1 36 ? 1.558   14.863  -9.386  1.00 35.42 ? 36   LYS B CG  1 
ATOM   941  C  CD  . LYS B 1 36 ? 1.960   15.486  -8.057  1.00 38.27 ? 36   LYS B CD  1 
ATOM   942  C  CE  . LYS B 1 36 ? 0.764   15.627  -7.127  1.00 39.82 ? 36   LYS B CE  1 
ATOM   943  N  NZ  . LYS B 1 36 ? 1.168   16.115  -5.779  1.00 42.63 ? 36   LYS B NZ  1 
ATOM   944  N  N   . GLU B 1 37 ? 4.687   12.875  -12.074 1.00 28.70 ? 37   GLU B N   1 
ATOM   945  C  CA  . GLU B 1 37 ? 5.902   12.810  -12.872 1.00 28.64 ? 37   GLU B CA  1 
ATOM   946  C  C   . GLU B 1 37 ? 5.950   11.712  -13.926 1.00 27.27 ? 37   GLU B C   1 
ATOM   947  O  O   . GLU B 1 37 ? 7.026   11.394  -14.434 1.00 27.13 ? 37   GLU B O   1 
ATOM   948  C  CB  . GLU B 1 37 ? 7.116   12.689  -11.952 1.00 31.71 ? 37   GLU B CB  1 
ATOM   949  C  CG  . GLU B 1 37 ? 6.985   11.623  -10.879 1.00 35.67 ? 37   GLU B CG  1 
ATOM   950  C  CD  . GLU B 1 37 ? 8.207   11.553  -9.986  1.00 38.13 ? 37   GLU B CD  1 
ATOM   951  O  OE1 . GLU B 1 37 ? 8.182   10.789  -9.001  1.00 39.75 ? 37   GLU B OE1 1 
ATOM   952  O  OE2 . GLU B 1 37 ? 9.197   12.259  -10.271 1.00 39.64 ? 37   GLU B OE2 1 
ATOM   953  N  N   . HIS B 1 38 ? 4.803   11.132  -14.267 1.00 23.58 ? 38   HIS B N   1 
ATOM   954  C  CA  . HIS B 1 38 ? 4.795   10.087  -15.282 1.00 22.48 ? 38   HIS B CA  1 
ATOM   955  C  C   . HIS B 1 38 ? 5.037   10.680  -16.658 1.00 24.32 ? 38   HIS B C   1 
ATOM   956  O  O   . HIS B 1 38 ? 4.220   11.452  -17.163 1.00 22.23 ? 38   HIS B O   1 
ATOM   957  C  CB  . HIS B 1 38 ? 3.467   9.323   -15.294 1.00 19.87 ? 38   HIS B CB  1 
ATOM   958  C  CG  . HIS B 1 38 ? 3.321   8.402   -16.466 1.00 16.19 ? 38   HIS B CG  1 
ATOM   959  N  ND1 . HIS B 1 38 ? 2.494   8.679   -17.532 1.00 16.22 ? 38   HIS B ND1 1 
ATOM   960  C  CD2 . HIS B 1 38 ? 3.938   7.234   -16.763 1.00 14.78 ? 38   HIS B CD2 1 
ATOM   961  C  CE1 . HIS B 1 38 ? 2.606   7.723   -18.435 1.00 14.32 ? 38   HIS B CE1 1 
ATOM   962  N  NE2 . HIS B 1 38 ? 3.476   6.833   -17.994 1.00 16.05 ? 38   HIS B NE2 1 
ATOM   963  N  N   . PRO B 1 39 ? 6.178   10.341  -17.280 1.00 26.64 ? 39   PRO B N   1 
ATOM   964  C  CA  . PRO B 1 39 ? 6.470   10.873  -18.611 1.00 28.48 ? 39   PRO B CA  1 
ATOM   965  C  C   . PRO B 1 39 ? 5.314   10.526  -19.541 1.00 29.77 ? 39   PRO B C   1 
ATOM   966  O  O   . PRO B 1 39 ? 4.782   9.417   -19.489 1.00 30.54 ? 39   PRO B O   1 
ATOM   967  C  CB  . PRO B 1 39 ? 7.765   10.159  -18.988 1.00 28.55 ? 39   PRO B CB  1 
ATOM   968  C  CG  . PRO B 1 39 ? 8.446   10.004  -17.657 1.00 27.87 ? 39   PRO B CG  1 
ATOM   969  C  CD  . PRO B 1 39 ? 7.308   9.539   -16.775 1.00 27.32 ? 39   PRO B CD  1 
ATOM   970  N  N   . GLY B 1 40 ? 4.918   11.476  -20.378 1.00 30.53 ? 40   GLY B N   1 
ATOM   971  C  CA  . GLY B 1 40 ? 3.813   11.226  -21.283 1.00 31.96 ? 40   GLY B CA  1 
ATOM   972  C  C   . GLY B 1 40 ? 2.549   11.855  -20.738 1.00 31.56 ? 40   GLY B C   1 
ATOM   973  O  O   . GLY B 1 40 ? 1.696   12.310  -21.498 1.00 32.46 ? 40   GLY B O   1 
ATOM   974  N  N   . GLY B 1 41 ? 2.419   11.864  -19.415 1.00 31.61 ? 41   GLY B N   1 
ATOM   975  C  CA  . GLY B 1 41 ? 1.259   12.480  -18.797 1.00 30.36 ? 41   GLY B CA  1 
ATOM   976  C  C   . GLY B 1 41 ? 0.158   11.615  -18.208 1.00 29.95 ? 41   GLY B C   1 
ATOM   977  O  O   . GLY B 1 41 ? 0.329   10.425  -17.933 1.00 27.61 ? 41   GLY B O   1 
ATOM   978  N  N   . LYS B 1 42 ? -0.987  12.270  -18.027 1.00 28.88 ? 42   LYS B N   1 
ATOM   979  C  CA  . LYS B 1 42 ? -2.214  11.715  -17.463 1.00 29.27 ? 42   LYS B CA  1 
ATOM   980  C  C   . LYS B 1 42 ? -2.758  10.424  -18.082 1.00 27.21 ? 42   LYS B C   1 
ATOM   981  O  O   . LYS B 1 42 ? -3.565  9.730   -17.457 1.00 28.07 ? 42   LYS B O   1 
ATOM   982  C  CB  . LYS B 1 42 ? -3.296  12.799  -17.519 1.00 30.13 ? 42   LYS B CB  1 
ATOM   983  C  CG  . LYS B 1 42 ? -4.703  12.354  -17.162 1.00 35.90 ? 42   LYS B CG  1 
ATOM   984  C  CD  . LYS B 1 42 ? -5.677  13.507  -17.353 1.00 37.59 ? 42   LYS B CD  1 
ATOM   985  C  CE  . LYS B 1 42 ? -7.111  13.091  -17.075 1.00 40.12 ? 42   LYS B CE  1 
ATOM   986  N  NZ  . LYS B 1 42 ? -8.058  14.217  -17.312 1.00 41.32 ? 42   LYS B NZ  1 
ATOM   987  N  N   . VAL B 1 43 ? -2.336  10.102  -19.299 1.00 23.79 ? 43   VAL B N   1 
ATOM   988  C  CA  . VAL B 1 43 ? -2.818  8.892   -19.961 1.00 21.21 ? 43   VAL B CA  1 
ATOM   989  C  C   . VAL B 1 43 ? -2.579  7.635   -19.126 1.00 19.08 ? 43   VAL B C   1 
ATOM   990  O  O   . VAL B 1 43 ? -3.200  6.599   -19.361 1.00 19.36 ? 43   VAL B O   1 
ATOM   991  C  CB  . VAL B 1 43 ? -2.162  8.698   -21.345 1.00 21.29 ? 43   VAL B CB  1 
ATOM   992  C  CG1 . VAL B 1 43 ? -2.600  9.807   -22.286 1.00 23.38 ? 43   VAL B CG1 1 
ATOM   993  C  CG2 . VAL B 1 43 ? -0.649  8.678   -21.207 1.00 19.95 ? 43   VAL B CG2 1 
ATOM   994  N  N   . ILE B 1 44 ? -1.678  7.730   -18.151 1.00 17.45 ? 44   ILE B N   1 
ATOM   995  C  CA  . ILE B 1 44 ? -1.375  6.599   -17.282 1.00 14.36 ? 44   ILE B CA  1 
ATOM   996  C  C   . ILE B 1 44 ? -2.655  6.105   -16.606 1.00 13.55 ? 44   ILE B C   1 
ATOM   997  O  O   . ILE B 1 44 ? -2.770  4.929   -16.255 1.00 13.97 ? 44   ILE B O   1 
ATOM   998  C  CB  . ILE B 1 44 ? -0.333  6.990   -16.196 1.00 16.13 ? 44   ILE B CB  1 
ATOM   999  C  CG1 . ILE B 1 44 ? -0.086  5.809   -15.253 1.00 16.49 ? 44   ILE B CG1 1 
ATOM   1000 C  CG2 . ILE B 1 44 ? -0.824  8.203   -15.399 1.00 16.06 ? 44   ILE B CG2 1 
ATOM   1001 C  CD1 . ILE B 1 44 ? 1.075   6.016   -14.295 1.00 16.93 ? 44   ILE B CD1 1 
ATOM   1002 N  N   . LEU B 1 45 ? -3.621  7.007   -16.447 1.00 11.39 ? 45   LEU B N   1 
ATOM   1003 C  CA  . LEU B 1 45 ? -4.888  6.675   -15.800 1.00 13.52 ? 45   LEU B CA  1 
ATOM   1004 C  C   . LEU B 1 45 ? -5.720  5.647   -16.564 1.00 12.71 ? 45   LEU B C   1 
ATOM   1005 O  O   . LEU B 1 45 ? -6.642  5.055   -16.002 1.00 13.34 ? 45   LEU B O   1 
ATOM   1006 C  CB  . LEU B 1 45 ? -5.718  7.947   -15.575 1.00 14.24 ? 45   LEU B CB  1 
ATOM   1007 C  CG  . LEU B 1 45 ? -5.130  8.969   -14.592 1.00 16.39 ? 45   LEU B CG  1 
ATOM   1008 C  CD1 . LEU B 1 45 ? -6.018  10.204  -14.529 1.00 17.73 ? 45   LEU B CD1 1 
ATOM   1009 C  CD2 . LEU B 1 45 ? -5.004  8.337   -13.211 1.00 18.20 ? 45   LEU B CD2 1 
ATOM   1010 N  N   . ASN B 1 46 ? -5.409  5.431   -17.839 1.00 12.79 ? 46   ASN B N   1 
ATOM   1011 C  CA  . ASN B 1 46 ? -6.159  4.452   -18.618 1.00 14.42 ? 46   ASN B CA  1 
ATOM   1012 C  C   . ASN B 1 46 ? -6.088  3.076   -17.967 1.00 13.34 ? 46   ASN B C   1 
ATOM   1013 O  O   . ASN B 1 46 ? -6.994  2.258   -18.129 1.00 14.13 ? 46   ASN B O   1 
ATOM   1014 C  CB  . ASN B 1 46 ? -5.631  4.364   -20.053 1.00 14.50 ? 46   ASN B CB  1 
ATOM   1015 C  CG  . ASN B 1 46 ? -6.006  5.572   -20.884 1.00 15.78 ? 46   ASN B CG  1 
ATOM   1016 O  OD1 . ASN B 1 46 ? -6.962  6.284   -20.568 1.00 17.95 ? 46   ASN B OD1 1 
ATOM   1017 N  ND2 . ASN B 1 46 ? -5.269  5.800   -21.962 1.00 16.10 ? 46   ASN B ND2 1 
ATOM   1018 N  N   . LYS B 1 47 ? -5.016  2.824   -17.223 1.00 12.08 ? 47   LYS B N   1 
ATOM   1019 C  CA  . LYS B 1 47 ? -4.852  1.537   -16.555 1.00 12.09 ? 47   LYS B CA  1 
ATOM   1020 C  C   . LYS B 1 47 ? -4.971  1.612   -15.031 1.00 12.24 ? 47   LYS B C   1 
ATOM   1021 O  O   . LYS B 1 47 ? -4.604  0.669   -14.326 1.00 11.70 ? 47   LYS B O   1 
ATOM   1022 C  CB  . LYS B 1 47 ? -3.508  0.907   -16.944 1.00 13.47 ? 47   LYS B CB  1 
ATOM   1023 C  CG  . LYS B 1 47 ? -3.490  0.265   -18.330 1.00 14.93 ? 47   LYS B CG  1 
ATOM   1024 C  CD  . LYS B 1 47 ? -4.407  -0.952  -18.393 1.00 14.68 ? 47   LYS B CD  1 
ATOM   1025 C  CE  . LYS B 1 47 ? -4.394  -1.611  -19.771 1.00 16.96 ? 47   LYS B CE  1 
ATOM   1026 N  NZ  . LYS B 1 47 ? -4.950  -0.735  -20.838 1.00 16.62 ? 47   LYS B NZ  1 
ATOM   1027 N  N   . ALA B 1 48 ? -5.489  2.723   -14.516 1.00 12.24 ? 48   ALA B N   1 
ATOM   1028 C  CA  . ALA B 1 48 ? -5.643  2.860   -13.067 1.00 11.46 ? 48   ALA B CA  1 
ATOM   1029 C  C   . ALA B 1 48 ? -6.557  1.760   -12.520 1.00 12.07 ? 48   ALA B C   1 
ATOM   1030 O  O   . ALA B 1 48 ? -7.690  1.590   -12.984 1.00 12.05 ? 48   ALA B O   1 
ATOM   1031 C  CB  . ALA B 1 48 ? -6.211  4.233   -12.721 1.00 10.64 ? 48   ALA B CB  1 
ATOM   1032 N  N   . GLY B 1 49 ? -6.053  1.022   -11.534 1.00 11.52 ? 49   GLY B N   1 
ATOM   1033 C  CA  . GLY B 1 49 ? -6.815  -0.058  -10.924 1.00 10.23 ? 49   GLY B CA  1 
ATOM   1034 C  C   . GLY B 1 49 ? -6.798  -1.345  -11.734 1.00 10.87 ? 49   GLY B C   1 
ATOM   1035 O  O   . GLY B 1 49 ? -7.471  -2.320  -11.386 1.00 10.52 ? 49   GLY B O   1 
ATOM   1036 N  N   . GLN B 1 50 ? -6.000  -1.371  -12.795 1.00 10.53 ? 50   GLN B N   1 
ATOM   1037 C  CA  . GLN B 1 50 ? -5.953  -2.540  -13.664 1.00 11.29 ? 50   GLN B CA  1 
ATOM   1038 C  C   . GLN B 1 50 ? -4.576  -3.163  -13.849 1.00 12.18 ? 50   GLN B C   1 
ATOM   1039 O  O   . GLN B 1 50 ? -3.574  -2.676  -13.327 1.00 11.48 ? 50   GLN B O   1 
ATOM   1040 C  CB  . GLN B 1 50 ? -6.520  -2.162  -15.037 1.00 12.08 ? 50   GLN B CB  1 
ATOM   1041 C  CG  . GLN B 1 50 ? -7.883  -1.479  -14.957 1.00 12.23 ? 50   GLN B CG  1 
ATOM   1042 C  CD  . GLN B 1 50 ? -8.402  -1.046  -16.315 1.00 14.91 ? 50   GLN B CD  1 
ATOM   1043 O  OE1 . GLN B 1 50 ? -7.643  -0.939  -17.273 1.00 16.23 ? 50   GLN B OE1 1 
ATOM   1044 N  NE2 . GLN B 1 50 ? -9.700  -0.786  -16.398 1.00 16.76 ? 50   GLN B NE2 1 
ATOM   1045 N  N   . ASP B 1 51 ? -4.543  -4.257  -14.606 1.00 11.94 ? 51   ASP B N   1 
ATOM   1046 C  CA  . ASP B 1 51 ? -3.299  -4.963  -14.885 1.00 12.39 ? 51   ASP B CA  1 
ATOM   1047 C  C   . ASP B 1 51 ? -2.604  -4.272  -16.062 1.00 13.71 ? 51   ASP B C   1 
ATOM   1048 O  O   . ASP B 1 51 ? -3.115  -4.281  -17.187 1.00 13.40 ? 51   ASP B O   1 
ATOM   1049 C  CB  . ASP B 1 51 ? -3.610  -6.427  -15.214 1.00 14.08 ? 51   ASP B CB  1 
ATOM   1050 C  CG  . ASP B 1 51 ? -2.364  -7.290  -15.295 1.00 13.82 ? 51   ASP B CG  1 
ATOM   1051 O  OD1 . ASP B 1 51 ? -2.378  -8.408  -14.733 1.00 13.81 ? 51   ASP B OD1 1 
ATOM   1052 O  OD2 . ASP B 1 51 ? -1.382  -6.861  -15.928 1.00 13.72 ? 51   ASP B OD2 1 
ATOM   1053 N  N   . ALA B 1 52 ? -1.448  -3.663  -15.796 1.00 11.24 ? 52   ALA B N   1 
ATOM   1054 C  CA  . ALA B 1 52 ? -0.688  -2.947  -16.821 1.00 12.43 ? 52   ALA B CA  1 
ATOM   1055 C  C   . ALA B 1 52 ? 0.549   -3.705  -17.293 1.00 11.92 ? 52   ALA B C   1 
ATOM   1056 O  O   . ALA B 1 52 ? 1.464   -3.112  -17.869 1.00 11.97 ? 52   ALA B O   1 
ATOM   1057 C  CB  . ALA B 1 52 ? -0.269  -1.576  -16.286 1.00 13.64 ? 52   ALA B CB  1 
ATOM   1058 N  N   . THR B 1 53 ? 0.582   -5.012  -17.055 1.00 12.48 ? 53   THR B N   1 
ATOM   1059 C  CA  . THR B 1 53 ? 1.731   -5.818  -17.444 1.00 13.38 ? 53   THR B CA  1 
ATOM   1060 C  C   . THR B 1 53 ? 2.060   -5.696  -18.931 1.00 14.04 ? 53   THR B C   1 
ATOM   1061 O  O   . THR B 1 53 ? 3.196   -5.406  -19.301 1.00 15.82 ? 53   THR B O   1 
ATOM   1062 C  CB  . THR B 1 53 ? 1.512   -7.310  -17.111 1.00 12.92 ? 53   THR B CB  1 
ATOM   1063 O  OG1 . THR B 1 53 ? 1.114   -7.444  -15.741 1.00 12.33 ? 53   THR B OG1 1 
ATOM   1064 C  CG2 . THR B 1 53 ? 2.802   -8.094  -17.322 1.00 14.62 ? 53   THR B CG2 1 
ATOM   1065 N  N   . SER B 1 54 ? 1.060   -5.909  -19.779 1.00 15.28 ? 54   SER B N   1 
ATOM   1066 C  CA  . SER B 1 54 ? 1.269   -5.836  -21.221 1.00 15.35 ? 54   SER B CA  1 
ATOM   1067 C  C   . SER B 1 54 ? 1.775   -4.478  -21.703 1.00 15.08 ? 54   SER B C   1 
ATOM   1068 O  O   . SER B 1 54 ? 2.766   -4.402  -22.431 1.00 15.62 ? 54   SER B O   1 
ATOM   1069 C  CB  . SER B 1 54 ? -0.024  -6.198  -21.960 1.00 17.19 ? 54   SER B CB  1 
ATOM   1070 O  OG  . SER B 1 54 ? 0.193   -6.257  -23.366 1.00 18.49 ? 54   SER B OG  1 
ATOM   1071 N  N   . VAL B 1 55 ? 1.111   -3.402  -21.296 1.00 14.36 ? 55   VAL B N   1 
ATOM   1072 C  CA  . VAL B 1 55 ? 1.521   -2.080  -21.746 1.00 16.60 ? 55   VAL B CA  1 
ATOM   1073 C  C   . VAL B 1 55 ? 2.912   -1.693  -21.248 1.00 16.31 ? 55   VAL B C   1 
ATOM   1074 O  O   . VAL B 1 55 ? 3.640   -0.973  -21.927 1.00 17.12 ? 55   VAL B O   1 
ATOM   1075 C  CB  . VAL B 1 55 ? 0.493   -0.998  -21.333 1.00 16.21 ? 55   VAL B CB  1 
ATOM   1076 C  CG1 . VAL B 1 55 ? 0.589   -0.716  -19.852 1.00 17.16 ? 55   VAL B CG1 1 
ATOM   1077 C  CG2 . VAL B 1 55 ? 0.718   0.269   -22.155 1.00 18.31 ? 55   VAL B CG2 1 
ATOM   1078 N  N   . LEU B 1 56 ? 3.289   -2.179  -20.069 1.00 15.52 ? 56   LEU B N   1 
ATOM   1079 C  CA  . LEU B 1 56 ? 4.601   -1.868  -19.520 1.00 16.66 ? 56   LEU B CA  1 
ATOM   1080 C  C   . LEU B 1 56 ? 5.704   -2.642  -20.226 1.00 18.00 ? 56   LEU B C   1 
ATOM   1081 O  O   . LEU B 1 56 ? 6.850   -2.196  -20.279 1.00 18.60 ? 56   LEU B O   1 
ATOM   1082 C  CB  . LEU B 1 56 ? 4.626   -2.157  -18.018 1.00 16.49 ? 56   LEU B CB  1 
ATOM   1083 C  CG  . LEU B 1 56 ? 3.986   -1.037  -17.194 1.00 18.12 ? 56   LEU B CG  1 
ATOM   1084 C  CD1 . LEU B 1 56 ? 3.832   -1.452  -15.741 1.00 18.16 ? 56   LEU B CD1 1 
ATOM   1085 C  CD2 . LEU B 1 56 ? 4.867   0.201   -17.306 1.00 17.77 ? 56   LEU B CD2 1 
ATOM   1086 N  N   . LYS B 1 57 ? 5.348   -3.793  -20.784 1.00 20.00 ? 57   LYS B N   1 
ATOM   1087 C  CA  . LYS B 1 57 ? 6.310   -4.627  -21.492 1.00 23.30 ? 57   LYS B CA  1 
ATOM   1088 C  C   . LYS B 1 57 ? 6.308   -4.428  -23.006 1.00 24.27 ? 57   LYS B C   1 
ATOM   1089 O  O   . LYS B 1 57 ? 7.279   -4.779  -23.679 1.00 25.18 ? 57   LYS B O   1 
ATOM   1090 C  CB  . LYS B 1 57 ? 6.034   -6.105  -21.209 1.00 22.91 ? 57   LYS B CB  1 
ATOM   1091 C  CG  . LYS B 1 57 ? 6.360   -6.570  -19.804 1.00 24.45 ? 57   LYS B CG  1 
ATOM   1092 C  CD  . LYS B 1 57 ? 6.072   -8.057  -19.676 1.00 26.59 ? 57   LYS B CD  1 
ATOM   1093 C  CE  . LYS B 1 57 ? 6.536   -8.613  -18.345 1.00 28.32 ? 57   LYS B CE  1 
ATOM   1094 N  NZ  . LYS B 1 57 ? 6.281   -10.078 -18.260 1.00 31.06 ? 57   LYS B NZ  1 
ATOM   1095 N  N   . THR B 1 58 ? 5.235   -3.856  -23.546 1.00 24.08 ? 58   THR B N   1 
ATOM   1096 C  CA  . THR B 1 58 ? 5.135   -3.695  -24.994 1.00 25.79 ? 58   THR B CA  1 
ATOM   1097 C  C   . THR B 1 58 ? 5.160   -2.293  -25.596 1.00 24.95 ? 58   THR B C   1 
ATOM   1098 O  O   . THR B 1 58 ? 5.653   -2.117  -26.709 1.00 24.68 ? 58   THR B O   1 
ATOM   1099 C  CB  . THR B 1 58 ? 3.879   -4.415  -25.522 1.00 26.33 ? 58   THR B CB  1 
ATOM   1100 O  OG1 . THR B 1 58 ? 2.705   -3.768  -25.021 1.00 30.29 ? 58   THR B OG1 1 
ATOM   1101 C  CG2 . THR B 1 58 ? 3.873   -5.861  -25.067 1.00 27.53 ? 58   THR B CG2 1 
ATOM   1102 N  N   . LEU B 1 59 ? 4.627   -1.301  -24.890 1.00 23.76 ? 59   LEU B N   1 
ATOM   1103 C  CA  . LEU B 1 59 ? 4.612   0.064   -25.415 1.00 23.60 ? 59   LEU B CA  1 
ATOM   1104 C  C   . LEU B 1 59 ? 6.045   0.528   -25.681 1.00 23.50 ? 59   LEU B C   1 
ATOM   1105 O  O   . LEU B 1 59 ? 6.897   0.465   -24.798 1.00 20.26 ? 59   LEU B O   1 
ATOM   1106 C  CB  . LEU B 1 59 ? 3.929   1.008   -24.421 1.00 22.58 ? 59   LEU B CB  1 
ATOM   1107 C  CG  . LEU B 1 59 ? 3.377   2.315   -24.991 1.00 22.11 ? 59   LEU B CG  1 
ATOM   1108 C  CD1 . LEU B 1 59 ? 2.203   2.017   -25.925 1.00 23.60 ? 59   LEU B CD1 1 
ATOM   1109 C  CD2 . LEU B 1 59 ? 2.923   3.214   -23.854 1.00 20.81 ? 59   LEU B CD2 1 
ATOM   1110 N  N   . ALA B 1 60 ? 6.300   0.993   -26.903 1.00 23.14 ? 60   ALA B N   1 
ATOM   1111 C  CA  . ALA B 1 60 ? 7.633   1.441   -27.304 1.00 22.92 ? 60   ALA B CA  1 
ATOM   1112 C  C   . ALA B 1 60 ? 8.371   2.306   -26.280 1.00 22.32 ? 60   ALA B C   1 
ATOM   1113 O  O   . ALA B 1 60 ? 9.513   2.015   -25.929 1.00 22.32 ? 60   ALA B O   1 
ATOM   1114 C  CB  . ALA B 1 60 ? 7.555   2.177   -28.647 1.00 23.94 ? 60   ALA B CB  1 
ATOM   1115 N  N   . PRO B 1 61 ? 7.735   3.385   -25.796 1.00 22.15 ? 61   PRO B N   1 
ATOM   1116 C  CA  . PRO B 1 61 ? 8.380   4.260   -24.811 1.00 21.80 ? 61   PRO B CA  1 
ATOM   1117 C  C   . PRO B 1 61 ? 8.811   3.490   -23.563 1.00 21.51 ? 61   PRO B C   1 
ATOM   1118 O  O   . PRO B 1 61 ? 9.872   3.750   -22.989 1.00 20.28 ? 61   PRO B O   1 
ATOM   1119 C  CB  . PRO B 1 61 ? 7.293   5.281   -24.498 1.00 22.69 ? 61   PRO B CB  1 
ATOM   1120 C  CG  . PRO B 1 61 ? 6.518   5.350   -25.764 1.00 25.21 ? 61   PRO B CG  1 
ATOM   1121 C  CD  . PRO B 1 61 ? 6.404   3.902   -26.158 1.00 23.01 ? 61   PRO B CD  1 
ATOM   1122 N  N   . HIS B 1 62 ? 7.971   2.549   -23.146 1.00 19.40 ? 62   HIS B N   1 
ATOM   1123 C  CA  . HIS B 1 62 ? 8.253   1.731   -21.969 1.00 19.35 ? 62   HIS B CA  1 
ATOM   1124 C  C   . HIS B 1 62 ? 9.410   0.769   -22.235 1.00 20.24 ? 62   HIS B C   1 
ATOM   1125 O  O   . HIS B 1 62 ? 10.242  0.529   -21.360 1.00 19.55 ? 62   HIS B O   1 
ATOM   1126 C  CB  . HIS B 1 62 ? 7.001   0.946   -21.568 1.00 18.00 ? 62   HIS B CB  1 
ATOM   1127 C  CG  . HIS B 1 62 ? 5.914   1.799   -20.988 1.00 14.91 ? 62   HIS B CG  1 
ATOM   1128 N  ND1 . HIS B 1 62 ? 4.606   1.377   -20.900 1.00 14.86 ? 62   HIS B ND1 1 
ATOM   1129 C  CD2 . HIS B 1 62 ? 5.946   3.039   -20.446 1.00 17.38 ? 62   HIS B CD2 1 
ATOM   1130 C  CE1 . HIS B 1 62 ? 3.878   2.320   -20.330 1.00 15.13 ? 62   HIS B CE1 1 
ATOM   1131 N  NE2 . HIS B 1 62 ? 4.666   3.341   -20.045 1.00 16.94 ? 62   HIS B NE2 1 
ATOM   1132 N  N   . VAL B 1 63 ? 9.461   0.224   -23.447 1.00 21.71 ? 63   VAL B N   1 
ATOM   1133 C  CA  . VAL B 1 63 ? 10.522  -0.705  -23.821 1.00 23.52 ? 63   VAL B CA  1 
ATOM   1134 C  C   . VAL B 1 63 ? 11.882  -0.002  -23.855 1.00 24.34 ? 63   VAL B C   1 
ATOM   1135 O  O   . VAL B 1 63 ? 12.873  -0.528  -23.349 1.00 25.29 ? 63   VAL B O   1 
ATOM   1136 C  CB  . VAL B 1 63 ? 10.247  -1.340  -25.205 1.00 24.36 ? 63   VAL B CB  1 
ATOM   1137 C  CG1 . VAL B 1 63 ? 11.424  -2.210  -25.627 1.00 25.05 ? 63   VAL B CG1 1 
ATOM   1138 C  CG2 . VAL B 1 63 ? 8.974   -2.173  -25.147 1.00 24.03 ? 63   VAL B CG2 1 
ATOM   1139 N  N   . LYS B 1 64 ? 11.921  1.187   -24.452 1.00 24.18 ? 64   LYS B N   1 
ATOM   1140 C  CA  . LYS B 1 64 ? 13.156  1.964   -24.541 1.00 24.21 ? 64   LYS B CA  1 
ATOM   1141 C  C   . LYS B 1 64 ? 13.549  2.523   -23.177 1.00 23.67 ? 64   LYS B C   1 
ATOM   1142 O  O   . LYS B 1 64 ? 14.588  3.171   -23.026 1.00 23.74 ? 64   LYS B O   1 
ATOM   1143 C  CB  . LYS B 1 64 ? 12.990  3.110   -25.544 1.00 25.14 ? 64   LYS B CB  1 
ATOM   1144 C  CG  . LYS B 1 64 ? 13.443  2.777   -26.962 1.00 29.10 ? 64   LYS B CG  1 
ATOM   1145 C  CD  . LYS B 1 64 ? 12.815  1.493   -27.482 1.00 30.71 ? 64   LYS B CD  1 
ATOM   1146 C  CE  . LYS B 1 64 ? 13.341  1.157   -28.871 1.00 32.47 ? 64   LYS B CE  1 
ATOM   1147 N  NZ  . LYS B 1 64 ? 12.840  -0.159  -29.358 1.00 36.79 ? 64   LYS B NZ  1 
ATOM   1148 N  N   . ALA B 1 65 ? 12.709  2.268   -22.183 1.00 20.92 ? 65   ALA B N   1 
ATOM   1149 C  CA  . ALA B 1 65 ? 12.974  2.732   -20.833 1.00 19.23 ? 65   ALA B CA  1 
ATOM   1150 C  C   . ALA B 1 65 ? 12.797  1.572   -19.864 1.00 17.25 ? 65   ALA B C   1 
ATOM   1151 O  O   . ALA B 1 65 ? 12.528  1.778   -18.685 1.00 15.96 ? 65   ALA B O   1 
ATOM   1152 C  CB  . ALA B 1 65 ? 12.022  3.851   -20.477 1.00 18.85 ? 65   ALA B CB  1 
ATOM   1153 N  N   . ALA B 1 66 ? 12.953  0.354   -20.367 1.00 17.55 ? 66   ALA B N   1 
ATOM   1154 C  CA  . ALA B 1 66 ? 12.785  -0.844  -19.544 1.00 18.69 ? 66   ALA B CA  1 
ATOM   1155 C  C   . ALA B 1 66 ? 13.446  -0.726  -18.169 1.00 18.90 ? 66   ALA B C   1 
ATOM   1156 O  O   . ALA B 1 66 ? 12.826  -1.036  -17.153 1.00 18.85 ? 66   ALA B O   1 
ATOM   1157 C  CB  . ALA B 1 66 ? 13.325  -2.066  -20.282 1.00 19.31 ? 66   ALA B CB  1 
ATOM   1158 N  N   . ASP B 1 67 ? 14.696  -0.271  -18.132 1.00 20.22 ? 67   ASP B N   1 
ATOM   1159 C  CA  . ASP B 1 67 ? 15.409  -0.138  -16.862 1.00 20.43 ? 67   ASP B CA  1 
ATOM   1160 C  C   . ASP B 1 67 ? 14.794  0.906   -15.931 1.00 20.88 ? 67   ASP B C   1 
ATOM   1161 O  O   . ASP B 1 67 ? 14.744  0.708   -14.717 1.00 19.55 ? 67   ASP B O   1 
ATOM   1162 C  CB  . ASP B 1 67 ? 16.885  0.192   -17.105 1.00 23.40 ? 67   ASP B CB  1 
ATOM   1163 C  CG  . ASP B 1 67 ? 17.665  -0.987  -17.662 1.00 24.78 ? 67   ASP B CG  1 
ATOM   1164 O  OD1 . ASP B 1 67 ? 17.093  -2.096  -17.755 1.00 25.81 ? 67   ASP B OD1 1 
ATOM   1165 O  OD2 . ASP B 1 67 ? 18.855  -0.808  -18.001 1.00 25.80 ? 67   ASP B OD2 1 
ATOM   1166 N  N   . VAL B 1 68 ? 14.342  2.021   -16.495 1.00 17.25 ? 68   VAL B N   1 
ATOM   1167 C  CA  . VAL B 1 68 ? 13.726  3.073   -15.694 1.00 19.16 ? 68   VAL B CA  1 
ATOM   1168 C  C   . VAL B 1 68 ? 12.375  2.566   -15.205 1.00 17.77 ? 68   VAL B C   1 
ATOM   1169 O  O   . VAL B 1 68 ? 12.000  2.777   -14.049 1.00 17.43 ? 68   VAL B O   1 
ATOM   1170 C  CB  . VAL B 1 68 ? 13.525  4.362   -16.520 1.00 19.76 ? 68   VAL B CB  1 
ATOM   1171 C  CG1 . VAL B 1 68 ? 12.791  5.418   -15.688 1.00 18.15 ? 68   VAL B CG1 1 
ATOM   1172 C  CG2 . VAL B 1 68 ? 14.876  4.891   -16.969 1.00 20.83 ? 68   VAL B CG2 1 
ATOM   1173 N  N   . VAL B 1 69 ? 11.657  1.885   -16.092 1.00 14.73 ? 69   VAL B N   1 
ATOM   1174 C  CA  . VAL B 1 69 ? 10.353  1.325   -15.759 1.00 16.62 ? 69   VAL B CA  1 
ATOM   1175 C  C   . VAL B 1 69 ? 10.472  0.292   -14.641 1.00 15.63 ? 69   VAL B C   1 
ATOM   1176 O  O   . VAL B 1 69 ? 9.731   0.339   -13.659 1.00 13.56 ? 69   VAL B O   1 
ATOM   1177 C  CB  . VAL B 1 69 ? 9.699   0.654   -16.995 1.00 17.18 ? 69   VAL B CB  1 
ATOM   1178 C  CG1 . VAL B 1 69 ? 8.440   -0.104  -16.586 1.00 20.04 ? 69   VAL B CG1 1 
ATOM   1179 C  CG2 . VAL B 1 69 ? 9.350   1.714   -18.029 1.00 18.29 ? 69   VAL B CG2 1 
ATOM   1180 N  N   . MET B 1 70 ? 11.414  -0.637  -14.779 1.00 15.90 ? 70   MET B N   1 
ATOM   1181 C  CA  . MET B 1 70 ? 11.580  -1.671  -13.764 1.00 17.05 ? 70   MET B CA  1 
ATOM   1182 C  C   . MET B 1 70 ? 11.987  -1.089  -12.412 1.00 15.90 ? 70   MET B C   1 
ATOM   1183 O  O   . MET B 1 70 ? 11.600  -1.616  -11.371 1.00 15.91 ? 70   MET B O   1 
ATOM   1184 C  CB  . MET B 1 70 ? 12.599  -2.723  -14.223 1.00 19.12 ? 70   MET B CB  1 
ATOM   1185 C  CG  . MET B 1 70 ? 12.139  -3.549  -15.425 1.00 22.27 ? 70   MET B CG  1 
ATOM   1186 S  SD  . MET B 1 70 ? 10.505  -4.316  -15.212 1.00 27.49 ? 70   MET B SD  1 
ATOM   1187 C  CE  . MET B 1 70 ? 9.508   -3.263  -16.232 1.00 29.96 ? 70   MET B CE  1 
ATOM   1188 N  N   . LYS B 1 71 ? 12.752  0.000   -12.424 1.00 15.38 ? 71   LYS B N   1 
ATOM   1189 C  CA  . LYS B 1 71 ? 13.173  0.630   -11.179 1.00 16.31 ? 71   LYS B CA  1 
ATOM   1190 C  C   . LYS B 1 71 ? 11.990  1.311   -10.501 1.00 15.61 ? 71   LYS B C   1 
ATOM   1191 O  O   . LYS B 1 71 ? 11.865  1.281   -9.277  1.00 15.05 ? 71   LYS B O   1 
ATOM   1192 C  CB  . LYS B 1 71 ? 14.277  1.657   -11.436 1.00 18.16 ? 71   LYS B CB  1 
ATOM   1193 C  CG  . LYS B 1 71 ? 14.699  2.433   -10.197 1.00 23.87 ? 71   LYS B CG  1 
ATOM   1194 C  CD  . LYS B 1 71 ? 15.169  1.499   -9.092  1.00 26.76 ? 71   LYS B CD  1 
ATOM   1195 C  CE  . LYS B 1 71 ? 15.723  2.278   -7.909  1.00 30.41 ? 71   LYS B CE  1 
ATOM   1196 N  NZ  . LYS B 1 71 ? 16.207  1.377   -6.827  1.00 32.46 ? 71   LYS B NZ  1 
ATOM   1197 N  N   . LYS B 1 72 ? 11.121  1.928   -11.295 1.00 15.02 ? 72   LYS B N   1 
ATOM   1198 C  CA  . LYS B 1 72 ? 9.953   2.596   -10.738 1.00 14.54 ? 72   LYS B CA  1 
ATOM   1199 C  C   . LYS B 1 72 ? 9.010   1.549   -10.156 1.00 14.04 ? 72   LYS B C   1 
ATOM   1200 O  O   . LYS B 1 72 ? 8.351   1.788   -9.146  1.00 13.96 ? 72   LYS B O   1 
ATOM   1201 C  CB  . LYS B 1 72 ? 9.234   3.414   -11.814 1.00 14.70 ? 72   LYS B CB  1 
ATOM   1202 C  CG  . LYS B 1 72 ? 8.006   4.161   -11.299 1.00 15.76 ? 72   LYS B CG  1 
ATOM   1203 C  CD  . LYS B 1 72 ? 8.306   4.947   -10.025 1.00 19.97 ? 72   LYS B CD  1 
ATOM   1204 C  CE  . LYS B 1 72 ? 9.377   6.006   -10.247 1.00 23.08 ? 72   LYS B CE  1 
ATOM   1205 N  NZ  . LYS B 1 72 ? 9.635   6.789   -9.002  1.00 25.95 ? 72   LYS B NZ  1 
ATOM   1206 N  N   . LEU B 1 73 ? 8.949   0.387   -10.801 1.00 13.23 ? 73   LEU B N   1 
ATOM   1207 C  CA  . LEU B 1 73 ? 8.099   -0.698  -10.315 1.00 12.64 ? 73   LEU B CA  1 
ATOM   1208 C  C   . LEU B 1 73 ? 8.666   -1.202  -8.989  1.00 13.31 ? 73   LEU B C   1 
ATOM   1209 O  O   . LEU B 1 73 ? 7.933   -1.399  -8.023  1.00 11.10 ? 73   LEU B O   1 
ATOM   1210 C  CB  . LEU B 1 73 ? 8.045   -1.836  -11.344 1.00 13.74 ? 73   LEU B CB  1 
ATOM   1211 C  CG  . LEU B 1 73 ? 7.146   -1.572  -12.560 1.00 11.94 ? 73   LEU B CG  1 
ATOM   1212 C  CD1 . LEU B 1 73 ? 7.402   -2.612  -13.645 1.00 13.05 ? 73   LEU B CD1 1 
ATOM   1213 C  CD2 . LEU B 1 73 ? 5.682   -1.600  -12.128 1.00 14.34 ? 73   LEU B CD2 1 
ATOM   1214 N  N   . LYS B 1 74 ? 9.980   -1.393  -8.942  1.00 14.03 ? 74   LYS B N   1 
ATOM   1215 C  CA  . LYS B 1 74 ? 10.625  -1.854  -7.718  1.00 15.84 ? 74   LYS B CA  1 
ATOM   1216 C  C   . LYS B 1 74 ? 10.298  -0.921  -6.547  1.00 14.33 ? 74   LYS B C   1 
ATOM   1217 O  O   . LYS B 1 74 ? 9.977   -1.376  -5.448  1.00 16.79 ? 74   LYS B O   1 
ATOM   1218 C  CB  . LYS B 1 74 ? 12.145  -1.910  -7.919  1.00 18.06 ? 74   LYS B CB  1 
ATOM   1219 C  CG  . LYS B 1 74 ? 12.933  -2.268  -6.666  1.00 20.40 ? 74   LYS B CG  1 
ATOM   1220 C  CD  . LYS B 1 74 ? 14.428  -2.085  -6.896  1.00 25.34 ? 74   LYS B CD  1 
ATOM   1221 C  CE  . LYS B 1 74 ? 15.227  -2.323  -5.622  1.00 26.81 ? 74   LYS B CE  1 
ATOM   1222 N  NZ  . LYS B 1 74 ? 16.680  -2.067  -5.839  1.00 30.01 ? 74   LYS B NZ  1 
ATOM   1223 N  N   . GLN B 1 75 ? 10.377  0.383   -6.792  1.00 14.12 ? 75   GLN B N   1 
ATOM   1224 C  CA  . GLN B 1 75 ? 10.112  1.382   -5.756  1.00 14.18 ? 75   GLN B CA  1 
ATOM   1225 C  C   . GLN B 1 75 ? 8.643   1.502   -5.363  1.00 14.09 ? 75   GLN B C   1 
ATOM   1226 O  O   . GLN B 1 75 ? 8.319   2.188   -4.398  1.00 15.20 ? 75   GLN B O   1 
ATOM   1227 C  CB  . GLN B 1 75 ? 10.586  2.761   -6.212  1.00 16.20 ? 75   GLN B CB  1 
ATOM   1228 C  CG  . GLN B 1 75 ? 12.044  2.846   -6.622  1.00 20.41 ? 75   GLN B CG  1 
ATOM   1229 C  CD  . GLN B 1 75 ? 12.390  4.211   -7.181  1.00 23.34 ? 75   GLN B CD  1 
ATOM   1230 O  OE1 . GLN B 1 75 ? 11.744  4.694   -8.113  1.00 25.16 ? 75   GLN B OE1 1 
ATOM   1231 N  NE2 . GLN B 1 75 ? 13.414  4.840   -6.616  1.00 25.81 ? 75   GLN B NE2 1 
ATOM   1232 N  N   . THR B 1 76 ? 7.756   0.843   -6.098  1.00 14.31 ? 76   THR B N   1 
ATOM   1233 C  CA  . THR B 1 76 ? 6.332   0.954   -5.805  1.00 13.73 ? 76   THR B CA  1 
ATOM   1234 C  C   . THR B 1 76 ? 5.592   -0.337  -5.456  1.00 14.57 ? 76   THR B C   1 
ATOM   1235 O  O   . THR B 1 76 ? 4.367   -0.325  -5.317  1.00 14.42 ? 76   THR B O   1 
ATOM   1236 C  CB  . THR B 1 76 ? 5.597   1.610   -6.987  1.00 13.74 ? 76   THR B CB  1 
ATOM   1237 O  OG1 . THR B 1 76 ? 5.877   0.872   -8.187  1.00 12.38 ? 76   THR B OG1 1 
ATOM   1238 C  CG2 . THR B 1 76 ? 6.059   3.050   -7.162  1.00 13.06 ? 76   THR B CG2 1 
ATOM   1239 N  N   . CYS B 1 77 ? 6.308   -1.444  -5.294  1.00 13.81 ? 77   CYS B N   1 
ATOM   1240 C  CA  . CYS B 1 77 ? 5.617   -2.692  -4.983  1.00 14.76 ? 77   CYS B CA  1 
ATOM   1241 C  C   . CYS B 1 77 ? 5.170   -2.801  -3.533  1.00 14.55 ? 77   CYS B C   1 
ATOM   1242 O  O   . CYS B 1 77 ? 5.996   -2.957  -2.632  1.00 16.86 ? 77   CYS B O   1 
ATOM   1243 C  CB  . CYS B 1 77 ? 6.483   -3.903  -5.337  1.00 17.15 ? 77   CYS B CB  1 
ATOM   1244 S  SG  . CYS B 1 77 ? 5.448   -5.395  -5.459  1.00 18.23 ? 77   CYS B SG  1 
ATOM   1245 N  N   . ILE B 1 78 ? 3.857   -2.743  -3.311  1.00 10.52 ? 78   ILE B N   1 
ATOM   1246 C  CA  . ILE B 1 78 ? 3.311   -2.819  -1.961  1.00 10.76 ? 78   ILE B CA  1 
ATOM   1247 C  C   . ILE B 1 78 ? 2.789   -4.201  -1.581  1.00 11.03 ? 78   ILE B C   1 
ATOM   1248 O  O   . ILE B 1 78 ? 2.528   -4.466  -0.409  1.00 12.74 ? 78   ILE B O   1 
ATOM   1249 C  CB  . ILE B 1 78 ? 2.163   -1.798  -1.749  1.00 10.39 ? 78   ILE B CB  1 
ATOM   1250 C  CG1 . ILE B 1 78 ? 1.014   -2.076  -2.722  1.00 11.68 ? 78   ILE B CG1 1 
ATOM   1251 C  CG2 . ILE B 1 78 ? 2.689   -0.380  -1.954  1.00 12.52 ? 78   ILE B CG2 1 
ATOM   1252 C  CD1 . ILE B 1 78 ? -0.257  -1.285  -2.405  1.00 10.37 ? 78   ILE B CD1 1 
ATOM   1253 N  N   . GLY B 1 79 ? 2.631   -5.082  -2.564  1.00 12.34 ? 79   GLY B N   1 
ATOM   1254 C  CA  . GLY B 1 79 ? 2.131   -6.410  -2.254  1.00 12.99 ? 79   GLY B CA  1 
ATOM   1255 C  C   . GLY B 1 79 ? 1.967   -7.295  -3.468  1.00 14.21 ? 79   GLY B C   1 
ATOM   1256 O  O   . GLY B 1 79 ? 2.491   -6.999  -4.540  1.00 14.02 ? 79   GLY B O   1 
ATOM   1257 N  N   . LYS B 1 80 ? 1.233   -8.388  -3.298  1.00 14.60 ? 80   LYS B N   1 
ATOM   1258 C  CA  . LYS B 1 80 ? 1.005   -9.321  -4.389  1.00 17.21 ? 80   LYS B CA  1 
ATOM   1259 C  C   . LYS B 1 80 ? -0.469  -9.667  -4.526  1.00 15.83 ? 80   LYS B C   1 
ATOM   1260 O  O   . LYS B 1 80 ? -1.232  -9.579  -3.567  1.00 16.04 ? 80   LYS B O   1 
ATOM   1261 C  CB  . LYS B 1 80 ? 1.825   -10.591 -4.165  1.00 19.07 ? 80   LYS B CB  1 
ATOM   1262 C  CG  . LYS B 1 80 ? 3.325   -10.357 -4.187  1.00 23.01 ? 80   LYS B CG  1 
ATOM   1263 C  CD  . LYS B 1 80 ? 4.082   -11.654 -3.988  1.00 27.08 ? 80   LYS B CD  1 
ATOM   1264 C  CE  . LYS B 1 80 ? 5.580   -11.448 -4.124  1.00 29.29 ? 80   LYS B CE  1 
ATOM   1265 N  NZ  . LYS B 1 80 ? 6.320   -12.726 -3.940  1.00 32.04 ? 80   LYS B NZ  1 
ATOM   1266 N  N   . VAL B 1 81 ? -0.868  -10.047 -5.734  1.00 16.87 ? 81   VAL B N   1 
ATOM   1267 C  CA  . VAL B 1 81 ? -2.253  -10.410 -6.001  1.00 18.30 ? 81   VAL B CA  1 
ATOM   1268 C  C   . VAL B 1 81 ? -2.559  -11.791 -5.423  1.00 20.73 ? 81   VAL B C   1 
ATOM   1269 O  O   . VAL B 1 81 ? -1.778  -12.724 -5.604  1.00 19.12 ? 81   VAL B O   1 
ATOM   1270 C  CB  . VAL B 1 81 ? -2.535  -10.433 -7.523  1.00 17.39 ? 81   VAL B CB  1 
ATOM   1271 C  CG1 . VAL B 1 81 ? -3.963  -10.893 -7.783  1.00 20.17 ? 81   VAL B CG1 1 
ATOM   1272 C  CG2 . VAL B 1 81 ? -2.312  -9.052  -8.117  1.00 18.00 ? 81   VAL B CG2 1 
ATOM   1273 N  N   . LYS B 1 82 ? -3.685  -11.909 -4.722  1.00 24.55 ? 82   LYS B N   1 
ATOM   1274 C  CA  . LYS B 1 82 ? -4.095  -13.183 -4.133  1.00 29.45 ? 82   LYS B CA  1 
ATOM   1275 C  C   . LYS B 1 82 ? -4.565  -14.129 -5.225  1.00 31.45 ? 82   LYS B C   1 
ATOM   1276 O  O   . LYS B 1 82 ? -3.852  -15.118 -5.494  1.00 34.04 ? 82   LYS B O   1 
ATOM   1277 C  CB  . LYS B 1 82 ? -5.244  -12.987 -3.137  1.00 29.60 ? 82   LYS B CB  1 
ATOM   1278 C  CG  . LYS B 1 82 ? -4.859  -12.353 -1.817  1.00 33.66 ? 82   LYS B CG  1 
ATOM   1279 C  CD  . LYS B 1 82 ? -6.038  -12.372 -0.855  1.00 33.99 ? 82   LYS B CD  1 
ATOM   1280 C  CE  . LYS B 1 82 ? -5.666  -11.789 0.496   1.00 37.33 ? 82   LYS B CE  1 
ATOM   1281 N  NZ  . LYS B 1 82 ? -6.811  -11.839 1.447   1.00 37.19 ? 82   LYS B NZ  1 
ATOM   1282 O  OXT . LYS B 1 82 ? -5.642  -13.857 -5.797  1.00 34.38 ? 82   LYS B OXT 1 
HETATM 1283 C  CHA . HEM C 2 .  ? -7.554  -0.660  21.065  1.00 19.21 ? 201  HEM A CHA 1 
HETATM 1284 C  CHB . HEM C 2 .  ? -4.926  -0.755  17.006  1.00 18.04 ? 201  HEM A CHB 1 
HETATM 1285 C  CHC . HEM C 2 .  ? -4.603  -5.589  17.305  1.00 14.77 ? 201  HEM A CHC 1 
HETATM 1286 C  CHD . HEM C 2 .  ? -7.257  -5.496  21.362  1.00 17.83 ? 201  HEM A CHD 1 
HETATM 1287 C  C1A . HEM C 2 .  ? -6.861  -0.249  19.944  1.00 17.27 ? 201  HEM A C1A 1 
HETATM 1288 C  C2A . HEM C 2 .  ? -6.695  1.140   19.506  1.00 18.19 ? 201  HEM A C2A 1 
HETATM 1289 C  C3A . HEM C 2 .  ? -5.954  1.106   18.360  1.00 17.94 ? 201  HEM A C3A 1 
HETATM 1290 C  C4A . HEM C 2 .  ? -5.661  -0.299  18.092  1.00 18.31 ? 201  HEM A C4A 1 
HETATM 1291 C  CMA . HEM C 2 .  ? -5.502  2.265   17.503  1.00 15.93 ? 201  HEM A CMA 1 
HETATM 1292 C  CAA . HEM C 2 .  ? -7.255  2.355   20.215  1.00 20.77 ? 201  HEM A CAA 1 
HETATM 1293 C  CBA . HEM C 2 .  ? -6.216  2.988   21.145  1.00 23.96 ? 201  HEM A CBA 1 
HETATM 1294 C  CGA . HEM C 2 .  ? -6.654  4.229   21.923  1.00 28.86 ? 201  HEM A CGA 1 
HETATM 1295 O  O1A . HEM C 2 .  ? -6.116  4.455   23.038  1.00 32.34 ? 201  HEM A O1A 1 
HETATM 1296 O  O2A . HEM C 2 .  ? -7.533  4.973   21.418  1.00 30.23 ? 201  HEM A O2A 1 
HETATM 1297 C  C1B . HEM C 2 .  ? -4.610  -2.065  16.711  1.00 17.74 ? 201  HEM A C1B 1 
HETATM 1298 C  C2B . HEM C 2 .  ? -3.834  -2.495  15.554  1.00 17.25 ? 201  HEM A C2B 1 
HETATM 1299 C  C3B . HEM C 2 .  ? -3.743  -3.858  15.647  1.00 16.39 ? 201  HEM A C3B 1 
HETATM 1300 C  C4B . HEM C 2 .  ? -4.458  -4.263  16.847  1.00 16.95 ? 201  HEM A C4B 1 
HETATM 1301 C  CMB . HEM C 2 .  ? -3.266  -1.581  14.494  1.00 17.30 ? 201  HEM A CMB 1 
HETATM 1302 C  CAB . HEM C 2 .  ? -3.066  -4.815  14.744  1.00 17.20 ? 201  HEM A CAB 1 
HETATM 1303 C  CBB . HEM C 2 .  ? -1.765  -5.021  14.619  1.00 20.49 ? 201  HEM A CBB 1 
HETATM 1304 C  C1C . HEM C 2 .  ? -5.282  -6.027  18.434  1.00 16.26 ? 201  HEM A C1C 1 
HETATM 1305 C  C2C . HEM C 2 .  ? -5.394  -7.411  18.883  1.00 17.24 ? 201  HEM A C2C 1 
HETATM 1306 C  C3C . HEM C 2 .  ? -6.142  -7.396  20.031  1.00 18.72 ? 201  HEM A C3C 1 
HETATM 1307 C  C4C . HEM C 2 .  ? -6.491  -5.986  20.287  1.00 19.36 ? 201  HEM A C4C 1 
HETATM 1308 C  CMC . HEM C 2 .  ? -4.772  -8.589  18.166  1.00 18.11 ? 201  HEM A CMC 1 
HETATM 1309 C  CAC . HEM C 2 .  ? -6.542  -8.544  20.882  1.00 20.74 ? 201  HEM A CAC 1 
HETATM 1310 C  CBC . HEM C 2 .  ? -6.161  -8.774  22.138  1.00 22.92 ? 201  HEM A CBC 1 
HETATM 1311 C  C1D . HEM C 2 .  ? -7.600  -4.169  21.657  1.00 19.58 ? 201  HEM A C1D 1 
HETATM 1312 C  C2D . HEM C 2 .  ? -8.403  -3.733  22.789  1.00 19.43 ? 201  HEM A C2D 1 
HETATM 1313 C  C3D . HEM C 2 .  ? -8.482  -2.359  22.703  1.00 21.09 ? 201  HEM A C3D 1 
HETATM 1314 C  C4D . HEM C 2 .  ? -7.732  -1.962  21.521  1.00 19.16 ? 201  HEM A C4D 1 
HETATM 1315 C  CMD . HEM C 2 .  ? -9.016  -4.633  23.838  1.00 21.76 ? 201  HEM A CMD 1 
HETATM 1316 C  CAD . HEM C 2 .  ? -9.209  -1.435  23.647  1.00 22.16 ? 201  HEM A CAD 1 
HETATM 1317 C  CBD . HEM C 2 .  ? -10.642 -1.120  23.154  1.00 26.96 ? 201  HEM A CBD 1 
HETATM 1318 C  CGD . HEM C 2 .  ? -11.362 -0.172  24.120  1.00 29.57 ? 201  HEM A CGD 1 
HETATM 1319 O  O1D . HEM C 2 .  ? -10.694 0.626   24.837  1.00 30.85 ? 201  HEM A O1D 1 
HETATM 1320 O  O2D . HEM C 2 .  ? -12.625 -0.236  24.126  1.00 28.86 ? 201  HEM A O2D 1 
HETATM 1321 N  NA  . HEM C 2 .  ? -6.212  -1.094  19.059  1.00 18.14 ? 201  HEM A NA  1 
HETATM 1322 N  NB  . HEM C 2 .  ? -4.978  -3.158  17.472  1.00 16.59 ? 201  HEM A NB  1 
HETATM 1323 N  NC  . HEM C 2 .  ? -5.946  -5.213  19.305  1.00 16.32 ? 201  HEM A NC  1 
HETATM 1324 N  ND  . HEM C 2 .  ? -7.223  -3.072  20.912  1.00 17.36 ? 201  HEM A ND  1 
HETATM 1325 FE FE  . HEM C 2 .  ? -6.109  -3.154  19.206  1.00 17.38 ? 201  HEM A FE  1 
HETATM 1326 S  S   . SO4 D 3 .  ? -3.553  -3.622  -23.001 1.00 23.07 ? 203  SO4 B S   1 
HETATM 1327 O  O1  . SO4 D 3 .  ? -3.649  -4.512  -24.174 1.00 23.26 ? 203  SO4 B O1  1 
HETATM 1328 O  O2  . SO4 D 3 .  ? -2.339  -2.791  -23.103 1.00 25.19 ? 203  SO4 B O2  1 
HETATM 1329 O  O3  . SO4 D 3 .  ? -4.734  -2.740  -22.934 1.00 22.08 ? 203  SO4 B O3  1 
HETATM 1330 O  O4  . SO4 D 3 .  ? -3.489  -4.443  -21.781 1.00 25.22 ? 203  SO4 B O4  1 
HETATM 1331 C  CHA . HEM E 2 .  ? 1.996   5.869   -21.551 1.00 16.56 ? 202  HEM B CHA 1 
HETATM 1332 C  CHB . HEM E 2 .  ? 1.548   3.355   -17.438 1.00 15.72 ? 202  HEM B CHB 1 
HETATM 1333 C  CHC . HEM E 2 .  ? 6.186   4.266   -16.361 1.00 14.13 ? 202  HEM B CHC 1 
HETATM 1334 C  CHD . HEM E 2 .  ? 6.644   6.795   -20.462 1.00 17.64 ? 202  HEM B CHD 1 
HETATM 1335 C  C1A . HEM E 2 .  ? 1.453   5.096   -20.536 1.00 16.22 ? 202  HEM B C1A 1 
HETATM 1336 C  C2A . HEM E 2 .  ? 0.071   4.609   -20.465 1.00 16.59 ? 202  HEM B C2A 1 
HETATM 1337 C  C3A . HEM E 2 .  ? -0.041  3.897   -19.305 1.00 15.99 ? 202  HEM B C3A 1 
HETATM 1338 C  C4A . HEM E 2 .  ? 1.258   3.948   -18.659 1.00 16.23 ? 202  HEM B C4A 1 
HETATM 1339 C  CMA . HEM E 2 .  ? -1.258  3.188   -18.752 1.00 15.25 ? 202  HEM B CMA 1 
HETATM 1340 C  CAA . HEM E 2 .  ? -1.016  4.862   -21.478 1.00 16.71 ? 202  HEM B CAA 1 
HETATM 1341 C  CBA . HEM E 2 .  ? -1.258  3.696   -22.409 1.00 17.93 ? 202  HEM B CBA 1 
HETATM 1342 C  CGA . HEM E 2 .  ? -2.374  3.954   -23.400 1.00 19.97 ? 202  HEM B CGA 1 
HETATM 1343 O  O1A . HEM E 2 .  ? -2.110  4.553   -24.470 1.00 20.33 ? 202  HEM B O1A 1 
HETATM 1344 O  O2A . HEM E 2 .  ? -3.524  3.566   -23.082 1.00 21.91 ? 202  HEM B O2A 1 
HETATM 1345 C  C1B . HEM E 2 .  ? 2.753   3.378   -16.774 1.00 14.79 ? 202  HEM B C1B 1 
HETATM 1346 C  C2B . HEM E 2 .  ? 3.005   2.748   -15.481 1.00 13.67 ? 202  HEM B C2B 1 
HETATM 1347 C  C3B . HEM E 2 .  ? 4.311   3.008   -15.184 1.00 12.46 ? 202  HEM B C3B 1 
HETATM 1348 C  C4B . HEM E 2 .  ? 4.864   3.790   -16.281 1.00 14.23 ? 202  HEM B C4B 1 
HETATM 1349 C  CMB . HEM E 2 .  ? 1.994   1.978   -14.670 1.00 12.71 ? 202  HEM B CMB 1 
HETATM 1350 C  CAB . HEM E 2 .  ? 5.086   2.604   -13.987 1.00 15.83 ? 202  HEM B CAB 1 
HETATM 1351 C  CBB . HEM E 2 .  ? 5.882   1.561   -13.857 1.00 19.58 ? 202  HEM B CBB 1 
HETATM 1352 C  C1C . HEM E 2 .  ? 6.752   5.028   -17.366 1.00 14.88 ? 202  HEM B C1C 1 
HETATM 1353 C  C2C . HEM E 2 .  ? 8.131   5.508   -17.394 1.00 14.91 ? 202  HEM B C2C 1 
HETATM 1354 C  C3C . HEM E 2 .  ? 8.269   6.232   -18.567 1.00 16.07 ? 202  HEM B C3C 1 
HETATM 1355 C  C4C . HEM E 2 .  ? 6.961   6.182   -19.240 1.00 14.27 ? 202  HEM B C4C 1 
HETATM 1356 C  CMC . HEM E 2 .  ? 9.141   5.220   -16.299 1.00 14.67 ? 202  HEM B CMC 1 
HETATM 1357 C  CAC . HEM E 2 .  ? 9.455   6.955   -19.113 1.00 15.79 ? 202  HEM B CAC 1 
HETATM 1358 C  CBC . HEM E 2 .  ? 10.741  6.606   -19.051 1.00 17.80 ? 202  HEM B CBC 1 
HETATM 1359 C  C1D . HEM E 2 .  ? 5.419   6.784   -21.143 1.00 17.63 ? 202  HEM B C1D 1 
HETATM 1360 C  C2D . HEM E 2 .  ? 5.154   7.456   -22.400 1.00 18.22 ? 202  HEM B C2D 1 
HETATM 1361 C  C3D . HEM E 2 .  ? 3.831   7.193   -22.712 1.00 18.44 ? 202  HEM B C3D 1 
HETATM 1362 C  C4D . HEM E 2 .  ? 3.300   6.363   -21.641 1.00 16.80 ? 202  HEM B C4D 1 
HETATM 1363 C  CMD . HEM E 2 .  ? 6.149   8.276   -23.182 1.00 18.55 ? 202  HEM B CMD 1 
HETATM 1364 C  CAD . HEM E 2 .  ? 3.075   7.679   -23.925 1.00 21.77 ? 202  HEM B CAD 1 
HETATM 1365 C  CBD . HEM E 2 .  ? 2.265   8.957   -23.615 1.00 25.76 ? 202  HEM B CBD 1 
HETATM 1366 C  CGD . HEM E 2 .  ? 1.516   9.406   -24.862 1.00 28.53 ? 202  HEM B CGD 1 
HETATM 1367 O  O1D . HEM E 2 .  ? 2.030   10.288  -25.596 1.00 29.83 ? 202  HEM B O1D 1 
HETATM 1368 O  O2D . HEM E 2 .  ? 0.397   8.863   -25.080 1.00 29.48 ? 202  HEM B O2D 1 
HETATM 1369 N  NA  . HEM E 2 .  ? 2.141   4.670   -19.418 1.00 15.29 ? 202  HEM B NA  1 
HETATM 1370 N  NB  . HEM E 2 .  ? 3.897   4.003   -17.229 1.00 13.06 ? 202  HEM B NB  1 
HETATM 1371 N  NC  . HEM E 2 .  ? 6.095   5.450   -18.487 1.00 15.44 ? 202  HEM B NC  1 
HETATM 1372 N  ND  . HEM E 2 .  ? 4.280   6.141   -20.715 1.00 14.91 ? 202  HEM B ND  1 
HETATM 1373 FE FE  . HEM E 2 .  ? 4.121   5.058   -18.995 1.00 16.55 ? 202  HEM B FE  1 
HETATM 1374 O  O   . HOH F 4 .  ? 2.469   -5.914  21.674  1.00 14.06 ? 1002 HOH A O   1 
HETATM 1375 O  O   . HOH F 4 .  ? 0.603   4.912   19.616  1.00 15.52 ? 1003 HOH A O   1 
HETATM 1376 O  O   . HOH F 4 .  ? 0.652   9.999   9.386   1.00 12.80 ? 1008 HOH A O   1 
HETATM 1377 O  O   . HOH F 4 .  ? -16.324 3.240   13.148  1.00 21.13 ? 1011 HOH A O   1 
HETATM 1378 O  O   . HOH F 4 .  ? 6.954   -1.785  -0.167  1.00 18.97 ? 1012 HOH A O   1 
HETATM 1379 O  O   . HOH F 4 .  ? -5.748  1.354   1.325   1.00 18.17 ? 1014 HOH A O   1 
HETATM 1380 O  O   . HOH F 4 .  ? -14.441 5.149   9.019   1.00 15.08 ? 1015 HOH A O   1 
HETATM 1381 O  O   . HOH F 4 .  ? 8.804   -4.543  17.083  1.00 15.60 ? 1016 HOH A O   1 
HETATM 1382 O  O   . HOH F 4 .  ? 3.742   -9.759  25.689  1.00 15.71 ? 1017 HOH A O   1 
HETATM 1383 O  O   . HOH F 4 .  ? -12.761 7.402   10.181  1.00 15.03 ? 1019 HOH A O   1 
HETATM 1384 O  O   . HOH F 4 .  ? 10.206  -2.137  17.140  1.00 17.38 ? 1022 HOH A O   1 
HETATM 1385 O  O   . HOH F 4 .  ? -16.486 4.201   10.510  1.00 21.40 ? 1023 HOH A O   1 
HETATM 1386 O  O   . HOH F 4 .  ? 9.372   -3.223  13.370  1.00 19.25 ? 1024 HOH A O   1 
HETATM 1387 O  O   . HOH F 4 .  ? -14.870 5.153   14.574  1.00 22.13 ? 1025 HOH A O   1 
HETATM 1388 O  O   . HOH F 4 .  ? -2.153  12.463  14.933  1.00 18.73 ? 1028 HOH A O   1 
HETATM 1389 O  O   . HOH F 4 .  ? 7.111   5.165   13.901  1.00 17.57 ? 1030 HOH A O   1 
HETATM 1390 O  O   . HOH F 4 .  ? -13.478 5.123   17.220  1.00 21.62 ? 1032 HOH A O   1 
HETATM 1391 O  O   . HOH F 4 .  ? 6.813   6.086   -4.451  1.00 23.81 ? 1033 HOH A O   1 
HETATM 1392 O  O   . HOH F 4 .  ? -18.875 3.331   13.807  1.00 22.42 ? 1035 HOH A O   1 
HETATM 1393 O  O   . HOH F 4 .  ? -5.235  -5.597  6.541   1.00 23.49 ? 1036 HOH A O   1 
HETATM 1394 O  O   . HOH F 4 .  ? 3.840   9.655   -0.059  1.00 21.32 ? 1037 HOH A O   1 
HETATM 1395 O  O   . HOH F 4 .  ? 10.173  0.786   2.110   1.00 20.27 ? 1038 HOH A O   1 
HETATM 1396 O  O   . HOH F 4 .  ? -5.319  10.917  9.713   1.00 16.22 ? 1039 HOH A O   1 
HETATM 1397 O  O   . HOH F 4 .  ? 3.369   5.855   18.857  1.00 20.12 ? 1040 HOH A O   1 
HETATM 1398 O  O   . HOH F 4 .  ? -16.650 -1.475  17.766  1.00 26.92 ? 1042 HOH A O   1 
HETATM 1399 O  O   . HOH F 4 .  ? -14.312 -5.592  15.848  1.00 26.14 ? 1048 HOH A O   1 
HETATM 1400 O  O   . HOH F 4 .  ? -14.164 -1.042  21.926  1.00 21.47 ? 1049 HOH A O   1 
HETATM 1401 O  O   . HOH F 4 .  ? -9.567  9.929   4.181   1.00 19.95 ? 1052 HOH A O   1 
HETATM 1402 O  O   . HOH F 4 .  ? 11.530  3.441   14.114  1.00 31.54 ? 1053 HOH A O   1 
HETATM 1403 O  O   . HOH F 4 .  ? 9.333   1.965   19.869  1.00 30.88 ? 1055 HOH A O   1 
HETATM 1404 O  O   . HOH F 4 .  ? 5.973   -5.315  11.366  1.00 20.01 ? 1062 HOH A O   1 
HETATM 1405 O  O   . HOH F 4 .  ? -11.937 -1.198  1.318   1.00 32.18 ? 1064 HOH A O   1 
HETATM 1406 O  O   . HOH F 4 .  ? 2.710   -12.745 9.864   1.00 25.91 ? 1065 HOH A O   1 
HETATM 1407 O  O   . HOH F 4 .  ? -14.301 -3.132  14.187  1.00 32.60 ? 1067 HOH A O   1 
HETATM 1408 O  O   . HOH F 4 .  ? -12.182 10.437  6.869   1.00 21.91 ? 1068 HOH A O   1 
HETATM 1409 O  O   . HOH F 4 .  ? -7.118  7.940   1.337   1.00 31.46 ? 1069 HOH A O   1 
HETATM 1410 O  O   . HOH F 4 .  ? -8.630  0.315   0.881   1.00 32.22 ? 1072 HOH A O   1 
HETATM 1411 O  O   . HOH F 4 .  ? 9.752   2.294   17.267  1.00 37.26 ? 1075 HOH A O   1 
HETATM 1412 O  O   . HOH F 4 .  ? -1.205  -7.061  29.379  1.00 25.46 ? 1077 HOH A O   1 
HETATM 1413 O  O   . HOH F 4 .  ? -2.767  -12.343 13.833  1.00 26.05 ? 1078 HOH A O   1 
HETATM 1414 O  O   . HOH F 4 .  ? -12.862 -2.813  6.249   1.00 24.04 ? 1080 HOH A O   1 
HETATM 1415 O  O   . HOH F 4 .  ? -0.238  8.759   17.144  1.00 27.05 ? 1081 HOH A O   1 
HETATM 1416 O  O   . HOH F 4 .  ? -6.819  -1.946  1.419   1.00 28.27 ? 1082 HOH A O   1 
HETATM 1417 O  O   . HOH F 4 .  ? -12.452 -5.105  7.530   1.00 28.46 ? 1086 HOH A O   1 
HETATM 1418 O  O   . HOH F 4 .  ? 11.153  0.913   9.899   1.00 32.05 ? 1087 HOH A O   1 
HETATM 1419 O  O   . HOH F 4 .  ? 3.471   15.308  9.700   1.00 43.79 ? 1091 HOH A O   1 
HETATM 1420 O  O   . HOH F 4 .  ? -3.702  5.232   24.173  1.00 39.82 ? 1094 HOH A O   1 
HETATM 1421 O  O   . HOH F 4 .  ? 2.320   7.555   -2.482  1.00 33.70 ? 1096 HOH A O   1 
HETATM 1422 O  O   . HOH F 4 .  ? -8.317  0.868   26.228  1.00 33.80 ? 1097 HOH A O   1 
HETATM 1423 O  O   . HOH F 4 .  ? 4.876   -3.156  27.070  1.00 25.46 ? 1098 HOH A O   1 
HETATM 1424 O  O   . HOH F 4 .  ? -0.110  12.366  10.421  1.00 19.20 ? 1102 HOH A O   1 
HETATM 1425 O  O   . HOH F 4 .  ? 4.801   -5.993  22.844  1.00 25.10 ? 1103 HOH A O   1 
HETATM 1426 O  O   . HOH F 4 .  ? -0.023  12.385  13.309  1.00 22.99 ? 1104 HOH A O   1 
HETATM 1427 O  O   . HOH F 4 .  ? 6.693   6.567   -6.945  1.00 21.27 ? 1105 HOH A O   1 
HETATM 1428 O  O   . HOH F 4 .  ? 6.328   -6.336  13.886  1.00 21.15 ? 1106 HOH A O   1 
HETATM 1429 O  O   . HOH F 4 .  ? 11.331  5.740   -3.464  1.00 28.69 ? 1108 HOH A O   1 
HETATM 1430 O  O   . HOH F 4 .  ? 11.340  -1.696  9.994   1.00 30.25 ? 1111 HOH A O   1 
HETATM 1431 O  O   . HOH F 4 .  ? -1.230  2.700   24.808  1.00 36.27 ? 1112 HOH A O   1 
HETATM 1432 O  O   . HOH F 4 .  ? 1.113   14.181  8.938   1.00 26.40 ? 1114 HOH A O   1 
HETATM 1433 O  O   . HOH F 4 .  ? 6.837   12.406  6.427   1.00 29.26 ? 1115 HOH A O   1 
HETATM 1434 O  O   . HOH F 4 .  ? 10.979  4.313   8.361   1.00 28.44 ? 1116 HOH A O   1 
HETATM 1435 O  O   . HOH F 4 .  ? -3.424  -14.753 15.278  1.00 33.90 ? 1118 HOH A O   1 
HETATM 1436 O  O   . HOH F 4 .  ? 2.735   9.901   11.467  1.00 27.54 ? 1119 HOH A O   1 
HETATM 1437 O  O   . HOH F 4 .  ? 12.181  3.163   -3.092  1.00 45.89 ? 1120 HOH A O   1 
HETATM 1438 O  O   . HOH F 4 .  ? 10.448  -5.259  11.084  1.00 32.18 ? 1123 HOH A O   1 
HETATM 1439 O  O   . HOH F 4 .  ? -3.081  -0.321  29.155  1.00 32.36 ? 1126 HOH A O   1 
HETATM 1440 O  O   . HOH F 4 .  ? -5.183  -7.980  7.476   1.00 29.68 ? 1130 HOH A O   1 
HETATM 1441 O  O   . HOH F 4 .  ? 9.571   -8.763  8.579   1.00 32.89 ? 1131 HOH A O   1 
HETATM 1442 O  O   . HOH F 4 .  ? -15.513 -2.616  7.192   1.00 39.32 ? 1137 HOH A O   1 
HETATM 1443 O  O   . HOH F 4 .  ? 5.079   8.435   12.507  1.00 32.96 ? 1139 HOH A O   1 
HETATM 1444 O  O   . HOH F 4 .  ? -7.056  -9.597  8.263   1.00 44.90 ? 1142 HOH A O   1 
HETATM 1445 O  O   . HOH F 4 .  ? -0.572  12.690  -0.540  1.00 32.24 ? 1143 HOH A O   1 
HETATM 1446 O  O   . HOH F 4 .  ? 5.617   16.259  4.017   1.00 35.56 ? 1146 HOH A O   1 
HETATM 1447 O  O   . HOH F 4 .  ? -13.394 2.819   24.607  1.00 33.80 ? 1150 HOH A O   1 
HETATM 1448 O  O   . HOH F 4 .  ? 7.533   7.071   11.364  1.00 40.46 ? 1152 HOH A O   1 
HETATM 1449 O  O   . HOH F 4 .  ? -7.184  -1.294  26.946  1.00 28.85 ? 1153 HOH A O   1 
HETATM 1450 O  O   . HOH F 4 .  ? -12.975 -3.055  3.428   1.00 36.79 ? 1159 HOH A O   1 
HETATM 1451 O  O   . HOH F 4 .  ? -10.109 0.772   -1.306  1.00 27.77 ? 1160 HOH A O   1 
HETATM 1452 O  O   . HOH F 4 .  ? -18.272 -0.727  12.390  1.00 35.05 ? 1161 HOH A O   1 
HETATM 1453 O  O   . HOH F 4 .  ? 1.150   10.249  14.016  1.00 15.87 ? 1162 HOH A O   1 
HETATM 1454 O  O   . HOH F 4 .  ? -14.980 4.311   4.302   1.00 35.74 ? 1163 HOH A O   1 
HETATM 1455 O  O   . HOH F 4 .  ? 0.977   -17.390 19.159  1.00 31.21 ? 1165 HOH A O   1 
HETATM 1456 O  O   . HOH F 4 .  ? -13.477 5.450   2.626   1.00 42.37 ? 1167 HOH A O   1 
HETATM 1457 O  O   . HOH F 4 .  ? -21.800 4.799   18.490  1.00 31.68 ? 1168 HOH A O   1 
HETATM 1458 O  O   . HOH F 4 .  ? -1.302  -15.542 16.766  1.00 30.46 ? 1169 HOH A O   1 
HETATM 1459 O  O   . HOH F 4 .  ? 0.589   -4.653  30.569  1.00 34.72 ? 1170 HOH A O   1 
HETATM 1460 O  O   . HOH F 4 .  ? 2.958   11.844  -0.998  1.00 36.75 ? 1173 HOH A O   1 
HETATM 1461 O  O   . HOH F 4 .  ? 10.723  -1.029  23.418  1.00 39.16 ? 1177 HOH A O   1 
HETATM 1462 O  O   . HOH F 4 .  ? 12.464  -4.483  -3.509  1.00 36.79 ? 1179 HOH A O   1 
HETATM 1463 O  O   . HOH F 4 .  ? 1.257   -16.436 16.564  1.00 24.19 ? 1180 HOH A O   1 
HETATM 1464 O  O   . HOH F 4 .  ? 11.675  7.851   -1.816  1.00 38.27 ? 1184 HOH A O   1 
HETATM 1465 O  O   . HOH F 4 .  ? 13.545  8.084   -3.886  1.00 45.13 ? 1187 HOH A O   1 
HETATM 1466 O  O   . HOH F 4 .  ? 7.061   -4.782  22.783  1.00 28.24 ? 1195 HOH A O   1 
HETATM 1467 O  O   . HOH F 4 .  ? -4.812  -7.541  28.699  1.00 34.88 ? 1197 HOH A O   1 
HETATM 1468 O  O   . HOH F 4 .  ? 10.462  -2.340  21.176  1.00 38.26 ? 1198 HOH A O   1 
HETATM 1469 O  O   . HOH F 4 .  ? 12.908  -1.602  13.375  1.00 43.44 ? 1201 HOH A O   1 
HETATM 1470 O  O   . HOH F 4 .  ? 12.205  0.526   20.324  1.00 43.76 ? 1202 HOH A O   1 
HETATM 1471 O  O   . HOH F 4 .  ? -16.076 3.202   21.215  1.00 34.79 ? 1203 HOH A O   1 
HETATM 1472 O  O   . HOH F 4 .  ? -10.881 3.294   26.689  1.00 43.72 ? 1208 HOH A O   1 
HETATM 1473 O  O   . HOH F 4 .  ? 14.277  -3.237  8.171   1.00 41.49 ? 1209 HOH A O   1 
HETATM 1474 O  O   . HOH F 4 .  ? 10.955  2.370   21.902  1.00 42.48 ? 1211 HOH A O   1 
HETATM 1475 O  O   . HOH F 4 .  ? 8.235   9.610   -3.981  1.00 45.93 ? 1212 HOH A O   1 
HETATM 1476 O  O   . HOH F 4 .  ? -0.130  7.283   21.838  1.00 28.52 ? 1213 HOH A O   1 
HETATM 1477 O  O   . HOH F 4 .  ? -6.532  11.632  -2.020  1.00 46.50 ? 1217 HOH A O   1 
HETATM 1478 O  O   . HOH F 4 .  ? -16.938 -2.777  14.086  1.00 29.71 ? 1218 HOH A O   1 
HETATM 1479 O  O   . HOH F 4 .  ? -3.289  -13.191 11.170  1.00 33.92 ? 1220 HOH A O   1 
HETATM 1480 O  O   . HOH F 4 .  ? 5.605   3.760   24.603  1.00 38.40 ? 1221 HOH A O   1 
HETATM 1481 O  O   . HOH F 4 .  ? 2.998   13.972  0.750   1.00 36.90 ? 1223 HOH A O   1 
HETATM 1482 O  O   . HOH F 4 .  ? -9.501  -3.215  27.048  1.00 37.29 ? 1224 HOH A O   1 
HETATM 1483 O  O   . HOH F 4 .  ? -7.518  7.290   22.932  1.00 41.00 ? 1226 HOH A O   1 
HETATM 1484 O  O   . HOH F 4 .  ? 13.274  0.771   16.020  1.00 44.01 ? 1227 HOH A O   1 
HETATM 1485 O  O   . HOH G 4 .  ? -8.689  2.629   -15.542 1.00 11.31 ? 1001 HOH B O   1 
HETATM 1486 O  O   . HOH G 4 .  ? -1.523  -3.698  -19.931 1.00 11.16 ? 1004 HOH B O   1 
HETATM 1487 O  O   . HOH G 4 .  ? -10.094 0.157   -13.253 1.00 14.00 ? 1005 HOH B O   1 
HETATM 1488 O  O   . HOH G 4 .  ? -7.662  -0.088  -19.868 1.00 16.70 ? 1006 HOH B O   1 
HETATM 1489 O  O   . HOH G 4 .  ? -7.177  -5.509  -15.218 1.00 14.06 ? 1007 HOH B O   1 
HETATM 1490 O  O   . HOH G 4 .  ? 8.787   4.600   -3.178  1.00 15.51 ? 1009 HOH B O   1 
HETATM 1491 O  O   . HOH G 4 .  ? -9.397  5.558   -16.038 1.00 13.27 ? 1010 HOH B O   1 
HETATM 1492 O  O   . HOH G 4 .  ? -0.384  -9.928  -13.600 1.00 17.03 ? 1013 HOH B O   1 
HETATM 1493 O  O   . HOH G 4 .  ? 8.592   -4.828  -9.092  1.00 17.01 ? 1018 HOH B O   1 
HETATM 1494 O  O   . HOH G 4 .  ? -1.667  -6.781  -18.859 1.00 17.34 ? 1020 HOH B O   1 
HETATM 1495 O  O   . HOH G 4 .  ? 9.570   -2.318  -20.097 1.00 22.78 ? 1021 HOH B O   1 
HETATM 1496 O  O   . HOH G 4 .  ? -8.313  10.818  -11.442 1.00 22.41 ? 1026 HOH B O   1 
HETATM 1497 O  O   . HOH G 4 .  ? 16.031  1.018   -20.325 1.00 18.98 ? 1027 HOH B O   1 
HETATM 1498 O  O   . HOH G 4 .  ? -3.300  1.225   -21.656 1.00 20.26 ? 1029 HOH B O   1 
HETATM 1499 O  O   . HOH G 4 .  ? -7.493  -4.941  -10.614 1.00 16.83 ? 1031 HOH B O   1 
HETATM 1500 O  O   . HOH G 4 .  ? -1.039  0.306   -25.901 1.00 24.68 ? 1034 HOH B O   1 
HETATM 1501 O  O   . HOH G 4 .  ? -2.279  -9.701  3.214   1.00 27.53 ? 1041 HOH B O   1 
HETATM 1502 O  O   . HOH G 4 .  ? -3.898  7.448   -1.944  1.00 27.83 ? 1043 HOH B O   1 
HETATM 1503 O  O   . HOH G 4 .  ? -3.320  4.485   -2.191  1.00 18.30 ? 1044 HOH B O   1 
HETATM 1504 O  O   . HOH G 4 .  ? -0.168  -3.703  -24.598 1.00 25.61 ? 1045 HOH B O   1 
HETATM 1505 O  O   . HOH G 4 .  ? 2.872   -10.236 -0.929  1.00 27.00 ? 1046 HOH B O   1 
HETATM 1506 O  O   . HOH G 4 .  ? -4.765  -9.511  -13.861 1.00 26.35 ? 1047 HOH B O   1 
HETATM 1507 O  O   . HOH G 4 .  ? -5.542  -4.983  -18.214 1.00 23.61 ? 1050 HOH B O   1 
HETATM 1508 O  O   . HOH G 4 .  ? 4.059   1.111   -29.000 1.00 30.42 ? 1051 HOH B O   1 
HETATM 1509 O  O   . HOH G 4 .  ? -2.952  10.931  -2.750  1.00 21.92 ? 1054 HOH B O   1 
HETATM 1510 O  O   . HOH G 4 .  ? -7.747  -11.707 -7.888  1.00 26.62 ? 1056 HOH B O   1 
HETATM 1511 O  O   . HOH G 4 .  ? 1.182   -1.198  -25.630 1.00 30.62 ? 1057 HOH B O   1 
HETATM 1512 O  O   . HOH G 4 .  ? -6.123  -7.599  1.374   1.00 29.95 ? 1058 HOH B O   1 
HETATM 1513 O  O   . HOH G 4 .  ? 4.085   6.108   -6.540  1.00 18.14 ? 1059 HOH B O   1 
HETATM 1514 O  O   . HOH G 4 .  ? -12.114 -8.946  -3.010  1.00 28.72 ? 1060 HOH B O   1 
HETATM 1515 O  O   . HOH G 4 .  ? 1.709   12.275  -8.135  1.00 26.61 ? 1061 HOH B O   1 
HETATM 1516 O  O   . HOH G 4 .  ? -1.242  11.866  -7.185  1.00 20.95 ? 1063 HOH B O   1 
HETATM 1517 O  O   . HOH G 4 .  ? -0.331  6.473   -2.156  1.00 25.76 ? 1066 HOH B O   1 
HETATM 1518 O  O   . HOH G 4 .  ? 13.370  5.649   -9.889  1.00 34.66 ? 1070 HOH B O   1 
HETATM 1519 O  O   . HOH G 4 .  ? 14.866  -2.249  -10.980 1.00 33.76 ? 1071 HOH B O   1 
HETATM 1520 O  O   . HOH G 4 .  ? 9.453   -8.236  -15.447 1.00 28.46 ? 1073 HOH B O   1 
HETATM 1521 O  O   . HOH G 4 .  ? 0.144   6.142   -24.622 1.00 29.55 ? 1074 HOH B O   1 
HETATM 1522 O  O   . HOH G 4 .  ? -8.589  7.300   -13.685 1.00 24.44 ? 1076 HOH B O   1 
HETATM 1523 O  O   . HOH G 4 .  ? -5.687  2.976   -24.391 1.00 21.58 ? 1079 HOH B O   1 
HETATM 1524 O  O   . HOH G 4 .  ? -5.745  7.631   -24.353 1.00 30.47 ? 1083 HOH B O   1 
HETATM 1525 O  O   . HOH G 4 .  ? 10.095  -3.883  -4.705  1.00 30.71 ? 1084 HOH B O   1 
HETATM 1526 O  O   . HOH G 4 .  ? -13.142 2.986   -5.588  1.00 26.88 ? 1085 HOH B O   1 
HETATM 1527 O  O   . HOH G 4 .  ? -4.726  -14.448 -8.990  1.00 39.67 ? 1088 HOH B O   1 
HETATM 1528 O  O   . HOH G 4 .  ? 9.650   -7.630  -10.584 1.00 29.48 ? 1089 HOH B O   1 
HETATM 1529 O  O   . HOH G 4 .  ? 9.450   10.616  -13.841 1.00 35.26 ? 1090 HOH B O   1 
HETATM 1530 O  O   . HOH G 4 .  ? -0.917  12.367  -21.085 1.00 27.73 ? 1092 HOH B O   1 
HETATM 1531 O  O   . HOH G 4 .  ? 7.642   8.866   -7.625  1.00 29.19 ? 1093 HOH B O   1 
HETATM 1532 O  O   . HOH G 4 .  ? 0.942   12.882  -15.397 1.00 37.64 ? 1095 HOH B O   1 
HETATM 1533 O  O   . HOH G 4 .  ? -7.407  -4.715  1.772   1.00 38.96 ? 1099 HOH B O   1 
HETATM 1534 O  O   . HOH G 4 .  ? -7.559  -2.140  -1.197  1.00 20.98 ? 1100 HOH B O   1 
HETATM 1535 O  O   . HOH G 4 .  ? -5.281  0.435   -24.840 1.00 20.37 ? 1101 HOH B O   1 
HETATM 1536 O  O   . HOH G 4 .  ? -5.199  3.263   -0.726  1.00 28.07 ? 1107 HOH B O   1 
HETATM 1537 O  O   . HOH G 4 .  ? -9.678  9.805   -13.306 1.00 29.36 ? 1109 HOH B O   1 
HETATM 1538 O  O   . HOH G 4 .  ? -1.294  12.497  -4.338  1.00 25.60 ? 1110 HOH B O   1 
HETATM 1539 O  O   . HOH G 4 .  ? -6.616  -8.218  -15.574 1.00 29.95 ? 1113 HOH B O   1 
HETATM 1540 O  O   . HOH G 4 .  ? 9.946   -5.725  -6.647  1.00 32.06 ? 1117 HOH B O   1 
HETATM 1541 O  O   . HOH G 4 .  ? 14.957  -4.030  -17.254 1.00 37.05 ? 1121 HOH B O   1 
HETATM 1542 O  O   . HOH G 4 .  ? -6.040  -4.359  3.898   1.00 34.28 ? 1122 HOH B O   1 
HETATM 1543 O  O   . HOH G 4 .  ? -8.528  6.941   -18.504 1.00 37.70 ? 1124 HOH B O   1 
HETATM 1544 O  O   . HOH G 4 .  ? 6.382   -6.002  8.971   1.00 38.86 ? 1125 HOH B O   1 
HETATM 1545 O  O   . HOH G 4 .  ? -9.620  3.105   -2.778  1.00 39.57 ? 1127 HOH B O   1 
HETATM 1546 O  O   . HOH G 4 .  ? 6.995   -3.726  -28.501 1.00 35.63 ? 1128 HOH B O   1 
HETATM 1547 O  O   . HOH G 4 .  ? -12.471 5.828   -7.055  1.00 35.16 ? 1129 HOH B O   1 
HETATM 1548 O  O   . HOH G 4 .  ? 1.487   11.709  -3.956  1.00 34.88 ? 1132 HOH B O   1 
HETATM 1549 O  O   . HOH G 4 .  ? 18.588  0.792   -20.151 1.00 25.55 ? 1133 HOH B O   1 
HETATM 1550 O  O   . HOH G 4 .  ? 9.777   8.424   -15.160 1.00 39.43 ? 1134 HOH B O   1 
HETATM 1551 O  O   . HOH G 4 .  ? 8.679   -2.948  -2.741  1.00 48.82 ? 1135 HOH B O   1 
HETATM 1552 O  O   . HOH G 4 .  ? -8.810  -9.556  -17.592 1.00 27.55 ? 1136 HOH B O   1 
HETATM 1553 O  O   . HOH G 4 .  ? -3.816  6.359   -25.619 1.00 35.51 ? 1138 HOH B O   1 
HETATM 1554 O  O   . HOH G 4 .  ? 5.739   15.861  -15.164 1.00 42.47 ? 1140 HOH B O   1 
HETATM 1555 O  O   . HOH G 4 .  ? 11.506  7.288   -12.132 1.00 34.00 ? 1141 HOH B O   1 
HETATM 1556 O  O   . HOH G 4 .  ? -5.983  -12.391 -10.227 1.00 30.30 ? 1144 HOH B O   1 
HETATM 1557 O  O   . HOH G 4 .  ? 19.926  -2.390  -19.950 1.00 42.61 ? 1145 HOH B O   1 
HETATM 1558 O  O   . HOH G 4 .  ? 0.705   15.468  -15.658 1.00 35.52 ? 1147 HOH B O   1 
HETATM 1559 O  O   . HOH G 4 .  ? -6.109  8.543   -1.008  1.00 37.14 ? 1148 HOH B O   1 
HETATM 1560 O  O   . HOH G 4 .  ? 2.093   -0.859  -28.215 1.00 31.97 ? 1149 HOH B O   1 
HETATM 1561 O  O   . HOH G 4 .  ? -1.995  -11.227 -11.340 1.00 26.99 ? 1151 HOH B O   1 
HETATM 1562 O  O   . HOH G 4 .  ? -1.503  2.964   -26.687 1.00 34.16 ? 1154 HOH B O   1 
HETATM 1563 O  O   . HOH G 4 .  ? 7.535   -6.800  6.764   1.00 27.85 ? 1155 HOH B O   1 
HETATM 1564 O  O   . HOH G 4 .  ? 17.053  -3.362  -20.279 1.00 33.97 ? 1156 HOH B O   1 
HETATM 1565 O  O   . HOH G 4 .  ? 10.775  -4.581  -10.598 1.00 36.55 ? 1157 HOH B O   1 
HETATM 1566 O  O   . HOH G 4 .  ? 2.339   16.935  -12.788 1.00 39.04 ? 1158 HOH B O   1 
HETATM 1567 O  O   . HOH G 4 .  ? -8.641  11.464  -7.035  1.00 31.13 ? 1164 HOH B O   1 
HETATM 1568 O  O   . HOH G 4 .  ? 12.237  8.924   -15.648 1.00 30.20 ? 1166 HOH B O   1 
HETATM 1569 O  O   . HOH G 4 .  ? 15.529  -1.200  -23.423 1.00 40.97 ? 1171 HOH B O   1 
HETATM 1570 O  O   . HOH G 4 .  ? -4.531  -10.483 -11.424 1.00 39.00 ? 1172 HOH B O   1 
HETATM 1571 O  O   . HOH G 4 .  ? -8.772  7.493   -1.783  1.00 36.04 ? 1174 HOH B O   1 
HETATM 1572 O  O   . HOH G 4 .  ? 15.392  -0.696  -26.218 1.00 49.68 ? 1175 HOH B O   1 
HETATM 1573 O  O   . HOH G 4 .  ? -8.619  9.807   -3.055  1.00 42.60 ? 1176 HOH B O   1 
HETATM 1574 O  O   . HOH G 4 .  ? 16.049  -1.369  -13.351 1.00 24.48 ? 1178 HOH B O   1 
HETATM 1575 O  O   . HOH G 4 .  ? -0.288  -14.110 -3.802  1.00 45.05 ? 1181 HOH B O   1 
HETATM 1576 O  O   . HOH G 4 .  ? 13.763  9.013   -13.464 1.00 34.10 ? 1182 HOH B O   1 
HETATM 1577 O  O   . HOH G 4 .  ? -9.972  -3.075  -0.408  1.00 29.41 ? 1183 HOH B O   1 
HETATM 1578 O  O   . HOH G 4 .  ? -10.225 -12.427 -7.908  1.00 37.55 ? 1185 HOH B O   1 
HETATM 1579 O  O   . HOH G 4 .  ? 10.387  -4.405  -21.816 1.00 39.30 ? 1186 HOH B O   1 
HETATM 1580 O  O   . HOH G 4 .  ? -7.740  4.397   -0.967  1.00 40.92 ? 1188 HOH B O   1 
HETATM 1581 O  O   . HOH G 4 .  ? -12.307 3.707   -3.225  1.00 33.18 ? 1189 HOH B O   1 
HETATM 1582 O  O   . HOH G 4 .  ? 0.982   6.132   -27.045 1.00 39.93 ? 1190 HOH B O   1 
HETATM 1583 O  O   . HOH G 4 .  ? -7.240  -3.192  -19.125 1.00 19.00 ? 1191 HOH B O   1 
HETATM 1584 O  O   . HOH G 4 .  ? -2.642  -0.149  -23.842 1.00 22.24 ? 1192 HOH B O   1 
HETATM 1585 O  O   . HOH G 4 .  ? -4.121  2.922   -28.016 1.00 32.63 ? 1193 HOH B O   1 
HETATM 1586 O  O   . HOH G 4 .  ? -3.758  -6.672  -20.442 1.00 37.91 ? 1194 HOH B O   1 
HETATM 1587 O  O   . HOH G 4 .  ? 3.445   5.303   -27.217 1.00 32.71 ? 1196 HOH B O   1 
HETATM 1588 O  O   . HOH G 4 .  ? 4.698   15.222  -21.218 1.00 38.18 ? 1199 HOH B O   1 
HETATM 1589 O  O   . HOH G 4 .  ? 14.767  -3.660  -23.862 1.00 39.79 ? 1200 HOH B O   1 
HETATM 1590 O  O   . HOH G 4 .  ? 3.220   -11.349 -16.221 1.00 47.16 ? 1204 HOH B O   1 
HETATM 1591 O  O   . HOH G 4 .  ? 12.797  4.715   -12.244 1.00 37.76 ? 1205 HOH B O   1 
HETATM 1592 O  O   . HOH G 4 .  ? 12.605  -4.836  -23.121 1.00 38.84 ? 1206 HOH B O   1 
HETATM 1593 O  O   . HOH G 4 .  ? 10.200  -0.700  -28.604 1.00 34.78 ? 1207 HOH B O   1 
HETATM 1594 O  O   . HOH G 4 .  ? 15.225  5.394   -12.823 1.00 26.61 ? 1210 HOH B O   1 
HETATM 1595 O  O   . HOH G 4 .  ? 14.282  -2.889  -27.676 1.00 37.15 ? 1214 HOH B O   1 
HETATM 1596 O  O   . HOH G 4 .  ? -10.343 11.733  -9.818  1.00 33.21 ? 1215 HOH B O   1 
HETATM 1597 O  O   . HOH G 4 .  ? -4.922  -9.188  -17.730 1.00 47.25 ? 1216 HOH B O   1 
HETATM 1598 O  O   . HOH G 4 .  ? -4.414  -8.938  5.221   1.00 40.66 ? 1219 HOH B O   1 
HETATM 1599 O  O   . HOH G 4 .  ? -8.226  -14.450 1.581   1.00 42.88 ? 1222 HOH B O   1 
HETATM 1600 O  O   . HOH G 4 .  ? -14.893 0.641   -0.815  1.00 43.77 ? 1225 HOH B O   1 
# 
